data_5FKW
#
_entry.id   5FKW
#
_cell.length_a   1.000
_cell.length_b   1.000
_cell.length_c   1.000
_cell.angle_alpha   90.00
_cell.angle_beta   90.00
_cell.angle_gamma   90.00
#
_symmetry.space_group_name_H-M   'P 1'
#
loop_
_entity.id
_entity.type
_entity.pdbx_description
1 polymer 'DNA POLYMERASE III ALPHA'
2 polymer 'DNA POLYMERASE III BETA'
3 polymer 'DNA POLYMERASE III EPSILON'
4 polymer 'PRIMER-TEMPLATE DUPLEX DNA'
5 polymer 'PRIMER-TEMPLATE DUPLEX DNA'
#
loop_
_entity_poly.entity_id
_entity_poly.type
_entity_poly.pdbx_seq_one_letter_code
_entity_poly.pdbx_strand_id
1 'polypeptide(L)'
;MSEPRFVHLRVHSDYSMIDGLAKTAPLVKKAAALGMPALAITDFTNLCGLVKFYGAGHGAGIKPIVGADFNVQCDLLGDE
LTHLTVLAANNTGYQNLTLLISKAYQRGYGAAGPIIDRDWLIELNEGLILLSGGRMGDVGRSLLRGNSALVDECVAFYEE
HFPDRYFLELIRTGRPDEESYLHAAVELAEARGLPVVATNDVRFIDSSDFDAHEIRVAIHDGFTLDDPKRPRNYSPQQYM
RSEEEMCELFADIPEALANTVEIAKRCNVTVRLGEYFLPQFPTGDMSTEDYLVKRAKEGLEERLAFLFPDEEERLKRRPE
YDERLETELQVINQMGFPGYFLIVMEFIQWSKDNGVPVGPGRGSGAGSLVAYALKITDLDPLEFDLLFERFLNPERVSMP
DFDVDFCMEKRDQVIEHVADMYGRDAVSQIITFGTMAAKAVIRDVGRVLGHPYGFVDRISKLIPPDPGMTLAKAFEAEPQ
LPEIYEADEEVKALIDMARKLEGVTRNAGKHAGGVVIAPTKITDFAPLYCDEEGKHPVTQFDKSDVEYAGLVKFDFLGLR
TLTIINWALEMINKRRAKNGEPPLDIAAIPLDDKKSFDMLQRSETTAVFQLESRGMKDLIKRLQPDCFEDMIALVALFRP
GPLQSGMVDNFIDRKHGREEISYPDVQWQHESLKPVLEPTYGIILYQEQVMQIAQVLSGYTLGGADMLRRAMGKKKPEEM
AKQRSVFAEGAEKNGINAELAMKIFDLVEKFAGYGFNKSHSAAYALVSYQTLWLKAHYPAEFMAAVMTADMDNTEKVVGL
VDECWRMGLKILPPDINSGLYHFHVNDDGEIVYGIGAIKGVGEGPIEAIIEARNKGGYFRELFDLCARTDTKKLNRRVLE
KLIMSGAFDRLGPHRAALMNSLGDALKAADQHAKAEAIGQLDLFGVLAEEPEQIEQSYASCQPWPEQVVLDGERETLGLY
LTGHPINQYLKEIERYVGGVRLKDMHPTERGKVITAAGLVVAARVMVTKRGNRIGICTLDDRSGRLEVMLFTDALDKYQQ
LLEKDRILIVSGQVSFDDFSGGLKMTAREVMDIDEAREKYARGLAISLTDRQIDDQLLNRLRQSLEPHRSGTIPVHLYYQ
RADARARLRFGATWRVSPSDRLLNDLRGLIGSEQVELEFD
;
A
2 'polypeptide(L)'
;MKFTVEREHLLKPLQQVSGPLGGRPTLPILGNLLLQVADGTLSLTGTDLEMEMVARVALVQPHEPGATTVPARKFFDICR
GLPEGAEIAVQLEGERMLVRSGRSRFSLSTLPAADFPNLDDWQSEVEFTLPQATMKRLIEATQFSMAHQDVRYYLNGMLF
ETEGEELRTVATDGHRLAVCSMPIGQSLPSHSVIVPRKGVIELMRMLDGGDNPLRVQIGSNNIRAHVGDFIFTSKLVDGR
FPDYRRVLPKNPDKHLEAGCDLLKQAFARAAILSNEKFRGVRLYVSENQLKITANNPEQEEAEEILDVTYSGAEMEIGFN
VSYVLDVLNALKCENVRMMLTDSVSSVQIEDAASQSAAYVVMPMRL
;
B,C
3 'polypeptide(L)'
;MSTAITRQIVLDTETTGMNQIGAHYEGHKIIEIGAVEVVNRRLTGNNFHVYLKPDRLVDPEAFGVHGIADEFLLDKPTFA
EVADEFMDYIRGAELVIHNAAFDIGFMDYEFSLLKRDIPKTNTFCKVTDSLAVARKMFPGKRNSLDALCARYEIDNSKRT
LHGALLDAQILAEVYLAMTGGQLSLPLAMEGETQQQQGEATIQRIVRQASKLRVVFATDEEIAAHEARLDLVQKKGGSCL
WRA
;
D
4 'polydeoxyribonucleotide'
;(DG)(DG)(DA)(DG)(DT)(DA)(DG)(DT)(DA)(DC)(DT)(DA)(DG)(DG)(DA)(DC)(DG)(DA)(DA)(DG)
(DG)(DA)(DC)(DT)(DC)
;
P
5 'polydeoxyribonucleotide'
;(DT)(DC)(DA)(DG)(DG)(DA)(DG)(DT)(DC)(DC)(DT)(DT)(DC)(DG)(DT)(DC)(DC)(DT)(DA)(DG)
(DT)(DA)(DC)(DT)(DA)(DC)(DT)(DC)(DC)
;
T
#
loop_
_chem_comp.id
_chem_comp.type
_chem_comp.name
_chem_comp.formula
DA DNA linking 2'-DEOXYADENOSINE-5'-MONOPHOSPHATE 'C10 H14 N5 O6 P'
DC DNA linking 2'-DEOXYCYTIDINE-5'-MONOPHOSPHATE 'C9 H14 N3 O7 P'
DG DNA linking 2'-DEOXYGUANOSINE-5'-MONOPHOSPHATE 'C10 H14 N5 O7 P'
DT DNA linking THYMIDINE-5'-MONOPHOSPHATE 'C10 H15 N2 O8 P'
#
# COMPACT_ATOMS: atom_id res chain seq x y z
N MET A 1 0.52 -52.45 15.79
CA MET A 1 -0.18 -53.75 15.93
C MET A 1 -0.75 -54.28 14.59
N SER A 2 -1.94 -53.83 14.16
CA SER A 2 -2.68 -54.48 13.02
C SER A 2 -1.88 -54.53 11.70
N GLU A 3 -1.72 -53.47 10.96
CA GLU A 3 -0.35 -53.10 10.62
C GLU A 3 0.28 -51.83 11.28
N PRO A 4 -0.54 -50.77 11.39
CA PRO A 4 -0.01 -49.40 11.49
C PRO A 4 0.60 -49.04 12.84
N ARG A 5 1.76 -48.42 12.81
CA ARG A 5 2.47 -47.96 14.01
C ARG A 5 2.45 -46.44 14.15
N PHE A 6 2.07 -45.73 13.09
CA PHE A 6 2.11 -44.25 13.05
C PHE A 6 1.21 -43.68 11.95
N VAL A 7 0.56 -42.55 12.23
CA VAL A 7 -0.10 -41.74 11.18
C VAL A 7 0.31 -40.27 11.36
N HIS A 8 0.37 -39.52 10.24
CA HIS A 8 0.72 -38.09 10.31
C HIS A 8 -0.48 -37.30 10.75
N LEU A 9 -0.26 -36.52 11.81
CA LEU A 9 -1.29 -35.71 12.41
C LEU A 9 -1.06 -34.21 12.23
N ARG A 10 -0.02 -33.83 11.48
CA ARG A 10 0.20 -32.42 11.13
C ARG A 10 0.60 -32.25 9.68
N VAL A 11 -0.38 -31.90 8.85
CA VAL A 11 -0.17 -31.78 7.41
C VAL A 11 -1.20 -30.76 6.86
N HIS A 12 -0.75 -29.82 6.01
CA HIS A 12 -1.62 -28.85 5.30
C HIS A 12 -1.56 -29.06 3.78
N SER A 13 -2.67 -28.82 3.07
CA SER A 13 -2.64 -28.67 1.60
C SER A 13 -2.32 -27.23 1.24
N ASP A 14 -2.14 -26.95 -0.04
CA ASP A 14 -1.98 -25.56 -0.47
C ASP A 14 -3.21 -24.68 -0.16
N TYR A 15 -4.36 -25.29 0.16
CA TYR A 15 -5.55 -24.52 0.49
C TYR A 15 -5.51 -23.83 1.85
N SER A 16 -4.49 -24.08 2.67
CA SER A 16 -4.24 -23.24 3.87
C SER A 16 -3.82 -21.83 3.49
N MET A 17 -3.27 -21.69 2.29
CA MET A 17 -2.91 -20.42 1.65
C MET A 17 -1.74 -19.66 2.30
N ILE A 18 -1.71 -19.60 3.63
CA ILE A 18 -0.52 -19.16 4.38
C ILE A 18 0.67 -20.12 4.21
N ASP A 19 0.35 -21.40 4.02
CA ASP A 19 1.34 -22.44 3.75
C ASP A 19 0.65 -23.66 3.06
N GLY A 20 1.24 -24.85 3.13
CA GLY A 20 0.86 -25.98 2.29
C GLY A 20 1.31 -25.85 0.83
N LEU A 21 1.49 -26.97 0.15
CA LEU A 21 2.03 -26.95 -1.22
C LEU A 21 1.27 -27.88 -2.16
N ALA A 22 1.18 -29.17 -1.81
CA ALA A 22 0.49 -30.12 -2.65
C ALA A 22 -1.03 -29.94 -2.55
N LYS A 23 -1.69 -30.21 -3.67
CA LYS A 23 -3.15 -30.22 -3.73
C LYS A 23 -3.70 -31.41 -2.96
N THR A 24 -5.01 -31.45 -2.80
CA THR A 24 -5.62 -32.31 -1.80
C THR A 24 -5.51 -33.79 -2.14
N ALA A 25 -5.93 -34.11 -3.36
CA ALA A 25 -5.91 -35.49 -3.84
C ALA A 25 -4.50 -36.09 -3.82
N PRO A 26 -3.51 -35.38 -4.44
CA PRO A 26 -2.12 -35.84 -4.40
C PRO A 26 -1.59 -36.10 -2.99
N LEU A 27 -1.99 -35.30 -2.01
CA LEU A 27 -1.55 -35.53 -0.62
C LEU A 27 -2.10 -36.86 -0.11
N VAL A 28 -3.35 -37.12 -0.41
CA VAL A 28 -4.02 -38.31 0.09
C VAL A 28 -3.44 -39.55 -0.59
N LYS A 29 -3.14 -39.45 -1.88
CA LYS A 29 -2.60 -40.59 -2.65
C LYS A 29 -1.18 -40.95 -2.23
N LYS A 30 -0.41 -39.98 -1.76
CA LYS A 30 0.91 -40.24 -1.22
C LYS A 30 0.83 -41.01 0.09
N ALA A 31 0.01 -40.52 1.02
CA ALA A 31 -0.25 -41.22 2.29
C ALA A 31 -0.58 -42.71 2.07
N ALA A 32 -1.44 -42.98 1.09
CA ALA A 32 -1.88 -44.32 0.75
C ALA A 32 -0.78 -45.14 0.07
N ALA A 33 -0.03 -44.49 -0.82
CA ALA A 33 1.15 -45.11 -1.46
C ALA A 33 2.21 -45.48 -0.42
N LEU A 34 2.23 -44.72 0.68
CA LEU A 34 3.06 -45.06 1.83
C LEU A 34 2.47 -46.16 2.74
N GLY A 35 1.25 -46.60 2.42
CA GLY A 35 0.60 -47.67 3.17
C GLY A 35 0.27 -47.30 4.61
N MET A 36 -0.07 -46.04 4.84
CA MET A 36 -0.60 -45.60 6.14
C MET A 36 -2.13 -45.51 6.00
N PRO A 37 -2.87 -45.91 7.05
CA PRO A 37 -4.33 -46.03 6.96
C PRO A 37 -5.12 -44.75 7.27
N ALA A 38 -4.47 -43.76 7.88
CA ALA A 38 -5.09 -42.50 8.25
C ALA A 38 -4.09 -41.35 8.12
N LEU A 39 -4.61 -40.12 8.22
CA LEU A 39 -3.84 -38.91 7.92
C LEU A 39 -4.65 -37.67 8.29
N ALA A 40 -4.08 -36.79 9.12
CA ALA A 40 -4.75 -35.54 9.45
C ALA A 40 -4.41 -34.45 8.45
N ILE A 41 -5.44 -33.75 7.97
CA ILE A 41 -5.26 -32.52 7.22
C ILE A 41 -5.83 -31.40 8.06
N THR A 42 -4.98 -30.44 8.38
CA THR A 42 -5.29 -29.44 9.38
C THR A 42 -5.06 -28.08 8.81
N ASP A 43 -5.74 -27.76 7.72
CA ASP A 43 -5.46 -26.51 7.04
C ASP A 43 -5.80 -25.32 7.93
N PHE A 44 -5.24 -24.17 7.59
CA PHE A 44 -5.36 -23.00 8.44
C PHE A 44 -6.72 -22.35 8.28
N THR A 45 -7.52 -22.48 9.34
CA THR A 45 -8.83 -21.83 9.47
C THR A 45 -9.78 -22.12 8.31
N ASN A 46 -9.63 -23.29 7.69
CA ASN A 46 -10.56 -23.77 6.68
C ASN A 46 -10.54 -25.28 6.49
N LEU A 47 -11.63 -25.78 5.92
CA LEU A 47 -11.79 -27.16 5.48
C LEU A 47 -12.21 -27.17 4.01
N CYS A 48 -11.58 -26.28 3.24
CA CYS A 48 -11.96 -26.04 1.83
C CYS A 48 -11.96 -27.29 0.93
N GLY A 49 -11.02 -28.20 1.17
CA GLY A 49 -10.91 -29.47 0.41
C GLY A 49 -11.40 -30.68 1.18
N LEU A 50 -12.40 -30.47 2.03
CA LEU A 50 -12.92 -31.52 2.88
C LEU A 50 -13.72 -32.54 2.11
N VAL A 51 -14.54 -32.05 1.16
CA VAL A 51 -15.28 -32.90 0.21
C VAL A 51 -14.31 -33.81 -0.54
N LYS A 52 -13.18 -33.24 -0.96
CA LYS A 52 -12.14 -33.98 -1.69
C LYS A 52 -11.42 -34.97 -0.77
N PHE A 53 -11.19 -34.56 0.48
CA PHE A 53 -10.56 -35.38 1.50
C PHE A 53 -11.36 -36.66 1.77
N TYR A 54 -12.65 -36.48 2.02
CA TYR A 54 -13.53 -37.58 2.33
C TYR A 54 -13.77 -38.51 1.18
N GLY A 55 -13.88 -37.95 -0.02
CA GLY A 55 -13.93 -38.73 -1.24
C GLY A 55 -12.66 -39.53 -1.50
N ALA A 56 -11.49 -38.99 -1.14
CA ALA A 56 -10.22 -39.72 -1.30
C ALA A 56 -10.00 -40.76 -0.21
N GLY A 57 -10.50 -40.49 1.00
CA GLY A 57 -10.49 -41.46 2.09
C GLY A 57 -11.26 -42.74 1.76
N HIS A 58 -12.53 -42.53 1.38
CA HIS A 58 -13.42 -43.58 0.88
C HIS A 58 -12.72 -44.38 -0.24
N GLY A 59 -12.14 -43.68 -1.21
CA GLY A 59 -11.63 -44.30 -2.43
C GLY A 59 -10.46 -45.21 -2.19
N ALA A 60 -9.63 -44.80 -1.22
CA ALA A 60 -8.37 -45.47 -0.95
C ALA A 60 -8.42 -46.40 0.25
N GLY A 61 -9.58 -46.52 0.90
CA GLY A 61 -9.69 -47.29 2.13
C GLY A 61 -9.05 -46.60 3.34
N ILE A 62 -8.90 -45.28 3.24
CA ILE A 62 -8.20 -44.45 4.23
C ILE A 62 -9.24 -43.75 5.13
N LYS A 63 -9.00 -43.76 6.44
CA LYS A 63 -9.88 -43.03 7.36
C LYS A 63 -9.44 -41.57 7.46
N PRO A 64 -10.32 -40.62 7.07
CA PRO A 64 -10.00 -39.20 7.29
C PRO A 64 -10.11 -38.79 8.78
N ILE A 65 -9.11 -38.06 9.29
CA ILE A 65 -9.13 -37.54 10.67
C ILE A 65 -9.15 -36.02 10.58
N VAL A 66 -10.12 -35.41 11.26
CA VAL A 66 -10.44 -34.00 11.07
C VAL A 66 -9.65 -33.09 12.03
N GLY A 67 -8.96 -32.07 11.51
CA GLY A 67 -8.30 -31.06 12.36
C GLY A 67 -8.01 -29.73 11.69
N ALA A 68 -7.37 -28.84 12.44
CA ALA A 68 -6.85 -27.58 11.92
C ALA A 68 -5.82 -27.04 12.88
N ASP A 69 -4.90 -26.22 12.36
CA ASP A 69 -3.93 -25.48 13.18
C ASP A 69 -4.25 -24.01 13.18
N PHE A 70 -3.77 -23.29 14.21
CA PHE A 70 -4.26 -21.95 14.51
C PHE A 70 -3.23 -20.89 14.86
N ASN A 71 -3.70 -19.64 14.83
CA ASN A 71 -3.05 -18.51 15.47
C ASN A 71 -3.93 -18.04 16.62
N VAL A 72 -3.38 -18.01 17.83
CA VAL A 72 -4.13 -17.80 19.06
C VAL A 72 -3.80 -16.45 19.69
N GLN A 73 -4.65 -15.95 20.59
CA GLN A 73 -4.32 -14.83 21.46
C GLN A 73 -4.69 -15.14 22.92
N CYS A 74 -3.71 -15.48 23.77
CA CYS A 74 -3.94 -15.56 25.22
C CYS A 74 -3.38 -14.34 25.96
N ASP A 75 -4.04 -14.03 27.08
CA ASP A 75 -3.66 -12.90 27.96
C ASP A 75 -2.26 -13.07 28.59
N LEU A 76 -1.84 -14.32 28.74
CA LEU A 76 -0.56 -14.67 29.36
C LEU A 76 0.67 -14.22 28.57
N LEU A 77 0.63 -14.35 27.25
CA LEU A 77 1.73 -13.92 26.38
C LEU A 77 1.51 -12.56 25.70
N GLY A 78 0.41 -11.88 26.05
CA GLY A 78 0.15 -10.52 25.61
C GLY A 78 -0.28 -10.45 24.16
N ASP A 79 0.50 -9.71 23.35
CA ASP A 79 0.21 -9.47 21.94
C ASP A 79 0.81 -10.52 21.00
N GLU A 80 1.77 -11.30 21.50
CA GLU A 80 2.42 -12.34 20.70
C GLU A 80 1.42 -13.44 20.31
N LEU A 81 1.33 -13.73 19.01
CA LEU A 81 0.44 -14.80 18.52
C LEU A 81 1.16 -16.15 18.51
N THR A 82 0.50 -17.16 19.05
CA THR A 82 1.06 -18.51 19.16
C THR A 82 0.13 -19.51 18.46
N HIS A 83 0.65 -20.71 18.20
CA HIS A 83 -0.05 -21.71 17.41
C HIS A 83 -0.82 -22.72 18.25
N LEU A 84 -1.93 -23.20 17.71
CA LEU A 84 -2.69 -24.28 18.33
C LEU A 84 -3.15 -25.26 17.27
N THR A 85 -3.11 -26.54 17.61
CA THR A 85 -3.74 -27.57 16.83
C THR A 85 -4.99 -28.04 17.53
N VAL A 86 -6.09 -28.07 16.79
CA VAL A 86 -7.36 -28.47 17.34
C VAL A 86 -7.87 -29.68 16.59
N LEU A 87 -8.10 -30.77 17.32
CA LEU A 87 -8.75 -31.96 16.76
C LEU A 87 -10.21 -32.01 17.19
N ALA A 88 -11.13 -32.27 16.27
CA ALA A 88 -12.51 -32.65 16.62
C ALA A 88 -12.57 -34.18 16.71
N ALA A 89 -12.92 -34.69 17.89
CA ALA A 89 -13.11 -36.14 18.09
C ALA A 89 -14.45 -36.68 17.57
N ASN A 90 -15.47 -35.83 17.51
CA ASN A 90 -16.84 -36.24 17.15
C ASN A 90 -17.62 -35.09 16.52
N ASN A 91 -18.94 -35.25 16.40
CA ASN A 91 -19.79 -34.22 15.80
C ASN A 91 -20.04 -33.00 16.67
N THR A 92 -20.00 -33.19 17.98
CA THR A 92 -19.92 -32.07 18.92
C THR A 92 -18.71 -31.18 18.64
N GLY A 93 -17.55 -31.78 18.47
CA GLY A 93 -16.34 -31.08 18.11
C GLY A 93 -16.42 -30.41 16.76
N TYR A 94 -16.97 -31.12 15.77
CA TYR A 94 -17.20 -30.57 14.42
C TYR A 94 -17.96 -29.23 14.43
N GLN A 95 -18.99 -29.18 15.25
CA GLN A 95 -19.82 -28.00 15.38
C GLN A 95 -19.10 -26.93 16.16
N ASN A 96 -18.35 -27.32 17.20
CA ASN A 96 -17.47 -26.39 17.90
C ASN A 96 -16.44 -25.80 16.97
N LEU A 97 -15.83 -26.61 16.13
CA LEU A 97 -14.85 -26.15 15.15
C LEU A 97 -15.46 -25.21 14.11
N THR A 98 -16.66 -25.55 13.62
CA THR A 98 -17.37 -24.70 12.70
C THR A 98 -17.66 -23.31 13.29
N LEU A 99 -18.02 -23.32 14.56
CA LEU A 99 -18.32 -22.09 15.30
C LEU A 99 -17.07 -21.28 15.61
N LEU A 100 -15.96 -21.97 15.84
CA LEU A 100 -14.68 -21.33 16.15
C LEU A 100 -14.14 -20.55 14.98
N ILE A 101 -14.21 -21.15 13.81
CA ILE A 101 -13.81 -20.52 12.57
C ILE A 101 -14.65 -19.29 12.29
N SER A 102 -15.96 -19.45 12.40
CA SER A 102 -16.90 -18.34 12.24
C SER A 102 -16.63 -17.17 13.21
N LYS A 103 -16.29 -17.54 14.44
CA LYS A 103 -16.02 -16.59 15.50
C LYS A 103 -14.76 -15.77 15.21
N ALA A 104 -13.75 -16.43 14.66
CA ALA A 104 -12.50 -15.75 14.29
C ALA A 104 -12.74 -14.68 13.23
N TYR A 105 -13.52 -15.04 12.20
CA TYR A 105 -13.83 -14.11 11.11
C TYR A 105 -14.76 -12.98 11.53
N GLN A 106 -15.72 -13.27 12.41
CA GLN A 106 -16.64 -12.27 12.95
C GLN A 106 -15.94 -11.20 13.79
N ARG A 107 -14.87 -11.60 14.48
CA ARG A 107 -14.10 -10.68 15.27
C ARG A 107 -13.35 -9.62 14.42
N GLY A 108 -13.01 -9.95 13.18
CA GLY A 108 -12.11 -9.12 12.38
C GLY A 108 -10.66 -9.51 12.67
N TYR A 109 -9.74 -8.96 11.90
CA TYR A 109 -8.33 -9.40 11.98
C TYR A 109 -7.45 -8.41 11.24
N GLY A 110 -6.13 -8.63 11.29
CA GLY A 110 -5.14 -7.81 10.58
C GLY A 110 -4.46 -8.57 9.46
N ALA A 111 -3.27 -8.13 9.07
CA ALA A 111 -2.52 -8.84 8.03
C ALA A 111 -2.18 -10.28 8.43
N ALA A 112 -2.08 -10.54 9.74
CA ALA A 112 -1.80 -11.89 10.26
C ALA A 112 -2.93 -12.90 10.05
N GLY A 113 -4.11 -12.42 9.69
CA GLY A 113 -5.26 -13.27 9.49
C GLY A 113 -6.03 -13.34 10.79
N PRO A 114 -7.15 -14.08 10.78
CA PRO A 114 -8.00 -14.21 11.96
C PRO A 114 -7.32 -14.92 13.13
N ILE A 115 -7.66 -14.46 14.32
CA ILE A 115 -7.03 -14.92 15.57
C ILE A 115 -8.12 -15.22 16.58
N ILE A 116 -7.84 -16.15 17.48
CA ILE A 116 -8.78 -16.52 18.52
C ILE A 116 -8.27 -16.06 19.88
N ASP A 117 -9.21 -15.81 20.79
CA ASP A 117 -8.91 -15.73 22.22
C ASP A 117 -8.84 -17.15 22.75
N ARG A 118 -7.83 -17.45 23.56
CA ARG A 118 -7.74 -18.75 24.22
C ARG A 118 -9.03 -19.12 24.96
N ASP A 119 -9.67 -18.15 25.62
CA ASP A 119 -10.88 -18.44 26.42
C ASP A 119 -12.15 -18.73 25.60
N TRP A 120 -12.08 -18.56 24.29
CA TRP A 120 -13.15 -19.06 23.41
C TRP A 120 -13.20 -20.59 23.43
N LEU A 121 -12.16 -21.23 23.91
CA LEU A 121 -12.18 -22.65 24.22
C LEU A 121 -13.06 -23.06 25.41
N ILE A 122 -13.60 -22.08 26.13
CA ILE A 122 -14.54 -22.37 27.20
C ILE A 122 -15.84 -22.84 26.57
N GLU A 123 -16.41 -22.00 25.71
CA GLU A 123 -17.67 -22.27 25.00
C GLU A 123 -17.48 -23.40 23.99
N LEU A 124 -16.39 -23.28 23.23
CA LEU A 124 -16.08 -24.13 22.09
C LEU A 124 -15.16 -25.25 22.55
N ASN A 125 -15.79 -26.25 23.15
CA ASN A 125 -15.13 -27.12 24.11
C ASN A 125 -15.37 -28.62 23.90
N GLU A 126 -16.63 -29.02 23.91
CA GLU A 126 -16.99 -30.43 24.06
C GLU A 126 -16.54 -31.32 22.89
N GLY A 127 -15.98 -32.49 23.22
CA GLY A 127 -15.53 -33.48 22.25
C GLY A 127 -14.28 -33.16 21.46
N LEU A 128 -13.49 -32.20 21.94
CA LEU A 128 -12.26 -31.74 21.28
C LEU A 128 -11.01 -32.18 22.07
N ILE A 129 -9.95 -32.57 21.37
CA ILE A 129 -8.66 -32.99 21.96
C ILE A 129 -7.56 -32.14 21.34
N LEU A 130 -6.59 -31.68 22.14
CA LEU A 130 -5.74 -30.54 21.78
C LEU A 130 -4.27 -30.86 21.70
N LEU A 131 -3.56 -30.29 20.72
CA LEU A 131 -2.09 -30.23 20.75
C LEU A 131 -1.62 -28.80 20.90
N SER A 132 -0.51 -28.63 21.60
CA SER A 132 -0.01 -27.34 22.01
C SER A 132 0.38 -26.33 20.93
N GLY A 133 0.65 -26.77 19.71
CA GLY A 133 1.13 -25.88 18.65
C GLY A 133 2.64 -25.98 18.42
N GLY A 134 3.28 -26.86 19.18
CA GLY A 134 4.69 -27.13 19.04
C GLY A 134 5.52 -26.06 19.71
N ARG A 135 6.70 -25.83 19.15
CA ARG A 135 7.58 -24.75 19.62
C ARG A 135 6.89 -23.38 19.54
N MET A 136 6.02 -23.22 18.54
CA MET A 136 5.33 -21.95 18.30
C MET A 136 3.99 -21.80 19.02
N GLY A 137 3.74 -22.67 20.00
CA GLY A 137 2.52 -22.62 20.78
C GLY A 137 2.65 -21.72 21.99
N ASP A 138 1.50 -21.49 22.64
CA ASP A 138 1.43 -20.91 23.99
C ASP A 138 2.53 -21.38 24.91
N VAL A 139 2.60 -22.70 25.00
CA VAL A 139 3.35 -23.39 26.02
C VAL A 139 4.81 -23.46 25.58
N GLY A 140 5.02 -23.76 24.30
CA GLY A 140 6.34 -23.72 23.67
C GLY A 140 7.08 -22.40 23.82
N ARG A 141 6.37 -21.29 23.59
CA ARG A 141 6.96 -19.94 23.72
C ARG A 141 7.32 -19.60 25.17
N SER A 142 6.40 -19.92 26.08
CA SER A 142 6.63 -19.78 27.52
C SER A 142 7.79 -20.66 27.98
N LEU A 143 7.85 -21.88 27.46
CA LEU A 143 8.96 -22.80 27.75
C LEU A 143 10.30 -22.26 27.27
N LEU A 144 10.31 -21.66 26.09
CA LEU A 144 11.55 -21.13 25.51
C LEU A 144 12.05 -19.88 26.24
N ARG A 145 11.12 -19.09 26.75
CA ARG A 145 11.46 -18.03 27.73
C ARG A 145 12.08 -18.62 29.00
N GLY A 146 11.66 -19.83 29.36
CA GLY A 146 12.14 -20.48 30.58
C GLY A 146 11.39 -19.94 31.77
N ASN A 147 10.14 -19.51 31.55
CA ASN A 147 9.29 -19.06 32.63
C ASN A 147 8.36 -20.20 33.05
N SER A 148 8.81 -20.93 34.06
CA SER A 148 8.14 -22.13 34.55
C SER A 148 6.77 -21.78 35.13
N ALA A 149 6.67 -20.62 35.78
CA ALA A 149 5.39 -20.14 36.33
C ALA A 149 4.37 -19.79 35.24
N LEU A 150 4.84 -19.18 34.16
CA LEU A 150 3.99 -18.84 33.03
C LEU A 150 3.49 -20.11 32.35
N VAL A 151 4.38 -21.09 32.21
CA VAL A 151 4.03 -22.40 31.64
C VAL A 151 2.91 -23.06 32.47
N ASP A 152 3.08 -23.08 33.78
CA ASP A 152 2.12 -23.69 34.68
C ASP A 152 0.74 -23.00 34.65
N GLU A 153 0.73 -21.67 34.56
CA GLU A 153 -0.53 -20.91 34.37
C GLU A 153 -1.25 -21.31 33.09
N CYS A 154 -0.48 -21.45 32.02
CA CYS A 154 -1.03 -21.78 30.71
C CYS A 154 -1.66 -23.16 30.64
N VAL A 155 -0.91 -24.19 31.07
CA VAL A 155 -1.44 -25.57 31.06
C VAL A 155 -2.66 -25.70 31.95
N ALA A 156 -2.62 -25.09 33.13
CA ALA A 156 -3.76 -25.06 34.04
C ALA A 156 -5.13 -24.82 33.35
N PHE A 157 -5.16 -23.93 32.36
CA PHE A 157 -6.39 -23.71 31.56
C PHE A 157 -6.88 -24.98 30.84
N TYR A 158 -5.95 -25.72 30.27
CA TYR A 158 -6.26 -26.97 29.57
C TYR A 158 -6.52 -28.13 30.53
N GLU A 159 -5.96 -28.07 31.72
CA GLU A 159 -6.29 -29.05 32.76
C GLU A 159 -7.71 -28.85 33.26
N GLU A 160 -8.21 -27.61 33.27
CA GLU A 160 -9.62 -27.31 33.62
C GLU A 160 -10.58 -27.72 32.50
N HIS A 161 -10.33 -27.23 31.29
CA HIS A 161 -11.28 -27.39 30.22
C HIS A 161 -11.08 -28.63 29.34
N PHE A 162 -9.92 -29.28 29.42
CA PHE A 162 -9.59 -30.43 28.56
C PHE A 162 -8.84 -31.53 29.27
N PRO A 163 -9.40 -32.02 30.41
CA PRO A 163 -8.73 -33.11 31.11
C PRO A 163 -8.63 -34.34 30.22
N ASP A 164 -7.44 -34.95 30.19
CA ASP A 164 -7.15 -36.09 29.28
C ASP A 164 -7.36 -35.79 27.78
N ARG A 165 -7.46 -34.53 27.40
CA ARG A 165 -7.74 -34.18 26.02
C ARG A 165 -6.85 -33.03 25.56
N TYR A 166 -5.72 -32.89 26.23
CA TYR A 166 -4.75 -31.88 25.90
C TYR A 166 -3.35 -32.52 25.81
N PHE A 167 -2.70 -32.35 24.67
CA PHE A 167 -1.49 -33.06 24.35
C PHE A 167 -0.30 -32.17 24.17
N LEU A 168 0.85 -32.72 24.54
CA LEU A 168 2.15 -32.15 24.25
C LEU A 168 2.48 -32.50 22.80
N GLU A 169 2.70 -31.47 21.98
CA GLU A 169 3.13 -31.65 20.58
C GLU A 169 4.65 -31.88 20.48
N LEU A 170 5.06 -32.92 19.75
CA LEU A 170 6.46 -33.30 19.67
C LEU A 170 6.99 -33.14 18.25
N ILE A 171 8.11 -32.41 18.11
CA ILE A 171 8.68 -32.06 16.83
C ILE A 171 10.21 -32.18 16.89
N ARG A 172 10.76 -33.13 16.15
CA ARG A 172 12.20 -33.18 15.90
C ARG A 172 12.46 -33.00 14.42
N THR A 173 12.61 -31.75 13.98
CA THR A 173 12.93 -31.46 12.58
C THR A 173 14.25 -30.70 12.41
N GLY A 174 15.07 -30.62 13.46
CA GLY A 174 16.37 -29.94 13.41
C GLY A 174 16.35 -28.45 13.12
N ARG A 175 15.32 -27.75 13.63
CA ARG A 175 15.15 -26.30 13.43
C ARG A 175 15.42 -25.51 14.72
N PRO A 176 15.74 -24.20 14.62
CA PRO A 176 16.24 -23.49 15.80
C PRO A 176 15.32 -23.58 17.02
N ASP A 177 15.87 -23.99 18.17
CA ASP A 177 15.19 -24.07 19.48
C ASP A 177 14.15 -25.19 19.68
N GLU A 178 14.06 -26.10 18.73
CA GLU A 178 13.22 -27.28 18.87
C GLU A 178 13.79 -28.21 19.92
N GLU A 179 15.11 -28.36 19.99
CA GLU A 179 15.77 -29.19 21.02
C GLU A 179 15.67 -28.57 22.43
N SER A 180 15.84 -27.26 22.53
CA SER A 180 15.65 -26.56 23.80
C SER A 180 14.19 -26.66 24.27
N TYR A 181 13.25 -26.46 23.35
CA TYR A 181 11.84 -26.67 23.67
C TYR A 181 11.58 -28.12 24.09
N LEU A 182 12.11 -29.07 23.32
CA LEU A 182 11.93 -30.50 23.57
C LEU A 182 12.46 -30.88 24.95
N HIS A 183 13.63 -30.36 25.31
CA HIS A 183 14.21 -30.56 26.63
C HIS A 183 13.24 -30.10 27.73
N ALA A 184 12.65 -28.93 27.53
CA ALA A 184 11.72 -28.33 28.50
C ALA A 184 10.37 -29.02 28.50
N ALA A 185 9.96 -29.53 27.34
CA ALA A 185 8.69 -30.25 27.20
C ALA A 185 8.73 -31.64 27.86
N VAL A 186 9.88 -32.32 27.77
CA VAL A 186 10.12 -33.63 28.40
C VAL A 186 10.09 -33.49 29.92
N GLU A 187 10.68 -32.39 30.42
CA GLU A 187 10.62 -32.06 31.85
C GLU A 187 9.18 -31.83 32.29
N LEU A 188 8.45 -31.04 31.52
CA LEU A 188 7.06 -30.77 31.82
C LEU A 188 6.21 -32.02 31.80
N ALA A 189 6.41 -32.83 30.75
CA ALA A 189 5.65 -34.08 30.52
C ALA A 189 5.78 -35.06 31.67
N GLU A 190 7.00 -35.20 32.19
CA GLU A 190 7.22 -36.09 33.35
C GLU A 190 6.66 -35.46 34.63
N ALA A 191 6.86 -34.15 34.78
CA ALA A 191 6.42 -33.42 35.99
C ALA A 191 4.90 -33.40 36.18
N ARG A 192 4.18 -33.46 35.06
CA ARG A 192 2.72 -33.30 35.07
C ARG A 192 1.93 -34.57 34.70
N GLY A 193 2.63 -35.66 34.36
CA GLY A 193 2.01 -36.96 34.07
C GLY A 193 1.35 -37.01 32.71
N LEU A 194 1.93 -36.27 31.77
CA LEU A 194 1.24 -35.93 30.53
C LEU A 194 1.51 -36.90 29.38
N PRO A 195 0.52 -37.05 28.49
CA PRO A 195 0.70 -37.73 27.22
C PRO A 195 1.23 -36.79 26.13
N VAL A 196 2.05 -37.37 25.26
CA VAL A 196 2.75 -36.65 24.21
C VAL A 196 2.38 -37.31 22.88
N VAL A 197 2.41 -36.54 21.78
CA VAL A 197 2.26 -37.11 20.44
C VAL A 197 3.31 -36.51 19.50
N ALA A 198 3.89 -37.35 18.64
CA ALA A 198 4.87 -36.92 17.64
C ALA A 198 4.19 -36.74 16.30
N THR A 199 4.55 -35.66 15.61
CA THR A 199 4.11 -35.42 14.24
C THR A 199 5.32 -35.00 13.44
N ASN A 200 5.14 -34.83 12.15
CA ASN A 200 6.22 -34.35 11.33
C ASN A 200 6.01 -32.94 10.81
N ASP A 201 5.00 -32.23 11.31
CA ASP A 201 4.73 -30.86 10.83
C ASP A 201 4.91 -30.81 9.31
N VAL A 202 4.13 -31.62 8.60
CA VAL A 202 4.35 -31.85 7.16
C VAL A 202 3.84 -30.68 6.32
N ARG A 203 4.67 -30.19 5.41
CA ARG A 203 4.25 -29.19 4.42
C ARG A 203 4.41 -29.66 2.97
N PHE A 204 5.14 -30.76 2.74
CA PHE A 204 5.40 -31.22 1.38
C PHE A 204 5.64 -32.73 1.29
N ILE A 205 5.59 -33.30 0.09
CA ILE A 205 5.88 -34.72 -0.08
C ILE A 205 7.39 -35.00 0.04
N ASP A 206 8.21 -34.37 -0.82
CA ASP A 206 9.65 -34.64 -0.87
C ASP A 206 10.47 -33.40 -0.62
N SER A 207 11.70 -33.61 -0.16
CA SER A 207 12.63 -32.53 0.18
C SER A 207 12.89 -31.54 -0.96
N SER A 208 12.79 -31.99 -2.21
CA SER A 208 12.92 -31.11 -3.39
C SER A 208 11.72 -30.18 -3.61
N ASP A 209 10.63 -30.40 -2.88
CA ASP A 209 9.46 -29.51 -2.93
C ASP A 209 9.64 -28.24 -2.09
N PHE A 210 10.65 -28.24 -1.23
CA PHE A 210 10.92 -27.14 -0.30
C PHE A 210 11.09 -25.82 -1.02
N ASP A 211 11.86 -25.83 -2.11
CA ASP A 211 12.16 -24.61 -2.87
C ASP A 211 10.90 -23.97 -3.41
N ALA A 212 10.03 -24.82 -3.94
CA ALA A 212 8.74 -24.41 -4.50
C ALA A 212 7.82 -23.81 -3.45
N HIS A 213 7.77 -24.42 -2.28
CA HIS A 213 6.99 -23.90 -1.20
C HIS A 213 7.53 -22.57 -0.67
N GLU A 214 8.85 -22.45 -0.61
CA GLU A 214 9.46 -21.19 -0.20
C GLU A 214 8.92 -20.05 -1.06
N ILE A 215 8.91 -20.35 -2.36
CA ILE A 215 8.49 -19.37 -3.34
C ILE A 215 6.98 -19.14 -3.30
N ARG A 216 6.21 -20.20 -3.07
CA ARG A 216 4.76 -20.12 -2.81
C ARG A 216 4.43 -19.13 -1.71
N VAL A 217 5.18 -19.20 -0.61
CA VAL A 217 4.90 -18.35 0.53
C VAL A 217 5.18 -16.90 0.14
N ALA A 218 6.37 -16.70 -0.44
CA ALA A 218 6.85 -15.40 -0.87
C ALA A 218 5.88 -14.69 -1.83
N ILE A 219 5.28 -15.47 -2.72
CA ILE A 219 4.28 -14.97 -3.66
C ILE A 219 3.04 -14.48 -2.94
N HIS A 220 2.60 -15.23 -1.95
CA HIS A 220 1.43 -14.82 -1.21
C HIS A 220 1.72 -13.58 -0.41
N ASP A 221 2.82 -13.61 0.35
CA ASP A 221 3.19 -12.49 1.23
C ASP A 221 3.61 -11.23 0.48
N GLY A 222 4.10 -11.40 -0.74
CA GLY A 222 4.53 -10.29 -1.58
C GLY A 222 5.99 -9.90 -1.37
N PHE A 223 6.78 -10.83 -0.81
CA PHE A 223 8.22 -10.62 -0.53
C PHE A 223 9.07 -11.47 -1.44
N THR A 224 10.34 -11.11 -1.51
CA THR A 224 11.25 -11.74 -2.44
C THR A 224 12.06 -12.79 -1.67
N LEU A 225 12.44 -13.86 -2.35
CA LEU A 225 13.16 -15.00 -1.75
C LEU A 225 14.36 -14.57 -0.90
N ASP A 226 15.21 -13.75 -1.49
CA ASP A 226 16.48 -13.37 -0.88
C ASP A 226 16.38 -12.11 -0.01
N ASP A 227 15.15 -11.63 0.24
CA ASP A 227 14.88 -10.55 1.20
C ASP A 227 15.24 -11.03 2.61
N PRO A 228 16.19 -10.33 3.30
CA PRO A 228 16.58 -10.67 4.68
C PRO A 228 15.41 -10.62 5.69
N LYS A 229 14.45 -9.73 5.44
CA LYS A 229 13.26 -9.57 6.30
C LYS A 229 12.25 -10.71 6.17
N ARG A 230 12.41 -11.54 5.13
CA ARG A 230 11.49 -12.62 4.86
C ARG A 230 11.55 -13.70 5.93
N PRO A 231 10.40 -14.10 6.49
CA PRO A 231 10.43 -15.14 7.51
C PRO A 231 10.92 -16.46 6.95
N ARG A 232 11.86 -17.09 7.65
CA ARG A 232 12.36 -18.41 7.30
C ARG A 232 12.07 -19.38 8.44
N ASN A 233 10.79 -19.66 8.64
CA ASN A 233 10.31 -20.52 9.70
C ASN A 233 10.27 -22.01 9.32
N TYR A 234 10.70 -22.38 8.11
CA TYR A 234 10.44 -23.72 7.55
C TYR A 234 11.72 -24.41 7.04
N SER A 235 11.76 -25.74 6.98
CA SER A 235 12.97 -26.47 6.56
C SER A 235 12.62 -27.53 5.54
N PRO A 236 13.63 -28.02 4.80
CA PRO A 236 13.39 -29.11 3.86
C PRO A 236 13.01 -30.47 4.48
N GLN A 237 13.11 -30.58 5.81
CA GLN A 237 12.69 -31.82 6.47
C GLN A 237 11.17 -31.93 6.64
N GLN A 238 10.43 -30.87 6.31
CA GLN A 238 8.97 -30.86 6.39
C GLN A 238 8.25 -31.55 5.23
N TYR A 239 8.73 -32.74 4.90
CA TYR A 239 8.19 -33.57 3.83
C TYR A 239 7.42 -34.73 4.47
N MET A 240 6.76 -35.53 3.64
CA MET A 240 6.02 -36.71 4.11
C MET A 240 6.97 -37.84 4.49
N ARG A 241 7.52 -37.73 5.69
CA ARG A 241 8.40 -38.77 6.22
C ARG A 241 7.64 -40.07 6.40
N SER A 242 8.32 -41.17 6.12
CA SER A 242 7.75 -42.49 6.28
C SER A 242 7.61 -42.88 7.76
N GLU A 243 6.95 -44.02 7.97
CA GLU A 243 6.81 -44.66 9.28
C GLU A 243 8.18 -44.86 9.95
N GLU A 244 9.06 -45.51 9.20
CA GLU A 244 10.39 -45.85 9.70
C GLU A 244 11.23 -44.60 10.01
N GLU A 245 11.19 -43.59 9.14
CA GLU A 245 11.92 -42.31 9.36
C GLU A 245 11.53 -41.64 10.68
N MET A 246 10.24 -41.63 10.96
CA MET A 246 9.74 -41.11 12.24
C MET A 246 10.09 -42.04 13.41
N CYS A 247 10.01 -43.35 13.18
CA CYS A 247 10.43 -44.33 14.20
C CYS A 247 11.88 -44.17 14.68
N GLU A 248 12.78 -43.75 13.78
CA GLU A 248 14.19 -43.55 14.14
C GLU A 248 14.47 -42.18 14.76
N LEU A 249 13.77 -41.16 14.27
CA LEU A 249 13.81 -39.81 14.86
C LEU A 249 13.48 -39.78 16.36
N PHE A 250 12.61 -40.69 16.78
CA PHE A 250 12.08 -40.71 18.14
C PHE A 250 12.24 -42.09 18.82
N ALA A 251 13.30 -42.81 18.42
CA ALA A 251 13.60 -44.14 18.99
C ALA A 251 13.92 -44.11 20.50
N ASP A 252 14.02 -42.90 21.07
CA ASP A 252 14.18 -42.70 22.51
C ASP A 252 12.84 -42.53 23.26
N ILE A 253 11.78 -42.18 22.53
CA ILE A 253 10.45 -42.04 23.09
C ILE A 253 9.43 -42.84 22.21
N PRO A 254 9.38 -44.18 22.36
CA PRO A 254 8.40 -45.05 21.62
C PRO A 254 6.90 -44.67 21.78
N GLU A 255 6.54 -44.33 23.01
CA GLU A 255 5.18 -43.86 23.36
C GLU A 255 4.69 -42.67 22.49
N ALA A 256 5.62 -41.82 22.04
CA ALA A 256 5.28 -40.65 21.20
C ALA A 256 4.69 -41.02 19.83
N LEU A 257 5.27 -42.06 19.21
CA LEU A 257 4.76 -42.62 17.96
C LEU A 257 3.44 -43.37 18.20
N ALA A 258 3.45 -44.26 19.20
CA ALA A 258 2.27 -45.03 19.60
C ALA A 258 1.05 -44.15 19.98
N ASN A 259 1.31 -43.00 20.59
CA ASN A 259 0.23 -42.07 20.90
C ASN A 259 -0.42 -41.42 19.67
N THR A 260 0.22 -41.48 18.50
CA THR A 260 -0.43 -41.06 17.23
C THR A 260 -1.48 -42.06 16.78
N VAL A 261 -1.16 -43.35 16.89
CA VAL A 261 -2.09 -44.44 16.60
C VAL A 261 -3.31 -44.35 17.53
N GLU A 262 -3.05 -44.24 18.82
CA GLU A 262 -4.12 -44.02 19.82
C GLU A 262 -5.04 -42.82 19.55
N ILE A 263 -4.45 -41.65 19.29
CA ILE A 263 -5.23 -40.44 18.97
C ILE A 263 -6.09 -40.65 17.71
N ALA A 264 -5.48 -41.25 16.69
CA ALA A 264 -6.17 -41.53 15.43
C ALA A 264 -7.43 -42.40 15.60
N LYS A 265 -7.40 -43.33 16.57
CA LYS A 265 -8.56 -44.20 16.89
C LYS A 265 -9.70 -43.42 17.54
N ARG A 266 -9.34 -42.50 18.42
CA ARG A 266 -10.30 -41.63 19.08
C ARG A 266 -10.99 -40.57 18.19
N CYS A 267 -10.45 -40.33 16.99
CA CYS A 267 -10.91 -39.24 16.13
C CYS A 267 -11.84 -39.75 15.05
N ASN A 268 -13.14 -39.59 15.22
CA ASN A 268 -14.15 -40.13 14.28
C ASN A 268 -15.33 -39.18 14.09
N VAL A 269 -15.25 -38.29 13.10
CA VAL A 269 -16.36 -37.37 12.81
C VAL A 269 -17.11 -37.78 11.53
N THR A 270 -18.43 -37.93 11.64
CA THR A 270 -19.30 -38.08 10.47
C THR A 270 -19.88 -36.73 10.06
N VAL A 271 -19.49 -36.25 8.89
CA VAL A 271 -20.23 -35.21 8.18
C VAL A 271 -20.78 -35.89 6.95
N ARG A 272 -22.10 -36.05 6.90
CA ARG A 272 -22.78 -36.60 5.73
C ARG A 272 -22.89 -35.59 4.58
N LEU A 273 -22.44 -36.04 3.40
CA LEU A 273 -22.37 -35.23 2.19
C LEU A 273 -22.98 -36.02 1.04
N GLY A 274 -23.37 -35.30 -0.02
CA GLY A 274 -23.94 -35.92 -1.22
C GLY A 274 -25.42 -36.26 -1.13
N GLU A 275 -26.11 -35.71 -0.13
CA GLU A 275 -27.54 -35.94 0.10
C GLU A 275 -28.17 -34.68 0.67
N TYR A 276 -29.39 -34.37 0.21
CA TYR A 276 -29.95 -33.03 0.37
C TYR A 276 -30.43 -32.71 1.79
N PHE A 277 -30.04 -31.52 2.25
CA PHE A 277 -30.72 -30.81 3.30
C PHE A 277 -31.36 -29.66 2.53
N LEU A 278 -32.58 -29.90 2.02
CA LEU A 278 -33.29 -28.90 1.19
C LEU A 278 -33.81 -27.71 2.03
N PRO A 279 -33.84 -26.52 1.41
CA PRO A 279 -34.55 -25.41 2.00
C PRO A 279 -36.01 -25.30 1.52
N GLN A 280 -36.70 -24.43 2.22
CA GLN A 280 -38.16 -24.41 2.24
C GLN A 280 -38.73 -23.29 3.12
N PHE A 281 -40.06 -23.23 3.15
CA PHE A 281 -40.80 -22.30 3.99
C PHE A 281 -42.34 -22.50 3.90
N PRO A 282 -43.07 -22.28 5.02
CA PRO A 282 -44.47 -22.00 5.06
C PRO A 282 -44.92 -20.60 4.62
N THR A 283 -46.22 -20.55 4.48
CA THR A 283 -46.91 -19.30 4.20
C THR A 283 -48.06 -19.10 5.22
N GLY A 284 -49.25 -18.62 4.85
CA GLY A 284 -50.45 -18.76 5.67
C GLY A 284 -50.55 -20.03 6.53
N ASP A 285 -51.74 -20.31 7.02
CA ASP A 285 -52.07 -21.66 7.56
C ASP A 285 -52.20 -22.81 6.49
N MET A 286 -51.90 -22.47 5.23
CA MET A 286 -52.04 -23.35 4.09
C MET A 286 -50.74 -24.13 3.87
N SER A 287 -50.94 -25.32 3.34
CA SER A 287 -49.87 -26.14 2.77
C SER A 287 -49.01 -25.28 1.84
N THR A 288 -47.75 -25.71 1.68
CA THR A 288 -46.83 -25.10 0.75
C THR A 288 -47.28 -25.46 -0.68
N GLU A 289 -47.56 -26.74 -0.88
CA GLU A 289 -48.27 -27.28 -2.05
C GLU A 289 -49.41 -26.37 -2.54
N ASP A 290 -50.34 -26.13 -1.64
CA ASP A 290 -51.62 -25.48 -1.95
C ASP A 290 -51.47 -23.98 -2.18
N TYR A 291 -50.52 -23.37 -1.46
CA TYR A 291 -50.13 -21.98 -1.70
C TYR A 291 -49.65 -21.79 -3.12
N LEU A 292 -48.82 -22.72 -3.60
CA LEU A 292 -48.31 -22.69 -4.96
C LEU A 292 -49.44 -22.86 -5.98
N VAL A 293 -50.28 -23.86 -5.76
CA VAL A 293 -51.41 -24.13 -6.66
C VAL A 293 -52.23 -22.84 -6.82
N LYS A 294 -52.52 -22.19 -5.70
CA LYS A 294 -53.32 -20.98 -5.68
C LYS A 294 -52.69 -19.84 -6.48
N ARG A 295 -51.48 -19.46 -6.09
CA ARG A 295 -50.78 -18.35 -6.73
C ARG A 295 -50.51 -18.60 -8.22
N ALA A 296 -50.34 -19.86 -8.60
CA ALA A 296 -50.11 -20.21 -10.00
C ALA A 296 -51.37 -20.16 -10.87
N LYS A 297 -52.51 -20.64 -10.35
CA LYS A 297 -53.80 -20.56 -11.09
C LYS A 297 -54.20 -19.11 -11.37
N GLU A 298 -53.95 -18.28 -10.36
CA GLU A 298 -54.36 -16.88 -10.37
C GLU A 298 -53.31 -16.02 -11.08
N GLY A 299 -52.05 -16.46 -11.07
CA GLY A 299 -51.01 -15.85 -11.91
C GLY A 299 -51.23 -16.14 -13.37
N LEU A 300 -51.66 -17.37 -13.64
CA LEU A 300 -52.06 -17.79 -14.98
C LEU A 300 -53.23 -16.98 -15.48
N GLU A 301 -54.14 -16.55 -14.61
CA GLU A 301 -55.24 -15.69 -15.01
C GLU A 301 -54.79 -14.31 -15.54
N GLU A 302 -53.73 -13.75 -14.96
CA GLU A 302 -53.18 -12.48 -15.46
C GLU A 302 -52.55 -12.66 -16.82
N ARG A 303 -51.74 -13.69 -16.94
CA ARG A 303 -51.06 -13.95 -18.19
C ARG A 303 -52.03 -14.29 -19.29
N LEU A 304 -53.06 -15.07 -18.98
CA LEU A 304 -54.13 -15.37 -19.94
C LEU A 304 -54.86 -14.14 -20.45
N ALA A 305 -55.09 -13.15 -19.59
CA ALA A 305 -55.71 -11.87 -20.01
C ALA A 305 -54.73 -10.98 -20.80
N PHE A 306 -53.42 -11.14 -20.57
CA PHE A 306 -52.41 -10.52 -21.45
C PHE A 306 -52.35 -11.23 -22.81
N LEU A 307 -52.27 -12.56 -22.81
CA LEU A 307 -52.10 -13.33 -24.04
C LEU A 307 -53.36 -13.30 -24.91
N PHE A 308 -54.51 -13.52 -24.27
CA PHE A 308 -55.79 -13.56 -24.96
C PHE A 308 -56.73 -12.54 -24.32
N PRO A 309 -56.58 -11.24 -24.67
CA PRO A 309 -57.43 -10.21 -24.07
C PRO A 309 -58.88 -10.21 -24.58
N ASP A 310 -59.19 -11.06 -25.56
CA ASP A 310 -60.56 -11.43 -25.86
C ASP A 310 -60.96 -12.65 -25.03
N GLU A 311 -61.96 -12.47 -24.16
CA GLU A 311 -62.35 -13.50 -23.17
C GLU A 311 -63.00 -14.74 -23.77
N GLU A 312 -63.59 -14.58 -24.97
CA GLU A 312 -64.13 -15.72 -25.72
C GLU A 312 -63.00 -16.64 -26.15
N GLU A 313 -61.97 -16.05 -26.77
CA GLU A 313 -60.75 -16.79 -27.17
C GLU A 313 -60.03 -17.43 -25.99
N ARG A 314 -59.90 -16.69 -24.87
CA ARG A 314 -59.25 -17.20 -23.66
C ARG A 314 -59.92 -18.50 -23.20
N LEU A 315 -61.25 -18.59 -23.27
CA LEU A 315 -61.94 -19.80 -22.84
C LEU A 315 -61.68 -21.00 -23.76
N LYS A 316 -61.73 -20.80 -25.07
CA LYS A 316 -61.48 -21.88 -26.06
C LYS A 316 -60.02 -22.33 -26.13
N ARG A 317 -59.08 -21.41 -25.90
CA ARG A 317 -57.66 -21.71 -25.93
C ARG A 317 -57.13 -22.19 -24.59
N ARG A 318 -57.92 -22.03 -23.54
CA ARG A 318 -57.53 -22.29 -22.16
C ARG A 318 -57.18 -23.74 -21.78
N PRO A 319 -58.01 -24.75 -22.19
CA PRO A 319 -57.77 -26.13 -21.74
C PRO A 319 -56.32 -26.64 -21.84
N GLU A 320 -55.69 -26.42 -23.00
CA GLU A 320 -54.26 -26.69 -23.27
C GLU A 320 -53.30 -26.26 -22.13
N TYR A 321 -53.55 -25.05 -21.60
CA TYR A 321 -52.69 -24.43 -20.57
C TYR A 321 -52.93 -25.03 -19.19
N ASP A 322 -54.20 -25.23 -18.86
CA ASP A 322 -54.61 -25.87 -17.60
C ASP A 322 -54.08 -27.30 -17.53
N GLU A 323 -54.16 -28.03 -18.63
CA GLU A 323 -53.61 -29.38 -18.69
C GLU A 323 -52.09 -29.40 -18.61
N ARG A 324 -51.42 -28.47 -19.30
CA ARG A 324 -49.97 -28.31 -19.14
C ARG A 324 -49.65 -27.96 -17.68
N LEU A 325 -50.43 -27.03 -17.13
CA LEU A 325 -50.18 -26.54 -15.79
C LEU A 325 -50.25 -27.68 -14.77
N GLU A 326 -51.35 -28.43 -14.78
CA GLU A 326 -51.53 -29.55 -13.84
C GLU A 326 -50.56 -30.71 -14.06
N THR A 327 -50.10 -30.91 -15.31
CA THR A 327 -49.11 -31.95 -15.60
C THR A 327 -47.77 -31.63 -14.93
N GLU A 328 -47.34 -30.37 -15.05
CA GLU A 328 -46.14 -29.88 -14.37
C GLU A 328 -46.35 -29.90 -12.84
N LEU A 329 -47.46 -29.33 -12.39
CA LEU A 329 -47.80 -29.32 -10.96
C LEU A 329 -47.73 -30.67 -10.32
N GLN A 330 -48.07 -31.72 -11.05
CA GLN A 330 -48.01 -33.05 -10.48
C GLN A 330 -46.60 -33.55 -10.25
N VAL A 331 -45.70 -33.24 -11.15
CA VAL A 331 -44.27 -33.60 -10.96
C VAL A 331 -43.62 -32.81 -9.82
N ILE A 332 -43.93 -31.52 -9.77
CA ILE A 332 -43.42 -30.62 -8.72
C ILE A 332 -43.86 -31.05 -7.30
N ASN A 333 -45.11 -31.44 -7.16
CA ASN A 333 -45.71 -31.82 -5.88
C ASN A 333 -45.28 -33.22 -5.42
N GLN A 334 -45.19 -34.14 -6.38
CA GLN A 334 -44.84 -35.53 -6.10
C GLN A 334 -43.34 -35.70 -5.85
N MET A 335 -42.53 -34.73 -6.32
CA MET A 335 -41.11 -34.72 -5.97
C MET A 335 -40.81 -33.96 -4.68
N GLY A 336 -41.76 -33.12 -4.24
CA GLY A 336 -41.64 -32.37 -2.97
C GLY A 336 -40.76 -31.10 -2.97
N PHE A 337 -40.83 -30.35 -4.05
CA PHE A 337 -40.21 -29.01 -4.22
C PHE A 337 -40.79 -27.63 -3.74
N PRO A 338 -42.09 -27.58 -3.39
CA PRO A 338 -42.80 -26.29 -3.39
C PRO A 338 -42.27 -25.19 -2.47
N GLY A 339 -41.49 -25.50 -1.42
CA GLY A 339 -40.81 -24.44 -0.65
C GLY A 339 -39.90 -23.57 -1.54
N TYR A 340 -39.12 -24.30 -2.36
CA TYR A 340 -38.19 -23.68 -3.31
C TYR A 340 -38.89 -22.74 -4.27
N PHE A 341 -39.97 -23.23 -4.89
CA PHE A 341 -40.75 -22.45 -5.86
C PHE A 341 -41.19 -21.17 -5.23
N LEU A 342 -41.68 -21.28 -3.99
CA LEU A 342 -42.27 -20.17 -3.22
C LEU A 342 -41.28 -19.08 -2.86
N ILE A 343 -40.08 -19.47 -2.46
CA ILE A 343 -39.03 -18.51 -2.11
C ILE A 343 -38.71 -17.66 -3.30
N VAL A 344 -38.40 -18.34 -4.39
CA VAL A 344 -37.98 -17.72 -5.62
C VAL A 344 -39.07 -16.85 -6.23
N MET A 345 -40.31 -17.33 -6.25
CA MET A 345 -41.38 -16.50 -6.79
C MET A 345 -41.60 -15.26 -5.93
N GLU A 346 -41.42 -15.39 -4.62
CA GLU A 346 -41.58 -14.27 -3.70
C GLU A 346 -40.48 -13.27 -3.99
N PHE A 347 -39.27 -13.78 -4.12
CA PHE A 347 -38.12 -12.99 -4.45
C PHE A 347 -38.28 -12.19 -5.76
N ILE A 348 -38.83 -12.84 -6.77
CA ILE A 348 -39.03 -12.20 -8.08
C ILE A 348 -40.08 -11.10 -7.98
N GLN A 349 -41.13 -11.37 -7.22
CA GLN A 349 -42.20 -10.41 -7.01
C GLN A 349 -41.74 -9.22 -6.18
N TRP A 350 -41.05 -9.48 -5.08
CA TRP A 350 -40.53 -8.41 -4.27
C TRP A 350 -39.63 -7.47 -5.07
N SER A 351 -38.75 -8.02 -5.91
CA SER A 351 -37.90 -7.15 -6.73
C SER A 351 -38.70 -6.34 -7.78
N LYS A 352 -39.89 -6.79 -8.14
CA LYS A 352 -40.78 -6.00 -9.00
C LYS A 352 -41.46 -4.85 -8.22
N ASP A 353 -41.91 -5.13 -7.00
CA ASP A 353 -42.51 -4.15 -6.07
C ASP A 353 -41.59 -2.98 -5.77
N ASN A 354 -40.34 -3.32 -5.48
CA ASN A 354 -39.24 -2.38 -5.38
C ASN A 354 -38.71 -2.13 -6.82
N GLY A 355 -37.80 -1.18 -7.07
CA GLY A 355 -37.46 -0.79 -8.47
C GLY A 355 -36.48 -1.65 -9.28
N VAL A 356 -36.67 -2.97 -9.26
CA VAL A 356 -35.66 -3.94 -9.72
C VAL A 356 -36.20 -4.78 -10.91
N PRO A 357 -35.96 -4.38 -12.20
CA PRO A 357 -36.18 -5.41 -13.24
C PRO A 357 -35.22 -6.62 -13.09
N VAL A 358 -35.72 -7.83 -13.33
CA VAL A 358 -35.10 -9.10 -12.87
C VAL A 358 -34.17 -9.79 -13.85
N GLY A 359 -33.09 -10.37 -13.30
CA GLY A 359 -31.90 -10.79 -14.04
C GLY A 359 -32.22 -11.90 -15.02
N PRO A 360 -31.51 -11.95 -16.18
CA PRO A 360 -32.12 -12.60 -17.34
C PRO A 360 -32.08 -14.11 -17.28
N GLY A 361 -31.11 -14.64 -16.53
CA GLY A 361 -30.82 -16.06 -16.64
C GLY A 361 -31.94 -16.87 -16.03
N ARG A 362 -32.12 -18.06 -16.58
CA ARG A 362 -33.11 -19.01 -16.09
C ARG A 362 -32.62 -20.45 -16.22
N GLY A 363 -31.33 -20.67 -16.58
CA GLY A 363 -30.88 -21.95 -17.11
C GLY A 363 -31.73 -22.34 -18.32
N SER A 364 -32.29 -23.55 -18.27
CA SER A 364 -33.30 -24.00 -19.22
C SER A 364 -34.72 -23.82 -18.63
N GLY A 365 -34.87 -22.87 -17.71
CA GLY A 365 -36.08 -22.67 -16.93
C GLY A 365 -37.28 -22.16 -17.68
N ALA A 366 -37.04 -21.63 -18.89
CA ALA A 366 -38.09 -21.24 -19.82
C ALA A 366 -39.00 -22.39 -20.26
N GLY A 367 -38.54 -23.64 -20.08
CA GLY A 367 -39.36 -24.85 -20.26
C GLY A 367 -40.49 -25.04 -19.25
N SER A 368 -40.48 -24.27 -18.17
CA SER A 368 -41.52 -24.30 -17.14
C SER A 368 -42.57 -23.21 -17.32
N LEU A 369 -43.81 -23.67 -17.58
CA LEU A 369 -44.96 -22.80 -17.68
C LEU A 369 -45.36 -22.35 -16.29
N VAL A 370 -45.04 -23.17 -15.29
CA VAL A 370 -45.26 -22.80 -13.89
C VAL A 370 -44.37 -21.60 -13.52
N ALA A 371 -43.10 -21.65 -13.93
CA ALA A 371 -42.21 -20.50 -13.73
C ALA A 371 -42.83 -19.25 -14.34
N TYR A 372 -43.30 -19.38 -15.57
CA TYR A 372 -43.99 -18.30 -16.27
C TYR A 372 -45.26 -17.84 -15.54
N ALA A 373 -46.10 -18.80 -15.17
CA ALA A 373 -47.33 -18.52 -14.41
C ALA A 373 -47.09 -17.75 -13.12
N LEU A 374 -46.01 -18.11 -12.44
CA LEU A 374 -45.60 -17.48 -11.19
C LEU A 374 -44.81 -16.18 -11.36
N LYS A 375 -44.65 -15.73 -12.61
CA LYS A 375 -43.87 -14.55 -12.99
C LYS A 375 -42.37 -14.72 -12.74
N ILE A 376 -41.92 -15.98 -12.67
CA ILE A 376 -40.51 -16.31 -12.51
C ILE A 376 -39.85 -16.07 -13.87
N THR A 377 -40.55 -16.46 -14.93
CA THR A 377 -40.06 -16.28 -16.29
C THR A 377 -40.95 -15.31 -17.06
N ASP A 378 -40.54 -15.01 -18.29
CA ASP A 378 -41.10 -13.90 -19.05
C ASP A 378 -41.76 -14.34 -20.38
N LEU A 379 -41.71 -15.63 -20.72
CA LEU A 379 -42.00 -16.11 -22.07
C LEU A 379 -43.10 -17.15 -22.05
N ASP A 380 -43.94 -17.17 -23.08
CA ASP A 380 -44.96 -18.21 -23.21
C ASP A 380 -44.35 -19.51 -23.76
N PRO A 381 -44.21 -20.54 -22.89
CA PRO A 381 -43.59 -21.79 -23.35
C PRO A 381 -44.44 -22.61 -24.31
N LEU A 382 -45.76 -22.46 -24.22
CA LEU A 382 -46.66 -23.20 -25.10
C LEU A 382 -46.72 -22.57 -26.48
N GLU A 383 -46.39 -21.29 -26.61
CA GLU A 383 -46.23 -20.67 -27.92
C GLU A 383 -45.06 -21.27 -28.68
N PHE A 384 -43.95 -21.54 -27.99
CA PHE A 384 -42.73 -22.01 -28.66
C PHE A 384 -42.35 -23.48 -28.39
N ASP A 385 -43.32 -24.27 -27.93
CA ASP A 385 -43.14 -25.71 -27.65
C ASP A 385 -41.98 -25.98 -26.69
N LEU A 386 -41.95 -25.21 -25.60
CA LEU A 386 -40.88 -25.24 -24.59
C LEU A 386 -41.19 -26.27 -23.52
N LEU A 387 -40.16 -27.01 -23.10
CA LEU A 387 -40.34 -28.27 -22.41
C LEU A 387 -39.76 -28.20 -21.02
N PHE A 388 -40.63 -28.49 -20.06
CA PHE A 388 -40.33 -28.52 -18.65
C PHE A 388 -39.34 -29.61 -18.35
N GLU A 389 -39.45 -30.75 -19.04
CA GLU A 389 -38.60 -31.92 -18.80
C GLU A 389 -37.12 -31.78 -19.18
N ARG A 390 -36.74 -30.70 -19.90
CA ARG A 390 -35.31 -30.35 -20.07
C ARG A 390 -34.74 -29.76 -18.76
N PHE A 391 -35.64 -29.18 -17.97
CA PHE A 391 -35.29 -28.36 -16.82
C PHE A 391 -35.45 -29.10 -15.49
N LEU A 392 -36.56 -29.82 -15.35
CA LEU A 392 -36.69 -30.86 -14.31
C LEU A 392 -37.30 -32.10 -14.96
N ASN A 393 -36.54 -33.20 -15.02
CA ASN A 393 -36.99 -34.44 -15.64
C ASN A 393 -37.59 -35.42 -14.62
N PRO A 394 -38.90 -35.71 -14.69
CA PRO A 394 -39.62 -36.59 -13.74
C PRO A 394 -39.17 -38.06 -13.73
N GLU A 395 -38.69 -38.54 -14.88
CA GLU A 395 -38.21 -39.92 -15.01
C GLU A 395 -36.80 -40.12 -14.43
N ARG A 396 -36.23 -39.05 -13.86
CA ARG A 396 -34.89 -39.05 -13.29
C ARG A 396 -34.99 -38.58 -11.84
N VAL A 397 -34.46 -39.35 -10.89
CA VAL A 397 -34.70 -39.06 -9.47
C VAL A 397 -33.48 -38.34 -8.84
N SER A 398 -33.40 -37.03 -9.09
CA SER A 398 -32.17 -36.28 -8.89
C SER A 398 -32.41 -34.78 -8.74
N MET A 399 -31.30 -34.05 -8.69
CA MET A 399 -31.21 -32.58 -8.72
C MET A 399 -32.18 -31.84 -9.67
N PRO A 400 -32.99 -30.93 -9.12
CA PRO A 400 -33.81 -30.02 -9.80
C PRO A 400 -33.18 -28.82 -10.56
N ASP A 401 -31.85 -28.56 -10.63
CA ASP A 401 -31.44 -27.19 -10.36
C ASP A 401 -32.20 -26.19 -11.24
N PHE A 402 -32.85 -25.27 -10.56
CA PHE A 402 -33.59 -24.23 -11.23
C PHE A 402 -32.68 -23.02 -11.52
N ASP A 403 -31.46 -23.05 -11.00
CA ASP A 403 -30.38 -22.09 -11.34
C ASP A 403 -30.79 -20.60 -11.51
N VAL A 404 -31.30 -20.01 -10.45
CA VAL A 404 -31.81 -18.63 -10.50
C VAL A 404 -30.70 -17.55 -10.38
N ASP A 405 -30.73 -16.51 -11.24
CA ASP A 405 -29.83 -15.31 -11.12
C ASP A 405 -30.53 -13.93 -11.06
N PHE A 406 -29.78 -12.83 -10.82
CA PHE A 406 -30.35 -11.46 -10.71
C PHE A 406 -29.34 -10.35 -11.08
N CYS A 407 -29.80 -9.10 -11.27
CA CYS A 407 -28.91 -7.98 -11.61
C CYS A 407 -28.09 -7.42 -10.43
N MET A 408 -26.78 -7.33 -10.67
CA MET A 408 -25.72 -6.72 -9.81
C MET A 408 -26.08 -5.53 -8.98
N GLU A 409 -26.69 -4.56 -9.66
CA GLU A 409 -27.02 -3.25 -9.10
C GLU A 409 -27.83 -3.40 -7.85
N LYS A 410 -28.58 -4.50 -7.78
CA LYS A 410 -29.55 -4.63 -6.73
C LYS A 410 -29.25 -5.78 -5.78
N ARG A 411 -28.01 -6.23 -5.74
CA ARG A 411 -27.61 -7.43 -4.97
C ARG A 411 -27.74 -7.26 -3.45
N ASP A 412 -27.44 -6.06 -3.01
CA ASP A 412 -27.44 -5.76 -1.58
C ASP A 412 -28.84 -5.64 -1.10
N GLN A 413 -29.71 -5.08 -1.94
CA GLN A 413 -31.14 -5.05 -1.69
C GLN A 413 -31.69 -6.46 -1.54
N VAL A 414 -31.25 -7.41 -2.36
CA VAL A 414 -31.70 -8.82 -2.26
C VAL A 414 -31.08 -9.59 -1.09
N ILE A 415 -29.78 -9.42 -0.89
CA ILE A 415 -29.17 -9.97 0.31
C ILE A 415 -29.95 -9.55 1.55
N GLU A 416 -30.32 -8.28 1.57
CA GLU A 416 -31.11 -7.70 2.65
C GLU A 416 -32.49 -8.34 2.79
N HIS A 417 -33.20 -8.54 1.69
CA HIS A 417 -34.51 -9.16 1.74
C HIS A 417 -34.42 -10.57 2.28
N VAL A 418 -33.37 -11.29 1.93
CA VAL A 418 -33.22 -12.68 2.31
C VAL A 418 -32.64 -12.87 3.71
N ALA A 419 -32.04 -11.83 4.25
CA ALA A 419 -31.72 -11.76 5.67
C ALA A 419 -32.99 -11.47 6.50
N ASP A 420 -33.83 -10.53 6.06
CA ASP A 420 -35.16 -10.28 6.69
C ASP A 420 -36.02 -11.53 6.73
N MET A 421 -35.89 -12.33 5.68
CA MET A 421 -36.64 -13.54 5.42
C MET A 421 -36.14 -14.65 6.36
N TYR A 422 -34.83 -14.92 6.34
CA TYR A 422 -34.30 -16.12 7.02
C TYR A 422 -33.44 -15.88 8.26
N GLY A 423 -32.92 -14.67 8.40
CA GLY A 423 -31.88 -14.36 9.36
C GLY A 423 -30.58 -14.16 8.58
N ARG A 424 -29.95 -13.01 8.80
CA ARG A 424 -28.70 -12.70 8.13
C ARG A 424 -27.63 -13.79 8.25
N ASP A 425 -27.52 -14.45 9.40
CA ASP A 425 -26.48 -15.45 9.60
C ASP A 425 -26.90 -16.82 9.09
N ALA A 426 -28.20 -16.97 8.80
CA ALA A 426 -28.74 -18.20 8.24
C ALA A 426 -28.73 -18.24 6.74
N VAL A 427 -28.05 -17.27 6.15
CA VAL A 427 -27.98 -17.09 4.73
C VAL A 427 -26.50 -16.93 4.38
N SER A 428 -26.00 -17.55 3.31
CA SER A 428 -24.60 -17.30 2.95
C SER A 428 -24.27 -17.18 1.48
N GLN A 429 -23.31 -16.30 1.22
CA GLN A 429 -22.67 -16.20 -0.08
C GLN A 429 -21.59 -17.29 -0.17
N ILE A 430 -21.24 -17.68 -1.38
CA ILE A 430 -20.40 -18.87 -1.65
C ILE A 430 -19.07 -18.51 -2.29
N ILE A 431 -17.97 -19.13 -1.85
CA ILE A 431 -16.65 -18.76 -2.39
C ILE A 431 -16.46 -19.15 -3.86
N THR A 432 -15.70 -18.32 -4.59
CA THR A 432 -15.14 -18.63 -5.91
C THR A 432 -13.67 -18.36 -5.72
N PHE A 433 -12.76 -18.79 -6.58
CA PHE A 433 -11.35 -18.70 -6.20
C PHE A 433 -10.37 -17.83 -6.83
N GLY A 434 -9.22 -17.88 -6.16
CA GLY A 434 -7.96 -17.70 -6.84
C GLY A 434 -7.03 -18.89 -6.71
N THR A 435 -6.67 -19.47 -7.85
CA THR A 435 -5.47 -20.31 -7.99
C THR A 435 -4.53 -19.60 -8.95
N MET A 436 -3.28 -20.04 -9.03
CA MET A 436 -2.25 -19.36 -9.85
C MET A 436 -2.12 -20.00 -11.21
N ALA A 437 -2.87 -19.45 -12.14
CA ALA A 437 -2.83 -19.87 -13.53
C ALA A 437 -1.61 -19.28 -14.22
N ALA A 438 -1.41 -19.78 -15.45
CA ALA A 438 -0.25 -19.51 -16.29
C ALA A 438 0.24 -18.05 -16.28
N LYS A 439 -0.61 -17.10 -16.68
CA LYS A 439 -0.18 -15.68 -16.70
C LYS A 439 0.20 -15.17 -15.30
N ALA A 440 -0.63 -15.47 -14.31
CA ALA A 440 -0.39 -14.98 -12.95
C ALA A 440 0.89 -15.50 -12.33
N VAL A 441 1.05 -16.82 -12.38
CA VAL A 441 2.25 -17.46 -11.84
C VAL A 441 3.55 -16.91 -12.47
N ILE A 442 3.54 -16.65 -13.78
CA ILE A 442 4.70 -16.07 -14.47
C ILE A 442 4.99 -14.69 -13.88
N ARG A 443 3.98 -13.83 -13.85
CA ARG A 443 4.14 -12.46 -13.41
C ARG A 443 4.56 -12.41 -11.95
N ASP A 444 3.97 -13.28 -11.13
CA ASP A 444 4.24 -13.22 -9.70
C ASP A 444 5.64 -13.73 -9.36
N VAL A 445 6.05 -14.84 -9.97
CA VAL A 445 7.41 -15.37 -9.78
C VAL A 445 8.46 -14.41 -10.36
N GLY A 446 8.16 -13.83 -11.51
CA GLY A 446 9.03 -12.80 -12.14
C GLY A 446 9.35 -11.59 -11.29
N ARG A 447 8.34 -11.07 -10.59
CA ARG A 447 8.53 -9.92 -9.69
C ARG A 447 9.32 -10.31 -8.44
N VAL A 448 9.01 -11.49 -7.90
CA VAL A 448 9.78 -12.10 -6.77
C VAL A 448 11.25 -12.32 -7.15
N LEU A 449 11.52 -12.65 -8.43
CA LEU A 449 12.88 -12.81 -8.92
C LEU A 449 13.47 -11.47 -9.41
N GLY A 450 12.75 -10.37 -9.16
CA GLY A 450 13.33 -9.02 -9.21
C GLY A 450 13.36 -8.35 -10.57
N HIS A 451 12.47 -8.76 -11.47
CA HIS A 451 12.48 -8.22 -12.82
C HIS A 451 11.71 -6.90 -12.91
N PRO A 452 12.07 -6.02 -13.87
CA PRO A 452 11.22 -4.84 -14.10
C PRO A 452 9.93 -5.26 -14.81
N TYR A 453 8.91 -4.40 -14.75
CA TYR A 453 7.59 -4.69 -15.35
C TYR A 453 7.66 -5.20 -16.79
N GLY A 454 8.54 -4.55 -17.55
CA GLY A 454 8.66 -4.74 -18.98
C GLY A 454 9.12 -6.14 -19.31
N PHE A 455 10.15 -6.60 -18.60
CA PHE A 455 10.72 -7.94 -18.82
C PHE A 455 9.67 -9.01 -18.77
N VAL A 456 8.92 -9.00 -17.66
CA VAL A 456 8.02 -10.11 -17.31
C VAL A 456 6.78 -10.08 -18.20
N ASP A 457 6.30 -8.88 -18.51
CA ASP A 457 5.12 -8.73 -19.34
C ASP A 457 5.34 -9.20 -20.79
N ARG A 458 6.59 -9.03 -21.24
CA ARG A 458 7.06 -9.55 -22.53
C ARG A 458 6.89 -11.06 -22.60
N ILE A 459 6.93 -11.74 -21.45
CA ILE A 459 6.72 -13.18 -21.36
C ILE A 459 5.25 -13.53 -21.25
N SER A 460 4.53 -12.87 -20.34
CA SER A 460 3.15 -13.27 -20.01
C SER A 460 2.17 -13.01 -21.14
N LYS A 461 2.44 -11.98 -21.96
CA LYS A 461 1.61 -11.69 -23.12
C LYS A 461 1.70 -12.77 -24.23
N LEU A 462 2.69 -13.67 -24.13
CA LEU A 462 2.81 -14.80 -25.06
C LEU A 462 2.00 -16.02 -24.60
N ILE A 463 1.56 -16.00 -23.35
CA ILE A 463 0.66 -17.04 -22.84
C ILE A 463 -0.73 -16.75 -23.41
N PRO A 464 -1.32 -17.72 -24.14
CA PRO A 464 -2.62 -17.48 -24.76
C PRO A 464 -3.75 -17.06 -23.79
N PRO A 465 -4.80 -16.37 -24.33
CA PRO A 465 -5.95 -15.89 -23.54
C PRO A 465 -6.79 -16.97 -22.86
N ASP A 466 -6.78 -18.19 -23.39
CA ASP A 466 -7.86 -19.17 -23.19
C ASP A 466 -8.13 -19.43 -21.69
N PRO A 467 -9.38 -19.82 -21.34
CA PRO A 467 -9.70 -20.00 -19.92
C PRO A 467 -8.89 -21.07 -19.19
N GLY A 468 -8.72 -22.23 -19.81
CA GLY A 468 -8.09 -23.39 -19.16
C GLY A 468 -6.58 -23.48 -19.29
N MET A 469 -5.93 -22.41 -19.76
CA MET A 469 -4.54 -22.45 -20.22
C MET A 469 -3.56 -22.90 -19.14
N THR A 470 -2.65 -23.80 -19.54
CA THR A 470 -1.55 -24.28 -18.72
C THR A 470 -0.25 -24.01 -19.46
N LEU A 471 0.86 -24.07 -18.74
CA LEU A 471 2.18 -23.84 -19.34
C LEU A 471 2.49 -24.88 -20.42
N ALA A 472 2.17 -26.15 -20.13
CA ALA A 472 2.34 -27.25 -21.08
C ALA A 472 1.55 -26.99 -22.37
N LYS A 473 0.29 -26.61 -22.24
CA LYS A 473 -0.55 -26.23 -23.40
C LYS A 473 -0.01 -24.99 -24.14
N ALA A 474 0.51 -24.04 -23.38
CA ALA A 474 1.01 -22.77 -23.93
C ALA A 474 2.20 -23.04 -24.82
N PHE A 475 3.10 -23.89 -24.35
CA PHE A 475 4.33 -24.25 -25.10
C PHE A 475 4.10 -25.02 -26.40
N GLU A 476 2.99 -25.76 -26.49
CA GLU A 476 2.61 -26.49 -27.70
C GLU A 476 1.89 -25.61 -28.73
N ALA A 477 1.16 -24.61 -28.23
CA ALA A 477 0.34 -23.74 -29.07
C ALA A 477 1.13 -22.54 -29.62
N GLU A 478 2.18 -22.14 -28.91
CA GLU A 478 2.92 -20.91 -29.20
C GLU A 478 4.40 -21.24 -29.28
N PRO A 479 4.96 -21.26 -30.51
CA PRO A 479 6.40 -21.54 -30.73
C PRO A 479 7.41 -20.61 -30.02
N GLN A 480 7.00 -19.38 -29.67
CA GLN A 480 7.86 -18.43 -28.94
C GLN A 480 8.20 -18.85 -27.50
N LEU A 481 7.30 -19.62 -26.89
CA LEU A 481 7.54 -20.19 -25.56
C LEU A 481 8.77 -21.15 -25.48
N PRO A 482 8.78 -22.26 -26.25
CA PRO A 482 10.03 -23.06 -26.35
C PRO A 482 11.29 -22.24 -26.65
N GLU A 483 11.17 -21.30 -27.59
CA GLU A 483 12.28 -20.45 -28.05
C GLU A 483 12.91 -19.58 -26.96
N ILE A 484 12.09 -18.86 -26.19
CA ILE A 484 12.65 -17.98 -25.15
C ILE A 484 13.15 -18.79 -23.95
N TYR A 485 12.54 -19.96 -23.71
CA TYR A 485 13.03 -20.90 -22.71
C TYR A 485 14.51 -21.28 -22.95
N GLU A 486 14.84 -21.70 -24.18
CA GLU A 486 16.19 -22.16 -24.52
C GLU A 486 17.18 -20.99 -24.68
N ALA A 487 16.66 -19.81 -25.02
CA ALA A 487 17.49 -18.63 -25.30
C ALA A 487 17.67 -17.69 -24.11
N ASP A 488 16.95 -17.90 -23.01
CA ASP A 488 16.96 -16.94 -21.90
C ASP A 488 17.00 -17.62 -20.51
N GLU A 489 18.14 -17.49 -19.83
CA GLU A 489 18.35 -18.03 -18.46
C GLU A 489 17.28 -17.58 -17.48
N GLU A 490 16.85 -16.31 -17.58
CA GLU A 490 15.82 -15.76 -16.69
C GLU A 490 14.46 -16.44 -16.91
N VAL A 491 14.12 -16.67 -18.18
CA VAL A 491 12.91 -17.40 -18.58
C VAL A 491 12.97 -18.88 -18.15
N LYS A 492 14.12 -19.53 -18.30
CA LYS A 492 14.33 -20.92 -17.83
C LYS A 492 14.08 -21.08 -16.32
N ALA A 493 14.81 -20.30 -15.51
CA ALA A 493 14.61 -20.24 -14.06
C ALA A 493 13.15 -19.99 -13.74
N LEU A 494 12.50 -19.11 -14.49
CA LEU A 494 11.10 -18.78 -14.25
C LEU A 494 10.12 -19.91 -14.58
N ILE A 495 10.31 -20.59 -15.71
CA ILE A 495 9.40 -21.67 -16.12
C ILE A 495 9.64 -22.93 -15.30
N ASP A 496 10.89 -23.20 -14.92
CA ASP A 496 11.21 -24.31 -14.02
C ASP A 496 10.44 -24.19 -12.72
N MET A 497 10.35 -22.94 -12.25
CA MET A 497 9.62 -22.59 -11.03
C MET A 497 8.11 -22.67 -11.23
N ALA A 498 7.64 -22.02 -12.31
CA ALA A 498 6.22 -22.04 -12.69
C ALA A 498 5.69 -23.46 -12.93
N ARG A 499 6.54 -24.38 -13.37
CA ARG A 499 6.14 -25.80 -13.52
C ARG A 499 5.78 -26.47 -12.21
N LYS A 500 6.52 -26.15 -11.16
CA LYS A 500 6.22 -26.71 -9.82
C LYS A 500 4.95 -26.12 -9.19
N LEU A 501 4.58 -24.90 -9.60
CA LEU A 501 3.48 -24.12 -8.99
C LEU A 501 2.23 -24.05 -9.85
N GLU A 502 2.26 -24.72 -10.99
CA GLU A 502 1.16 -24.63 -11.94
C GLU A 502 -0.15 -25.10 -11.30
N GLY A 503 -1.14 -24.21 -11.34
CA GLY A 503 -2.50 -24.48 -10.82
C GLY A 503 -2.71 -24.29 -9.33
N VAL A 504 -1.67 -23.87 -8.62
CA VAL A 504 -1.71 -23.88 -7.15
C VAL A 504 -2.62 -22.77 -6.58
N THR A 505 -3.32 -23.08 -5.47
CA THR A 505 -4.20 -22.13 -4.75
C THR A 505 -3.48 -20.90 -4.19
N ARG A 506 -4.03 -19.74 -4.54
CA ARG A 506 -3.35 -18.46 -4.45
C ARG A 506 -3.74 -17.63 -3.22
N ASN A 507 -4.98 -17.78 -2.77
CA ASN A 507 -5.48 -16.97 -1.66
C ASN A 507 -6.99 -17.04 -1.63
N ALA A 508 -7.51 -16.23 -0.71
CA ALA A 508 -8.95 -16.02 -0.49
C ALA A 508 -9.73 -15.53 -1.70
N GLY A 509 -10.97 -16.00 -1.79
CA GLY A 509 -11.67 -16.18 -3.05
C GLY A 509 -12.68 -15.09 -3.19
N LYS A 510 -12.91 -14.63 -4.40
CA LYS A 510 -13.06 -13.22 -4.62
C LYS A 510 -14.30 -12.53 -3.88
N HIS A 511 -15.53 -12.96 -4.22
CA HIS A 511 -16.75 -12.90 -3.42
C HIS A 511 -17.34 -14.30 -3.77
N ALA A 512 -18.65 -14.37 -3.64
CA ALA A 512 -19.51 -15.26 -4.34
C ALA A 512 -19.47 -15.27 -5.88
N GLY A 513 -19.96 -16.37 -6.46
CA GLY A 513 -20.60 -16.36 -7.78
C GLY A 513 -22.13 -16.29 -7.62
N GLY A 514 -22.65 -17.03 -6.64
CA GLY A 514 -24.06 -16.97 -6.20
C GLY A 514 -24.25 -17.29 -4.73
N VAL A 515 -25.45 -17.03 -4.19
CA VAL A 515 -25.69 -17.04 -2.75
C VAL A 515 -26.57 -18.21 -2.34
N VAL A 516 -26.25 -18.81 -1.20
CA VAL A 516 -26.84 -20.06 -0.78
C VAL A 516 -27.81 -19.85 0.38
N ILE A 517 -28.81 -20.76 0.47
CA ILE A 517 -29.88 -20.70 1.43
C ILE A 517 -29.94 -22.02 2.20
N ALA A 518 -29.72 -21.95 3.52
CA ALA A 518 -29.98 -23.08 4.42
C ALA A 518 -31.37 -22.96 5.06
N PRO A 519 -31.91 -24.06 5.62
CA PRO A 519 -33.14 -23.99 6.44
C PRO A 519 -32.92 -23.48 7.88
N THR A 520 -31.68 -23.52 8.37
CA THR A 520 -31.25 -22.92 9.63
C THR A 520 -29.96 -22.09 9.41
N LYS A 521 -29.39 -21.54 10.47
CA LYS A 521 -28.06 -20.93 10.42
C LYS A 521 -27.13 -21.63 9.44
N ILE A 522 -26.44 -20.89 8.58
CA ILE A 522 -25.54 -21.53 7.63
C ILE A 522 -24.41 -22.29 8.36
N THR A 523 -24.01 -21.75 9.50
CA THR A 523 -23.00 -22.37 10.35
C THR A 523 -23.41 -23.76 10.88
N ASP A 524 -24.70 -24.09 10.85
CA ASP A 524 -25.17 -25.47 11.05
C ASP A 524 -24.63 -26.46 10.03
N PHE A 525 -24.07 -25.97 8.93
CA PHE A 525 -23.59 -26.83 7.87
C PHE A 525 -22.11 -26.67 7.55
N ALA A 526 -21.60 -25.44 7.47
CA ALA A 526 -20.17 -25.20 7.25
C ALA A 526 -19.68 -23.95 7.98
N PRO A 527 -18.35 -23.87 8.23
CA PRO A 527 -17.75 -22.56 8.52
C PRO A 527 -17.52 -21.79 7.22
N LEU A 528 -17.48 -20.46 7.30
CA LEU A 528 -17.45 -19.56 6.12
C LEU A 528 -16.14 -18.78 6.05
N TYR A 529 -15.99 -17.93 5.04
CA TYR A 529 -14.96 -16.89 4.98
C TYR A 529 -15.67 -15.52 5.01
N CYS A 530 -15.05 -14.55 5.67
CA CYS A 530 -15.55 -13.18 5.73
C CYS A 530 -14.44 -12.21 5.52
N ASP A 531 -14.81 -11.01 5.13
CA ASP A 531 -13.86 -9.99 4.69
C ASP A 531 -13.00 -9.47 5.84
N GLU A 532 -12.26 -8.41 5.56
CA GLU A 532 -11.28 -7.81 6.47
C GLU A 532 -11.91 -7.30 7.78
N GLU A 533 -13.19 -6.97 7.73
CA GLU A 533 -13.96 -6.51 8.89
C GLU A 533 -14.86 -7.62 9.45
N GLY A 534 -14.58 -8.87 9.08
CA GLY A 534 -15.46 -9.99 9.40
C GLY A 534 -16.90 -9.87 8.91
N LYS A 535 -17.09 -9.21 7.78
CA LYS A 535 -18.43 -9.01 7.21
C LYS A 535 -18.53 -9.78 5.92
N HIS A 536 -19.71 -9.72 5.30
CA HIS A 536 -19.96 -10.33 3.99
C HIS A 536 -19.44 -11.77 3.92
N PRO A 537 -20.07 -12.65 4.69
CA PRO A 537 -19.70 -14.04 4.83
C PRO A 537 -19.85 -14.84 3.55
N VAL A 538 -18.83 -15.62 3.22
CA VAL A 538 -18.85 -16.47 2.05
C VAL A 538 -18.33 -17.84 2.44
N THR A 539 -18.88 -18.86 1.82
CA THR A 539 -18.67 -20.23 2.28
C THR A 539 -17.30 -20.70 1.88
N GLN A 540 -16.65 -21.45 2.76
CA GLN A 540 -15.34 -22.03 2.48
C GLN A 540 -15.36 -23.13 1.43
N PHE A 541 -16.54 -23.70 1.16
CA PHE A 541 -16.71 -24.67 0.09
C PHE A 541 -17.14 -23.89 -1.13
N ASP A 542 -16.63 -24.27 -2.30
CA ASP A 542 -17.00 -23.59 -3.53
C ASP A 542 -18.35 -24.09 -4.05
N LYS A 543 -18.73 -23.55 -5.20
CA LYS A 543 -20.06 -23.73 -5.77
C LYS A 543 -20.46 -25.19 -5.94
N SER A 544 -19.63 -25.98 -6.61
CA SER A 544 -19.92 -27.40 -6.75
C SER A 544 -19.96 -28.13 -5.42
N ASP A 545 -19.02 -27.84 -4.54
CA ASP A 545 -18.90 -28.55 -3.26
C ASP A 545 -19.97 -28.21 -2.27
N VAL A 546 -20.33 -26.95 -2.23
CA VAL A 546 -21.30 -26.49 -1.26
C VAL A 546 -22.69 -27.06 -1.56
N GLU A 547 -23.02 -27.20 -2.83
CA GLU A 547 -24.32 -27.73 -3.21
C GLU A 547 -24.32 -29.25 -3.10
N TYR A 548 -23.18 -29.88 -3.34
CA TYR A 548 -23.02 -31.34 -3.13
C TYR A 548 -23.18 -31.71 -1.65
N ALA A 549 -22.84 -30.77 -0.75
CA ALA A 549 -23.16 -30.88 0.67
C ALA A 549 -24.62 -30.48 1.00
N GLY A 550 -25.46 -30.31 -0.01
CA GLY A 550 -26.90 -30.31 0.17
C GLY A 550 -27.68 -29.01 0.07
N LEU A 551 -27.05 -27.84 -0.07
CA LEU A 551 -27.83 -26.58 -0.05
C LEU A 551 -28.04 -25.88 -1.40
N VAL A 552 -29.23 -25.31 -1.56
CA VAL A 552 -29.66 -24.65 -2.79
C VAL A 552 -28.99 -23.27 -2.93
N LYS A 553 -28.60 -22.92 -4.16
CA LYS A 553 -27.90 -21.65 -4.45
C LYS A 553 -28.60 -20.65 -5.39
N PHE A 554 -28.16 -19.40 -5.33
CA PHE A 554 -28.76 -18.30 -6.08
C PHE A 554 -27.70 -17.46 -6.72
N ASP A 555 -27.69 -17.41 -8.05
CA ASP A 555 -26.53 -16.91 -8.79
C ASP A 555 -26.50 -15.39 -8.93
N PHE A 556 -25.31 -14.82 -9.11
CA PHE A 556 -25.18 -13.49 -9.73
C PHE A 556 -25.22 -13.70 -11.23
N LEU A 557 -26.00 -12.93 -11.99
CA LEU A 557 -25.73 -12.80 -13.44
C LEU A 557 -25.95 -11.35 -13.82
N GLY A 558 -24.86 -10.69 -14.24
CA GLY A 558 -24.83 -9.24 -14.40
C GLY A 558 -24.73 -8.82 -15.83
N LEU A 559 -25.29 -9.64 -16.67
CA LEU A 559 -25.62 -9.29 -18.02
C LEU A 559 -26.19 -7.90 -18.04
N ARG A 560 -25.60 -6.98 -17.28
CA ARG A 560 -26.30 -5.97 -16.54
C ARG A 560 -27.18 -5.17 -17.43
N THR A 561 -26.83 -4.51 -18.53
CA THR A 561 -27.80 -4.29 -19.63
C THR A 561 -29.32 -4.15 -19.27
N LEU A 562 -29.79 -4.91 -18.27
CA LEU A 562 -31.05 -4.62 -17.52
C LEU A 562 -31.07 -3.21 -16.91
N THR A 563 -29.93 -2.81 -16.37
CA THR A 563 -29.75 -1.48 -15.83
C THR A 563 -29.96 -0.45 -16.93
N ILE A 564 -29.37 -0.65 -18.10
CA ILE A 564 -29.60 0.18 -19.31
C ILE A 564 -31.06 0.32 -19.65
N ILE A 565 -31.72 -0.81 -19.81
CA ILE A 565 -33.13 -0.80 -20.20
C ILE A 565 -33.93 -0.06 -19.14
N ASN A 566 -33.77 -0.47 -17.89
CA ASN A 566 -34.34 0.24 -16.74
C ASN A 566 -34.20 1.76 -16.87
N TRP A 567 -32.98 2.25 -17.01
CA TRP A 567 -32.72 3.69 -17.09
C TRP A 567 -33.37 4.37 -18.29
N ALA A 568 -33.31 3.69 -19.42
CA ALA A 568 -33.93 4.15 -20.65
C ALA A 568 -35.45 4.21 -20.53
N LEU A 569 -36.05 3.22 -19.86
CA LEU A 569 -37.49 3.23 -19.53
C LEU A 569 -37.91 4.37 -18.61
N GLU A 570 -37.11 4.66 -17.61
CA GLU A 570 -37.36 5.80 -16.73
C GLU A 570 -37.40 7.11 -17.52
N MET A 571 -36.48 7.20 -18.47
CA MET A 571 -36.30 8.38 -19.29
C MET A 571 -37.39 8.50 -20.34
N ILE A 572 -37.83 7.37 -20.88
CA ILE A 572 -38.96 7.31 -21.80
C ILE A 572 -40.24 7.68 -21.09
N ASN A 573 -40.45 7.14 -19.91
CA ASN A 573 -41.70 7.35 -19.18
C ASN A 573 -41.84 8.74 -18.57
N LYS A 574 -40.73 9.46 -18.45
CA LYS A 574 -40.78 10.91 -18.18
C LYS A 574 -41.42 11.67 -19.35
N ARG A 575 -41.05 11.28 -20.58
CA ARG A 575 -41.75 11.74 -21.78
C ARG A 575 -43.23 11.42 -21.76
N ARG A 576 -43.73 10.84 -20.66
CA ARG A 576 -45.15 10.69 -20.52
C ARG A 576 -45.82 12.05 -20.35
N ALA A 577 -45.49 12.82 -19.33
CA ALA A 577 -46.33 13.97 -19.02
C ALA A 577 -46.13 15.04 -20.09
N LYS A 578 -44.94 15.00 -20.70
CA LYS A 578 -44.56 15.88 -21.82
C LYS A 578 -45.52 15.72 -22.99
N ASN A 579 -46.07 14.51 -23.16
CA ASN A 579 -47.08 14.26 -24.17
C ASN A 579 -48.07 13.13 -23.79
N GLY A 580 -48.44 13.08 -22.50
CA GLY A 580 -49.52 12.17 -22.04
C GLY A 580 -49.49 10.70 -22.48
N GLU A 581 -48.30 10.10 -22.58
CA GLU A 581 -48.16 8.69 -23.05
C GLU A 581 -48.11 7.74 -21.85
N PRO A 582 -48.82 6.60 -21.88
CA PRO A 582 -48.74 5.70 -20.72
C PRO A 582 -47.33 5.15 -20.49
N PRO A 583 -46.97 4.81 -19.24
CA PRO A 583 -45.64 4.22 -19.01
C PRO A 583 -45.52 2.85 -19.68
N LEU A 584 -44.29 2.44 -19.97
CA LEU A 584 -44.11 1.28 -20.84
C LEU A 584 -43.72 0.08 -20.00
N ASP A 585 -44.32 -1.07 -20.32
CA ASP A 585 -43.97 -2.33 -19.67
C ASP A 585 -43.28 -3.17 -20.72
N ILE A 586 -41.96 -3.30 -20.61
CA ILE A 586 -41.21 -4.17 -21.53
C ILE A 586 -41.77 -5.60 -21.68
N ALA A 587 -42.32 -6.16 -20.60
CA ALA A 587 -43.01 -7.44 -20.64
C ALA A 587 -44.29 -7.43 -21.51
N ALA A 588 -44.92 -6.27 -21.67
CA ALA A 588 -46.16 -6.15 -22.46
C ALA A 588 -46.04 -5.95 -23.98
N ILE A 589 -44.84 -6.08 -24.55
CA ILE A 589 -44.62 -5.65 -25.94
C ILE A 589 -45.15 -6.61 -27.04
N PRO A 590 -45.58 -6.07 -28.20
CA PRO A 590 -45.84 -6.91 -29.36
C PRO A 590 -44.54 -7.46 -29.95
N LEU A 591 -44.62 -8.65 -30.54
CA LEU A 591 -43.43 -9.42 -30.94
C LEU A 591 -43.03 -9.27 -32.44
N ASP A 592 -43.70 -8.38 -33.18
CA ASP A 592 -43.67 -8.41 -34.67
C ASP A 592 -43.34 -7.06 -35.33
N ASP A 593 -42.78 -6.14 -34.58
CA ASP A 593 -42.63 -4.76 -35.03
C ASP A 593 -41.76 -4.65 -36.29
N LYS A 594 -42.25 -3.93 -37.31
CA LYS A 594 -41.55 -3.86 -38.59
C LYS A 594 -40.30 -2.96 -38.59
N LYS A 595 -40.40 -1.76 -38.04
CA LYS A 595 -39.20 -0.93 -37.76
C LYS A 595 -38.07 -1.77 -37.14
N SER A 596 -38.42 -2.54 -36.10
CA SER A 596 -37.45 -3.45 -35.48
C SER A 596 -36.81 -4.41 -36.51
N PHE A 597 -37.64 -5.17 -37.24
CA PHE A 597 -37.14 -6.08 -38.28
C PHE A 597 -36.45 -5.37 -39.47
N ASP A 598 -36.87 -4.16 -39.79
CA ASP A 598 -36.21 -3.38 -40.85
C ASP A 598 -34.75 -3.11 -40.45
N MET A 599 -34.57 -2.56 -39.25
CA MET A 599 -33.25 -2.25 -38.71
C MET A 599 -32.36 -3.46 -38.56
N LEU A 600 -32.96 -4.58 -38.15
CA LEU A 600 -32.27 -5.87 -38.05
C LEU A 600 -31.82 -6.42 -39.40
N GLN A 601 -32.67 -6.34 -40.42
CA GLN A 601 -32.32 -6.76 -41.77
C GLN A 601 -31.22 -5.88 -42.38
N ARG A 602 -31.12 -4.66 -41.88
CA ARG A 602 -30.00 -3.76 -42.17
C ARG A 602 -28.71 -4.05 -41.35
N SER A 603 -28.73 -5.09 -40.52
CA SER A 603 -27.58 -5.49 -39.69
C SER A 603 -27.07 -4.45 -38.66
N GLU A 604 -27.91 -3.49 -38.30
CA GLU A 604 -27.51 -2.40 -37.39
C GLU A 604 -27.89 -2.80 -35.94
N THR A 605 -27.30 -3.92 -35.49
CA THR A 605 -27.65 -4.59 -34.20
C THR A 605 -26.53 -4.49 -33.15
N THR A 606 -25.85 -3.34 -33.16
CA THR A 606 -24.87 -3.08 -32.14
C THR A 606 -25.64 -2.80 -30.87
N ALA A 607 -25.14 -3.37 -29.78
CA ALA A 607 -25.79 -3.29 -28.47
C ALA A 607 -27.13 -4.03 -28.41
N VAL A 608 -27.44 -4.82 -29.45
CA VAL A 608 -28.56 -5.73 -29.44
C VAL A 608 -27.94 -7.06 -28.98
N PHE A 609 -28.46 -7.61 -27.89
CA PHE A 609 -27.64 -8.47 -27.05
C PHE A 609 -27.31 -9.81 -27.74
N GLN A 610 -26.03 -10.17 -27.77
CA GLN A 610 -25.49 -11.42 -28.36
C GLN A 610 -25.28 -11.31 -29.83
N LEU A 611 -25.77 -10.23 -30.44
CA LEU A 611 -25.68 -10.03 -31.89
C LEU A 611 -24.78 -8.81 -32.23
N GLU A 612 -23.81 -8.56 -31.35
CA GLU A 612 -22.93 -7.40 -31.39
C GLU A 612 -21.65 -7.73 -32.17
N SER A 613 -21.33 -9.02 -32.30
CA SER A 613 -20.18 -9.48 -33.08
C SER A 613 -20.29 -8.99 -34.54
N ARG A 614 -19.15 -8.68 -35.15
CA ARG A 614 -19.09 -8.30 -36.57
C ARG A 614 -19.57 -9.50 -37.38
N GLY A 615 -19.00 -10.67 -37.06
CA GLY A 615 -19.39 -11.93 -37.68
C GLY A 615 -20.88 -12.19 -37.60
N MET A 616 -21.47 -11.97 -36.42
CA MET A 616 -22.89 -12.21 -36.22
C MET A 616 -23.76 -11.24 -37.03
N LYS A 617 -23.32 -10.00 -37.16
CA LYS A 617 -23.94 -9.04 -38.08
C LYS A 617 -23.78 -9.45 -39.55
N ASP A 618 -22.65 -10.06 -39.89
CA ASP A 618 -22.49 -10.66 -41.22
C ASP A 618 -23.53 -11.75 -41.45
N LEU A 619 -23.74 -12.61 -40.46
CA LEU A 619 -24.72 -13.72 -40.49
C LEU A 619 -26.15 -13.22 -40.60
N ILE A 620 -26.48 -12.20 -39.81
CA ILE A 620 -27.81 -11.59 -39.86
C ILE A 620 -28.12 -11.07 -41.27
N LYS A 621 -27.11 -10.47 -41.90
CA LYS A 621 -27.25 -9.94 -43.25
C LYS A 621 -27.60 -11.04 -44.26
N ARG A 622 -26.86 -12.14 -44.22
CA ARG A 622 -27.12 -13.33 -45.06
C ARG A 622 -28.47 -13.98 -44.76
N LEU A 623 -28.80 -14.06 -43.47
CA LEU A 623 -29.96 -14.80 -43.00
C LEU A 623 -31.26 -14.02 -43.17
N GLN A 624 -31.24 -12.70 -42.97
CA GLN A 624 -32.43 -11.86 -43.13
C GLN A 624 -33.62 -12.37 -42.29
N PRO A 625 -33.45 -12.42 -40.96
CA PRO A 625 -34.50 -12.91 -40.06
C PRO A 625 -35.68 -11.94 -39.99
N ASP A 626 -36.88 -12.44 -40.25
CA ASP A 626 -38.08 -11.60 -40.44
C ASP A 626 -39.22 -11.97 -39.49
N CYS A 627 -38.93 -12.78 -38.47
CA CYS A 627 -39.92 -13.18 -37.47
C CYS A 627 -39.20 -13.51 -36.19
N PHE A 628 -39.96 -13.67 -35.11
CA PHE A 628 -39.40 -13.85 -33.77
C PHE A 628 -38.65 -15.18 -33.64
N GLU A 629 -39.20 -16.20 -34.28
CA GLU A 629 -38.61 -17.53 -34.33
C GLU A 629 -37.16 -17.47 -34.81
N ASP A 630 -36.93 -16.63 -35.82
CA ASP A 630 -35.59 -16.43 -36.38
C ASP A 630 -34.67 -15.75 -35.38
N MET A 631 -35.23 -14.82 -34.59
CA MET A 631 -34.47 -14.22 -33.51
C MET A 631 -34.08 -15.22 -32.44
N ILE A 632 -34.97 -16.18 -32.13
CA ILE A 632 -34.60 -17.23 -31.17
C ILE A 632 -33.45 -18.07 -31.74
N ALA A 633 -33.47 -18.25 -33.06
CA ALA A 633 -32.49 -19.07 -33.75
C ALA A 633 -31.07 -18.50 -33.82
N LEU A 634 -30.90 -17.18 -33.76
CA LEU A 634 -29.59 -16.56 -34.03
C LEU A 634 -28.41 -17.06 -33.21
N VAL A 635 -28.67 -17.33 -31.94
CA VAL A 635 -27.66 -17.90 -31.03
C VAL A 635 -27.28 -19.34 -31.42
N ALA A 636 -28.27 -20.09 -31.93
CA ALA A 636 -28.07 -21.48 -32.35
C ALA A 636 -27.35 -21.53 -33.70
N LEU A 637 -27.63 -20.55 -34.56
CA LEU A 637 -26.96 -20.37 -35.84
C LEU A 637 -25.51 -19.91 -35.70
N PHE A 638 -25.21 -18.99 -34.79
CA PHE A 638 -23.83 -18.47 -34.65
C PHE A 638 -22.95 -19.45 -33.85
N ARG A 639 -22.64 -20.60 -34.46
CA ARG A 639 -21.74 -21.58 -33.88
C ARG A 639 -20.94 -22.25 -34.98
N PRO A 640 -19.68 -22.59 -34.68
CA PRO A 640 -18.77 -23.09 -35.72
C PRO A 640 -19.21 -24.39 -36.39
N GLY A 641 -19.79 -25.31 -35.60
CA GLY A 641 -20.27 -26.61 -36.08
C GLY A 641 -21.37 -26.46 -37.12
N PRO A 642 -22.54 -25.94 -36.72
CA PRO A 642 -23.68 -25.74 -37.63
C PRO A 642 -23.40 -24.97 -38.93
N LEU A 643 -22.63 -23.87 -38.84
CA LEU A 643 -22.18 -23.09 -40.03
C LEU A 643 -21.32 -23.91 -40.99
N GLN A 644 -20.34 -24.63 -40.43
CA GLN A 644 -19.36 -25.38 -41.20
C GLN A 644 -19.74 -26.88 -41.23
N SER A 645 -21.03 -27.15 -41.26
CA SER A 645 -21.55 -28.47 -41.66
C SER A 645 -22.70 -28.36 -42.68
N GLY A 646 -22.86 -27.15 -43.24
CA GLY A 646 -23.87 -26.91 -44.25
C GLY A 646 -25.23 -26.59 -43.69
N MET A 647 -25.41 -26.79 -42.37
CA MET A 647 -26.71 -26.65 -41.71
C MET A 647 -27.26 -25.21 -41.77
N VAL A 648 -26.36 -24.24 -41.59
CA VAL A 648 -26.72 -22.81 -41.65
C VAL A 648 -27.21 -22.40 -43.05
N ASP A 649 -26.51 -22.84 -44.09
CA ASP A 649 -26.95 -22.60 -45.47
C ASP A 649 -28.26 -23.31 -45.84
N ASN A 650 -28.42 -24.56 -45.37
CA ASN A 650 -29.71 -25.29 -45.52
C ASN A 650 -30.82 -24.50 -44.88
N PHE A 651 -30.59 -24.09 -43.64
CA PHE A 651 -31.58 -23.35 -42.90
C PHE A 651 -31.99 -22.06 -43.60
N ILE A 652 -31.02 -21.25 -43.97
CA ILE A 652 -31.23 -20.01 -44.76
C ILE A 652 -31.96 -20.29 -46.07
N ASP A 653 -31.52 -21.31 -46.80
CA ASP A 653 -32.16 -21.64 -48.06
C ASP A 653 -33.62 -22.15 -47.90
N ARG A 654 -33.85 -23.00 -46.91
CA ARG A 654 -35.21 -23.56 -46.70
C ARG A 654 -36.14 -22.47 -46.17
N LYS A 655 -35.58 -21.50 -45.45
CA LYS A 655 -36.33 -20.32 -45.00
C LYS A 655 -36.90 -19.50 -46.16
N HIS A 656 -36.15 -19.30 -47.24
CA HIS A 656 -36.59 -18.43 -48.34
C HIS A 656 -37.22 -19.16 -49.56
N GLY A 657 -37.58 -20.44 -49.41
CA GLY A 657 -38.13 -21.23 -50.51
C GLY A 657 -37.15 -21.67 -51.59
N ARG A 658 -35.87 -21.37 -51.45
CA ARG A 658 -34.85 -21.77 -52.43
C ARG A 658 -34.38 -23.22 -52.24
N GLU A 659 -34.76 -23.84 -51.11
CA GLU A 659 -34.69 -25.28 -50.94
C GLU A 659 -36.01 -25.72 -50.30
N GLU A 660 -36.59 -26.79 -50.83
CA GLU A 660 -37.86 -27.26 -50.33
C GLU A 660 -37.70 -27.80 -48.91
N ILE A 661 -38.67 -27.46 -48.06
CA ILE A 661 -38.72 -27.93 -46.67
C ILE A 661 -39.24 -29.39 -46.59
N SER A 662 -38.53 -30.20 -45.82
CA SER A 662 -38.88 -31.57 -45.58
C SER A 662 -38.97 -31.79 -44.09
N TYR A 663 -39.63 -32.85 -43.68
CA TYR A 663 -39.93 -33.09 -42.26
C TYR A 663 -39.39 -34.44 -41.74
N PRO A 664 -38.08 -34.61 -41.56
CA PRO A 664 -37.04 -33.58 -41.69
C PRO A 664 -36.22 -33.65 -43.00
N ASP A 665 -36.18 -34.82 -43.65
CA ASP A 665 -35.27 -35.07 -44.78
C ASP A 665 -36.06 -35.34 -46.06
N VAL A 666 -35.45 -35.01 -47.20
CA VAL A 666 -36.01 -35.24 -48.55
C VAL A 666 -36.63 -36.64 -48.74
N GLN A 667 -35.82 -37.66 -48.46
CA GLN A 667 -36.26 -39.08 -48.48
C GLN A 667 -37.00 -39.41 -47.17
N TRP A 668 -36.28 -39.25 -46.05
CA TRP A 668 -36.75 -39.69 -44.73
C TRP A 668 -37.51 -38.57 -44.03
N GLN A 669 -38.77 -38.42 -44.45
CA GLN A 669 -39.68 -37.46 -43.86
C GLN A 669 -41.03 -38.08 -43.66
N HIS A 670 -41.76 -37.44 -42.74
CA HIS A 670 -43.12 -37.80 -42.41
C HIS A 670 -43.82 -36.54 -41.86
N GLU A 671 -45.04 -36.35 -42.36
CA GLU A 671 -45.82 -35.12 -42.10
C GLU A 671 -46.21 -34.91 -40.64
N SER A 672 -46.27 -35.99 -39.85
CA SER A 672 -46.44 -35.86 -38.38
C SER A 672 -45.28 -35.13 -37.67
N LEU A 673 -44.13 -34.97 -38.34
CA LEU A 673 -43.00 -34.23 -37.77
C LEU A 673 -43.04 -32.72 -38.04
N LYS A 674 -43.95 -32.33 -38.92
CA LYS A 674 -44.16 -30.93 -39.30
C LYS A 674 -44.44 -29.99 -38.12
N PRO A 675 -45.36 -30.33 -37.19
CA PRO A 675 -45.53 -29.41 -36.04
C PRO A 675 -44.27 -29.23 -35.17
N VAL A 676 -43.49 -30.29 -35.05
CA VAL A 676 -42.23 -30.25 -34.29
C VAL A 676 -41.18 -29.42 -35.02
N LEU A 677 -41.04 -29.66 -36.33
CA LEU A 677 -39.96 -29.06 -37.11
C LEU A 677 -40.34 -27.79 -37.89
N GLU A 678 -41.62 -27.40 -37.86
CA GLU A 678 -42.13 -26.13 -38.43
C GLU A 678 -41.25 -24.90 -38.23
N PRO A 679 -40.92 -24.55 -36.96
CA PRO A 679 -40.17 -23.31 -36.72
C PRO A 679 -38.79 -23.22 -37.38
N THR A 680 -38.18 -24.38 -37.66
CA THR A 680 -36.84 -24.47 -38.21
C THR A 680 -36.81 -24.98 -39.65
N TYR A 681 -37.95 -24.90 -40.37
CA TYR A 681 -38.05 -25.28 -41.79
C TYR A 681 -37.63 -26.71 -42.09
N GLY A 682 -38.04 -27.60 -41.18
CA GLY A 682 -37.74 -29.00 -41.31
C GLY A 682 -36.36 -29.43 -40.86
N ILE A 683 -35.56 -28.50 -40.31
CA ILE A 683 -34.24 -28.82 -39.78
C ILE A 683 -34.37 -29.16 -38.30
N ILE A 684 -33.73 -30.25 -37.88
CA ILE A 684 -33.73 -30.66 -36.47
C ILE A 684 -32.64 -29.80 -35.80
N LEU A 685 -33.05 -28.70 -35.15
CA LEU A 685 -32.09 -27.76 -34.56
C LEU A 685 -31.93 -27.87 -33.05
N TYR A 686 -33.04 -28.16 -32.35
CA TYR A 686 -33.08 -28.02 -30.89
C TYR A 686 -33.21 -29.32 -30.14
N GLN A 687 -32.73 -29.28 -28.91
CA GLN A 687 -32.90 -30.37 -27.97
C GLN A 687 -34.37 -30.69 -27.78
N GLU A 688 -35.20 -29.67 -27.74
CA GLU A 688 -36.62 -29.86 -27.47
C GLU A 688 -37.38 -30.39 -28.70
N GLN A 689 -36.82 -30.18 -29.89
CA GLN A 689 -37.38 -30.81 -31.11
C GLN A 689 -37.15 -32.32 -31.10
N VAL A 690 -35.94 -32.72 -30.71
CA VAL A 690 -35.64 -34.13 -30.44
C VAL A 690 -36.72 -34.73 -29.55
N MET A 691 -37.06 -34.05 -28.46
CA MET A 691 -38.03 -34.54 -27.49
C MET A 691 -39.45 -34.63 -28.05
N GLN A 692 -39.89 -33.57 -28.75
CA GLN A 692 -41.19 -33.56 -29.43
C GLN A 692 -41.36 -34.67 -30.49
N ILE A 693 -40.27 -34.99 -31.19
CA ILE A 693 -40.29 -36.03 -32.23
C ILE A 693 -40.49 -37.41 -31.61
N ALA A 694 -39.82 -37.68 -30.48
CA ALA A 694 -39.99 -38.93 -29.70
C ALA A 694 -41.39 -39.05 -29.13
N GLN A 695 -41.95 -37.94 -28.65
CA GLN A 695 -43.35 -37.95 -28.20
C GLN A 695 -44.35 -38.23 -29.32
N VAL A 696 -44.28 -37.41 -30.38
CA VAL A 696 -45.28 -37.44 -31.47
C VAL A 696 -45.10 -38.67 -32.38
N LEU A 697 -43.89 -38.88 -32.91
CA LEU A 697 -43.63 -39.95 -33.87
C LEU A 697 -43.72 -41.32 -33.20
N SER A 698 -43.06 -41.47 -32.04
CA SER A 698 -42.82 -42.80 -31.46
C SER A 698 -43.38 -43.02 -30.05
N GLY A 699 -44.28 -42.14 -29.60
CA GLY A 699 -45.04 -42.33 -28.36
C GLY A 699 -44.25 -42.28 -27.06
N TYR A 700 -43.08 -41.64 -27.08
CA TYR A 700 -42.28 -41.48 -25.87
C TYR A 700 -43.00 -40.53 -24.94
N THR A 701 -42.76 -40.70 -23.65
CA THR A 701 -43.02 -39.65 -22.68
C THR A 701 -42.01 -38.53 -22.92
N LEU A 702 -42.35 -37.32 -22.48
CA LEU A 702 -41.44 -36.17 -22.58
C LEU A 702 -40.16 -36.39 -21.76
N GLY A 703 -40.27 -37.17 -20.67
CA GLY A 703 -39.17 -37.48 -19.78
C GLY A 703 -38.28 -38.57 -20.34
N GLY A 704 -38.88 -39.57 -20.99
CA GLY A 704 -38.16 -40.56 -21.75
C GLY A 704 -37.50 -39.99 -22.98
N ALA A 705 -38.12 -38.95 -23.55
CA ALA A 705 -37.55 -38.21 -24.67
C ALA A 705 -36.27 -37.43 -24.28
N ASP A 706 -36.34 -36.78 -23.12
CA ASP A 706 -35.17 -36.11 -22.53
C ASP A 706 -34.05 -37.11 -22.21
N MET A 707 -34.42 -38.34 -21.85
CA MET A 707 -33.43 -39.38 -21.58
C MET A 707 -32.72 -39.86 -22.84
N LEU A 708 -33.41 -39.81 -23.98
CA LEU A 708 -32.76 -40.16 -25.25
C LEU A 708 -31.76 -39.08 -25.67
N ARG A 709 -32.13 -37.81 -25.56
CA ARG A 709 -31.20 -36.73 -25.87
C ARG A 709 -29.93 -36.78 -25.02
N ARG A 710 -30.11 -37.08 -23.73
CA ARG A 710 -28.99 -37.25 -22.81
C ARG A 710 -28.09 -38.41 -23.25
N ALA A 711 -28.71 -39.55 -23.59
CA ALA A 711 -27.96 -40.71 -24.10
C ALA A 711 -27.25 -40.44 -25.43
N MET A 712 -27.79 -39.56 -26.26
CA MET A 712 -27.11 -39.14 -27.50
C MET A 712 -25.90 -38.25 -27.25
N GLY A 713 -25.86 -37.54 -26.11
CA GLY A 713 -24.68 -36.78 -25.71
C GLY A 713 -23.50 -37.68 -25.32
N LYS A 714 -23.79 -38.74 -24.59
CA LYS A 714 -22.78 -39.68 -24.06
C LYS A 714 -22.23 -40.62 -25.15
N LYS A 715 -23.10 -41.05 -26.05
CA LYS A 715 -22.75 -41.89 -27.23
C LYS A 715 -22.26 -43.30 -26.89
N LYS A 716 -22.71 -43.85 -25.76
CA LYS A 716 -22.21 -45.15 -25.26
C LYS A 716 -22.73 -46.34 -26.08
N PRO A 717 -22.00 -47.48 -26.08
CA PRO A 717 -22.42 -48.59 -26.98
C PRO A 717 -23.74 -49.30 -26.63
N GLU A 718 -23.87 -49.78 -25.38
CA GLU A 718 -25.05 -50.53 -24.94
C GLU A 718 -26.24 -49.59 -24.91
N GLU A 719 -26.03 -48.45 -24.26
CA GLU A 719 -27.06 -47.44 -24.03
C GLU A 719 -28.03 -47.29 -25.20
N MET A 720 -27.52 -46.80 -26.34
CA MET A 720 -28.32 -46.54 -27.54
C MET A 720 -29.13 -47.76 -27.94
N ALA A 721 -28.45 -48.89 -27.98
CA ALA A 721 -29.03 -50.13 -28.50
C ALA A 721 -30.44 -50.39 -27.98
N LYS A 722 -30.68 -50.06 -26.70
CA LYS A 722 -31.99 -50.28 -26.07
C LYS A 722 -33.03 -49.26 -26.49
N GLN A 723 -32.64 -47.99 -26.52
CA GLN A 723 -33.56 -46.91 -26.89
C GLN A 723 -33.92 -47.04 -28.36
N ARG A 724 -32.91 -47.33 -29.19
CA ARG A 724 -33.08 -47.69 -30.62
C ARG A 724 -34.17 -48.76 -30.87
N SER A 725 -34.32 -49.69 -29.94
CA SER A 725 -35.40 -50.70 -29.95
C SER A 725 -36.76 -50.14 -29.50
N VAL A 726 -36.75 -49.36 -28.42
CA VAL A 726 -37.99 -48.73 -27.91
C VAL A 726 -38.56 -47.82 -29.00
N PHE A 727 -37.67 -47.02 -29.60
CA PHE A 727 -37.98 -46.10 -30.70
C PHE A 727 -38.56 -46.77 -31.97
N ALA A 728 -38.16 -48.02 -32.20
CA ALA A 728 -38.60 -48.80 -33.36
C ALA A 728 -40.05 -49.28 -33.17
N GLU A 729 -40.29 -49.95 -32.04
CA GLU A 729 -41.61 -50.53 -31.73
C GLU A 729 -42.61 -49.49 -31.25
N GLY A 730 -42.13 -48.31 -30.86
CA GLY A 730 -43.01 -47.20 -30.51
C GLY A 730 -43.62 -46.60 -31.77
N ALA A 731 -42.77 -46.44 -32.80
CA ALA A 731 -43.21 -45.97 -34.12
C ALA A 731 -44.13 -47.02 -34.77
N GLU A 732 -43.74 -48.28 -34.70
CA GLU A 732 -44.56 -49.39 -35.20
C GLU A 732 -45.97 -49.35 -34.58
N LYS A 733 -46.03 -49.12 -33.27
CA LYS A 733 -47.29 -49.03 -32.51
C LYS A 733 -48.16 -47.84 -32.94
N ASN A 734 -47.55 -46.77 -33.44
CA ASN A 734 -48.29 -45.66 -34.07
C ASN A 734 -48.49 -45.83 -35.58
N GLY A 735 -48.26 -47.03 -36.11
CA GLY A 735 -48.35 -47.28 -37.56
C GLY A 735 -47.31 -46.60 -38.48
N ILE A 736 -46.32 -45.90 -37.91
CA ILE A 736 -45.27 -45.22 -38.69
C ILE A 736 -44.20 -46.23 -39.10
N ASN A 737 -43.73 -46.13 -40.35
CA ASN A 737 -42.79 -47.10 -40.92
C ASN A 737 -41.49 -47.18 -40.11
N ALA A 738 -41.01 -48.42 -39.90
CA ALA A 738 -39.85 -48.69 -39.03
C ALA A 738 -38.57 -48.14 -39.63
N GLU A 739 -38.35 -48.37 -40.92
CA GLU A 739 -37.12 -47.96 -41.60
C GLU A 739 -37.03 -46.44 -41.67
N LEU A 740 -38.16 -45.77 -41.93
CA LEU A 740 -38.26 -44.30 -41.88
C LEU A 740 -37.94 -43.77 -40.47
N ALA A 741 -38.53 -44.39 -39.46
CA ALA A 741 -38.31 -44.03 -38.05
C ALA A 741 -36.84 -44.14 -37.66
N MET A 742 -36.20 -45.24 -38.07
CA MET A 742 -34.79 -45.46 -37.76
C MET A 742 -33.87 -44.54 -38.59
N LYS A 743 -34.21 -44.29 -39.85
CA LYS A 743 -33.37 -43.41 -40.70
C LYS A 743 -33.43 -41.94 -40.25
N ILE A 744 -34.60 -41.53 -39.73
CA ILE A 744 -34.77 -40.21 -39.09
C ILE A 744 -34.02 -40.13 -37.75
N PHE A 745 -34.01 -41.24 -37.00
CA PHE A 745 -33.25 -41.37 -35.74
C PHE A 745 -31.76 -41.14 -35.97
N ASP A 746 -31.23 -41.70 -37.06
CA ASP A 746 -29.82 -41.45 -37.45
C ASP A 746 -29.53 -39.95 -37.68
N LEU A 747 -30.46 -39.24 -38.32
CA LEU A 747 -30.32 -37.79 -38.54
C LEU A 747 -30.45 -37.00 -37.22
N VAL A 748 -31.45 -37.34 -36.42
CA VAL A 748 -31.60 -36.77 -35.08
C VAL A 748 -30.29 -36.88 -34.30
N GLU A 749 -29.68 -38.07 -34.28
CA GLU A 749 -28.47 -38.35 -33.50
C GLU A 749 -27.22 -37.63 -34.04
N LYS A 750 -27.16 -37.46 -35.35
CA LYS A 750 -26.12 -36.64 -36.01
C LYS A 750 -26.21 -35.19 -35.49
N PHE A 751 -27.39 -34.60 -35.63
CA PHE A 751 -27.62 -33.21 -35.24
C PHE A 751 -27.75 -33.01 -33.74
N ALA A 752 -27.98 -34.06 -32.95
CA ALA A 752 -28.00 -33.95 -31.48
C ALA A 752 -26.67 -33.52 -30.90
N GLY A 753 -25.58 -33.84 -31.60
CA GLY A 753 -24.24 -33.42 -31.22
C GLY A 753 -24.03 -31.91 -31.17
N TYR A 754 -24.60 -31.21 -32.15
CA TYR A 754 -24.64 -29.74 -32.16
C TYR A 754 -25.85 -29.17 -31.39
N GLY A 755 -26.93 -29.95 -31.28
CA GLY A 755 -28.23 -29.47 -30.75
C GLY A 755 -28.14 -28.57 -29.53
N PHE A 756 -28.54 -27.30 -29.67
CA PHE A 756 -28.53 -26.37 -28.54
C PHE A 756 -29.88 -26.37 -27.82
N ASN A 757 -29.83 -26.05 -26.52
CA ASN A 757 -31.00 -25.93 -25.65
C ASN A 757 -31.83 -24.72 -26.05
N LYS A 758 -32.98 -24.99 -26.67
CA LYS A 758 -33.89 -23.92 -27.11
C LYS A 758 -34.43 -23.08 -25.94
N SER A 759 -34.83 -23.70 -24.83
CA SER A 759 -35.34 -22.94 -23.67
C SER A 759 -34.29 -22.00 -23.07
N HIS A 760 -33.03 -22.41 -23.12
CA HIS A 760 -31.96 -21.58 -22.62
C HIS A 760 -31.68 -20.48 -23.64
N SER A 761 -31.68 -20.81 -24.93
CA SER A 761 -31.52 -19.81 -26.00
C SER A 761 -32.66 -18.81 -26.02
N ALA A 762 -33.90 -19.27 -25.81
CA ALA A 762 -35.10 -18.44 -25.88
C ALA A 762 -35.18 -17.42 -24.75
N ALA A 763 -34.87 -17.83 -23.52
CA ALA A 763 -34.87 -16.90 -22.38
C ALA A 763 -33.94 -15.70 -22.62
N TYR A 764 -32.78 -16.00 -23.18
CA TYR A 764 -31.81 -14.98 -23.52
C TYR A 764 -32.24 -14.22 -24.81
N ALA A 765 -32.78 -14.93 -25.80
CA ALA A 765 -33.25 -14.28 -27.04
C ALA A 765 -34.38 -13.28 -26.82
N LEU A 766 -35.22 -13.54 -25.81
CA LEU A 766 -36.23 -12.57 -25.36
C LEU A 766 -35.59 -11.24 -25.01
N VAL A 767 -34.44 -11.31 -24.33
CA VAL A 767 -33.76 -10.12 -23.93
C VAL A 767 -33.14 -9.43 -25.14
N SER A 768 -32.62 -10.18 -26.10
CA SER A 768 -32.21 -9.58 -27.36
C SER A 768 -33.35 -8.85 -28.07
N TYR A 769 -34.53 -9.46 -28.14
CA TYR A 769 -35.68 -8.80 -28.77
C TYR A 769 -36.12 -7.54 -28.05
N GLN A 770 -35.94 -7.56 -26.73
CA GLN A 770 -36.24 -6.40 -25.94
C GLN A 770 -35.27 -5.28 -26.30
N THR A 771 -33.97 -5.59 -26.39
CA THR A 771 -32.99 -4.59 -26.77
C THR A 771 -33.19 -4.16 -28.21
N LEU A 772 -33.69 -5.04 -29.07
CA LEU A 772 -34.01 -4.70 -30.46
C LEU A 772 -35.19 -3.72 -30.60
N TRP A 773 -36.27 -4.00 -29.85
CA TRP A 773 -37.49 -3.20 -29.90
C TRP A 773 -37.21 -1.81 -29.35
N LEU A 774 -36.62 -1.80 -28.16
CA LEU A 774 -36.16 -0.58 -27.51
C LEU A 774 -35.26 0.29 -28.37
N LYS A 775 -34.31 -0.30 -29.08
CA LYS A 775 -33.36 0.44 -29.95
C LYS A 775 -34.10 1.14 -31.05
N ALA A 776 -34.95 0.39 -31.74
CA ALA A 776 -35.57 0.84 -32.98
C ALA A 776 -36.76 1.68 -32.64
N HIS A 777 -37.57 1.14 -31.75
CA HIS A 777 -38.78 1.82 -31.36
C HIS A 777 -38.50 3.19 -30.85
N TYR A 778 -37.23 3.50 -30.58
CA TYR A 778 -36.83 4.82 -30.16
C TYR A 778 -35.29 4.97 -30.10
N PRO A 779 -34.59 5.01 -31.25
CA PRO A 779 -33.13 5.15 -31.11
C PRO A 779 -32.74 6.48 -30.45
N ALA A 780 -33.02 6.65 -29.17
CA ALA A 780 -33.05 8.00 -28.62
C ALA A 780 -32.77 8.11 -27.15
N GLU A 781 -32.81 7.00 -26.43
CA GLU A 781 -32.37 6.96 -25.03
C GLU A 781 -31.46 5.78 -24.87
N PHE A 782 -31.88 4.71 -25.55
CA PHE A 782 -31.08 3.59 -25.87
C PHE A 782 -29.65 3.93 -26.03
N MET A 783 -29.29 4.87 -26.90
CA MET A 783 -27.89 5.13 -27.21
C MET A 783 -27.20 5.57 -25.94
N ALA A 784 -27.90 6.44 -25.20
CA ALA A 784 -27.40 7.00 -23.95
C ALA A 784 -27.16 5.86 -22.98
N ALA A 785 -28.11 4.94 -22.97
CA ALA A 785 -28.05 3.81 -22.08
C ALA A 785 -26.89 2.89 -22.45
N VAL A 786 -26.68 2.71 -23.75
CA VAL A 786 -25.59 1.89 -24.21
C VAL A 786 -24.30 2.43 -23.68
N MET A 787 -24.17 3.74 -23.81
CA MET A 787 -22.96 4.38 -23.41
C MET A 787 -22.82 4.30 -21.91
N THR A 788 -23.92 4.50 -21.19
CA THR A 788 -23.88 4.40 -19.74
C THR A 788 -23.34 3.05 -19.29
N ALA A 789 -23.87 2.00 -19.87
CA ALA A 789 -23.47 0.67 -19.45
C ALA A 789 -21.98 0.45 -19.53
N ASP A 790 -21.42 0.81 -20.68
CA ASP A 790 -20.01 0.56 -20.96
C ASP A 790 -19.27 1.86 -20.97
N MET A 791 -19.48 2.57 -19.88
CA MET A 791 -18.78 3.78 -19.54
C MET A 791 -17.28 3.52 -19.48
N ASP A 792 -16.87 2.36 -19.00
CA ASP A 792 -15.46 2.03 -18.84
C ASP A 792 -14.71 2.00 -20.15
N ASN A 793 -15.38 1.49 -21.19
CA ASN A 793 -14.69 1.22 -22.42
C ASN A 793 -14.65 2.42 -23.35
N THR A 794 -13.43 2.89 -23.54
CA THR A 794 -13.14 4.00 -24.45
C THR A 794 -13.37 3.57 -25.89
N GLU A 795 -12.96 2.34 -26.20
CA GLU A 795 -13.07 1.82 -27.55
C GLU A 795 -14.52 1.74 -27.94
N LYS A 796 -15.33 1.18 -27.07
CA LYS A 796 -16.75 0.99 -27.35
C LYS A 796 -17.44 2.33 -27.41
N VAL A 797 -17.12 3.25 -26.50
CA VAL A 797 -17.70 4.59 -26.54
C VAL A 797 -17.48 5.21 -27.92
N VAL A 798 -16.25 5.06 -28.41
CA VAL A 798 -15.92 5.58 -29.72
C VAL A 798 -16.77 4.88 -30.78
N GLY A 799 -16.88 3.56 -30.67
CA GLY A 799 -17.69 2.78 -31.59
C GLY A 799 -19.12 3.26 -31.58
N LEU A 800 -19.67 3.45 -30.39
CA LEU A 800 -21.06 3.85 -30.23
C LEU A 800 -21.33 5.17 -30.86
N VAL A 801 -20.41 6.12 -30.69
CA VAL A 801 -20.58 7.42 -31.30
C VAL A 801 -20.61 7.28 -32.80
N ASP A 802 -19.73 6.46 -33.35
CA ASP A 802 -19.67 6.29 -34.78
C ASP A 802 -20.98 5.69 -35.27
N GLU A 803 -21.58 4.86 -34.44
CA GLU A 803 -22.92 4.34 -34.72
C GLU A 803 -23.97 5.44 -34.69
N CYS A 804 -23.89 6.33 -33.71
CA CYS A 804 -24.79 7.47 -33.61
C CYS A 804 -24.73 8.32 -34.87
N TRP A 805 -23.50 8.70 -35.21
CA TRP A 805 -23.16 9.58 -36.34
C TRP A 805 -23.82 9.03 -37.59
N ARG A 806 -23.54 7.75 -37.85
CA ARG A 806 -24.06 7.09 -39.04
C ARG A 806 -25.57 7.10 -39.07
N MET A 807 -26.17 6.98 -37.89
CA MET A 807 -27.63 6.91 -37.76
C MET A 807 -28.38 8.21 -38.08
N GLY A 808 -27.74 9.36 -37.93
CA GLY A 808 -28.44 10.66 -37.98
C GLY A 808 -28.70 11.20 -36.59
N LEU A 809 -28.31 10.40 -35.61
CA LEU A 809 -27.92 10.78 -34.25
C LEU A 809 -26.82 11.83 -34.30
N LYS A 810 -26.49 12.31 -33.15
CA LYS A 810 -25.34 13.14 -32.95
C LYS A 810 -25.57 14.53 -33.02
N ILE A 811 -24.93 15.18 -32.06
CA ILE A 811 -24.55 14.59 -30.76
C ILE A 811 -23.75 15.74 -30.13
N LEU A 812 -23.93 16.06 -28.84
CA LEU A 812 -23.26 17.22 -28.30
C LEU A 812 -22.22 16.83 -27.28
N PRO A 813 -21.12 17.59 -27.20
CA PRO A 813 -20.12 17.43 -26.14
C PRO A 813 -20.72 17.80 -24.75
N PRO A 814 -20.02 17.47 -23.64
CA PRO A 814 -20.64 17.74 -22.33
C PRO A 814 -20.94 19.20 -21.97
N ASP A 815 -21.82 19.36 -20.98
CA ASP A 815 -21.79 20.55 -20.17
C ASP A 815 -22.00 20.24 -18.70
N ILE A 816 -21.05 20.75 -17.92
CA ILE A 816 -21.00 20.57 -16.48
C ILE A 816 -22.27 21.09 -15.82
N ASN A 817 -22.73 22.25 -16.32
CA ASN A 817 -23.90 22.90 -15.73
C ASN A 817 -25.19 22.22 -16.07
N SER A 818 -25.37 21.91 -17.36
CA SER A 818 -26.65 21.39 -17.86
C SER A 818 -26.82 19.88 -17.77
N GLY A 819 -25.72 19.14 -17.94
CA GLY A 819 -25.73 17.68 -17.90
C GLY A 819 -26.47 17.04 -16.72
N LEU A 820 -27.05 15.86 -16.96
CA LEU A 820 -27.59 15.00 -15.89
C LEU A 820 -26.51 13.99 -15.51
N TYR A 821 -26.86 12.97 -14.73
CA TYR A 821 -25.86 11.97 -14.38
C TYR A 821 -25.18 11.43 -15.61
N HIS A 822 -25.98 10.83 -16.48
CA HIS A 822 -25.43 10.41 -17.73
C HIS A 822 -26.09 11.06 -18.91
N PHE A 823 -26.11 10.42 -20.06
CA PHE A 823 -26.55 11.10 -21.25
C PHE A 823 -28.00 11.42 -21.12
N HIS A 824 -28.34 12.62 -21.54
CA HIS A 824 -29.71 13.06 -21.49
C HIS A 824 -30.14 13.73 -22.74
N VAL A 825 -31.42 13.59 -23.03
CA VAL A 825 -31.99 14.24 -24.18
C VAL A 825 -32.92 15.32 -23.69
N ASN A 826 -32.60 16.58 -23.95
CA ASN A 826 -33.66 17.58 -23.97
C ASN A 826 -34.36 17.33 -25.31
N ASP A 827 -35.53 17.90 -25.53
CA ASP A 827 -36.23 17.69 -26.81
C ASP A 827 -35.35 18.08 -27.99
N ASP A 828 -34.94 19.35 -28.02
CA ASP A 828 -34.11 19.87 -29.10
C ASP A 828 -32.70 19.33 -29.03
N GLY A 829 -32.04 19.43 -27.89
CA GLY A 829 -30.68 18.92 -27.75
C GLY A 829 -30.83 17.44 -27.82
N GLU A 830 -30.46 16.84 -28.94
CA GLU A 830 -30.75 15.44 -29.08
C GLU A 830 -30.10 14.79 -27.90
N ILE A 831 -28.87 15.18 -27.64
CA ILE A 831 -28.10 14.48 -26.67
C ILE A 831 -27.19 15.42 -25.95
N VAL A 832 -27.07 15.21 -24.65
CA VAL A 832 -26.04 15.86 -23.88
C VAL A 832 -25.26 14.78 -23.16
N TYR A 833 -23.93 14.88 -23.21
CA TYR A 833 -23.04 14.08 -22.41
C TYR A 833 -23.47 13.96 -20.96
N GLY A 834 -23.32 12.77 -20.40
CA GLY A 834 -23.37 12.63 -18.97
C GLY A 834 -22.09 13.08 -18.38
N ILE A 835 -22.12 13.33 -17.09
CA ILE A 835 -20.90 13.66 -16.37
C ILE A 835 -19.99 12.45 -16.23
N GLY A 836 -20.63 11.31 -15.99
CA GLY A 836 -19.93 10.09 -15.76
C GLY A 836 -19.17 9.70 -17.01
N ALA A 837 -19.59 10.23 -18.14
CA ALA A 837 -18.92 10.02 -19.41
C ALA A 837 -17.46 10.42 -19.44
N ILE A 838 -17.08 11.43 -18.67
CA ILE A 838 -15.67 11.77 -18.60
C ILE A 838 -14.80 10.61 -18.06
N LYS A 839 -13.69 10.32 -18.74
CA LYS A 839 -12.90 9.12 -18.50
C LYS A 839 -12.30 8.92 -17.12
N GLY A 840 -11.42 9.82 -16.74
CA GLY A 840 -10.62 9.65 -15.54
C GLY A 840 -11.43 9.81 -14.27
N VAL A 841 -12.46 10.64 -14.35
CA VAL A 841 -13.19 11.04 -13.17
C VAL A 841 -13.88 9.86 -12.54
N GLY A 842 -13.77 9.82 -11.22
CA GLY A 842 -14.47 8.87 -10.39
C GLY A 842 -15.93 9.20 -10.31
N GLU A 843 -16.66 8.29 -9.66
CA GLU A 843 -18.07 8.49 -9.43
C GLU A 843 -18.27 9.57 -8.38
N GLY A 844 -17.48 9.53 -7.31
CA GLY A 844 -17.58 10.53 -6.24
C GLY A 844 -17.44 11.97 -6.74
N PRO A 845 -16.43 12.21 -7.56
CA PRO A 845 -16.29 13.59 -8.04
C PRO A 845 -17.44 14.07 -8.95
N ILE A 846 -17.97 13.15 -9.77
CA ILE A 846 -19.05 13.51 -10.66
C ILE A 846 -20.25 13.95 -9.86
N GLU A 847 -20.57 13.18 -8.82
CA GLU A 847 -21.68 13.51 -7.94
C GLU A 847 -21.40 14.80 -7.22
N ALA A 848 -20.16 15.00 -6.79
CA ALA A 848 -19.82 16.22 -6.09
C ALA A 848 -20.16 17.43 -6.93
N ILE A 849 -19.74 17.37 -8.18
CA ILE A 849 -19.97 18.48 -9.10
C ILE A 849 -21.45 18.80 -9.20
N ILE A 850 -22.21 17.75 -9.46
CA ILE A 850 -23.61 17.93 -9.68
C ILE A 850 -24.28 18.37 -8.42
N GLU A 851 -23.83 17.86 -7.28
CA GLU A 851 -24.43 18.22 -6.01
C GLU A 851 -24.29 19.69 -5.80
N ALA A 852 -23.08 20.19 -6.02
CA ALA A 852 -22.82 21.60 -5.85
C ALA A 852 -23.70 22.43 -6.78
N ARG A 853 -23.84 21.94 -8.02
CA ARG A 853 -24.71 22.59 -8.98
C ARG A 853 -26.15 22.62 -8.52
N ASN A 854 -26.56 21.61 -7.77
CA ASN A 854 -27.93 21.54 -7.28
C ASN A 854 -28.20 22.57 -6.22
N LYS A 855 -27.34 22.62 -5.21
CA LYS A 855 -27.55 23.55 -4.11
C LYS A 855 -27.41 24.97 -4.59
N GLY A 856 -26.30 25.26 -5.26
CA GLY A 856 -26.11 26.53 -5.92
C GLY A 856 -26.89 26.52 -7.21
N GLY A 857 -26.79 27.61 -7.97
CA GLY A 857 -27.34 27.67 -9.31
C GLY A 857 -26.39 26.98 -10.26
N TYR A 858 -26.53 27.26 -11.55
CA TYR A 858 -25.59 26.76 -12.54
C TYR A 858 -24.25 27.45 -12.31
N PHE A 859 -23.15 26.73 -12.52
CA PHE A 859 -21.85 27.31 -12.20
C PHE A 859 -21.52 28.43 -13.17
N ARG A 860 -21.20 29.58 -12.59
CA ARG A 860 -21.01 30.82 -13.33
C ARG A 860 -19.66 30.88 -14.00
N GLU A 861 -18.64 30.50 -13.24
CA GLU A 861 -17.28 30.54 -13.70
C GLU A 861 -16.46 29.46 -13.00
N LEU A 862 -15.25 29.32 -13.55
CA LEU A 862 -14.12 28.64 -12.96
C LEU A 862 -14.01 28.81 -11.45
N PHE A 863 -13.97 30.08 -11.03
CA PHE A 863 -13.69 30.40 -9.67
C PHE A 863 -14.82 29.87 -8.82
N ASP A 864 -16.04 30.10 -9.33
CA ASP A 864 -17.27 29.75 -8.67
C ASP A 864 -17.27 28.28 -8.38
N LEU A 865 -16.78 27.53 -9.35
CA LEU A 865 -16.72 26.11 -9.21
C LEU A 865 -15.79 25.71 -8.10
N CYS A 866 -14.60 26.28 -8.12
CA CYS A 866 -13.56 25.86 -7.19
C CYS A 866 -13.94 26.12 -5.75
N ALA A 867 -14.55 27.28 -5.53
CA ALA A 867 -14.97 27.70 -4.20
C ALA A 867 -16.03 26.77 -3.65
N ARG A 868 -17.02 26.42 -4.45
CA ARG A 868 -18.07 25.56 -3.97
C ARG A 868 -17.52 24.17 -3.64
N THR A 869 -16.67 23.64 -4.51
CA THR A 869 -16.20 22.28 -4.35
C THR A 869 -14.72 22.18 -4.03
N ASP A 870 -14.42 21.64 -2.87
CA ASP A 870 -13.04 21.36 -2.49
C ASP A 870 -12.26 20.36 -3.39
N THR A 871 -10.95 20.42 -3.20
CA THR A 871 -9.99 19.53 -3.86
C THR A 871 -10.23 18.08 -3.55
N LYS A 872 -10.76 17.79 -2.35
CA LYS A 872 -11.04 16.41 -1.99
C LYS A 872 -11.88 15.77 -3.04
N LYS A 873 -12.97 16.44 -3.41
CA LYS A 873 -13.88 15.86 -4.39
C LYS A 873 -13.26 15.87 -5.77
N LEU A 874 -12.89 17.06 -6.25
CA LEU A 874 -12.34 17.19 -7.60
C LEU A 874 -10.87 17.50 -7.55
N ASN A 875 -10.04 16.49 -7.81
CA ASN A 875 -8.62 16.69 -7.89
C ASN A 875 -8.22 17.57 -9.07
N ARG A 876 -7.01 18.14 -9.03
CA ARG A 876 -6.53 18.92 -10.15
C ARG A 876 -6.45 18.11 -11.41
N ARG A 877 -5.98 16.86 -11.30
CA ARG A 877 -5.99 15.94 -12.43
C ARG A 877 -7.38 15.90 -13.04
N VAL A 878 -8.38 15.76 -12.17
CA VAL A 878 -9.75 15.69 -12.60
C VAL A 878 -10.10 16.94 -13.39
N LEU A 879 -9.82 18.08 -12.79
CA LEU A 879 -10.18 19.35 -13.38
C LEU A 879 -9.58 19.53 -14.77
N GLU A 880 -8.34 19.07 -14.92
CA GLU A 880 -7.65 19.20 -16.19
C GLU A 880 -8.40 18.49 -17.29
N LYS A 881 -8.81 17.25 -17.04
CA LYS A 881 -9.53 16.50 -18.05
C LYS A 881 -10.81 17.24 -18.40
N LEU A 882 -11.51 17.77 -17.41
CA LEU A 882 -12.77 18.44 -17.68
C LEU A 882 -12.62 19.55 -18.67
N ILE A 883 -11.59 20.36 -18.49
CA ILE A 883 -11.36 21.44 -19.44
C ILE A 883 -11.07 20.88 -20.81
N MET A 884 -10.21 19.87 -20.85
CA MET A 884 -9.73 19.36 -22.10
C MET A 884 -10.84 18.67 -22.87
N SER A 885 -11.79 18.07 -22.14
CA SER A 885 -12.97 17.46 -22.77
C SER A 885 -13.82 18.49 -23.46
N GLY A 886 -13.86 19.71 -22.91
CA GLY A 886 -14.66 20.78 -23.46
C GLY A 886 -16.01 20.90 -22.75
N ALA A 887 -16.15 20.28 -21.57
CA ALA A 887 -17.32 20.53 -20.72
C ALA A 887 -17.35 21.99 -20.28
N PHE A 888 -16.17 22.54 -20.06
CA PHE A 888 -15.96 23.97 -19.78
C PHE A 888 -16.05 24.98 -20.93
N ASP A 889 -16.09 24.54 -22.19
CA ASP A 889 -15.96 25.46 -23.34
C ASP A 889 -16.79 26.73 -23.24
N ARG A 890 -18.03 26.57 -22.78
CA ARG A 890 -18.90 27.72 -22.56
C ARG A 890 -18.27 28.79 -21.65
N LEU A 891 -17.71 28.39 -20.51
CA LEU A 891 -17.10 29.36 -19.59
C LEU A 891 -15.77 29.89 -20.13
N GLY A 892 -14.83 28.99 -20.34
CA GLY A 892 -13.49 29.34 -20.76
C GLY A 892 -13.50 29.24 -22.26
N PRO A 893 -13.81 30.34 -22.98
CA PRO A 893 -13.77 30.21 -24.45
C PRO A 893 -12.40 29.79 -24.96
N HIS A 894 -11.35 30.16 -24.24
CA HIS A 894 -9.97 29.82 -24.62
C HIS A 894 -9.45 28.67 -23.77
N ARG A 895 -9.42 27.49 -24.37
CA ARG A 895 -9.11 26.19 -23.74
C ARG A 895 -7.81 26.13 -22.89
N ALA A 896 -7.29 27.27 -22.48
CA ALA A 896 -5.89 27.48 -22.28
C ALA A 896 -5.68 28.65 -21.33
N ALA A 897 -6.49 29.70 -21.36
CA ALA A 897 -6.48 30.68 -20.26
C ALA A 897 -6.86 30.02 -18.92
N LEU A 898 -7.90 29.21 -18.98
CA LEU A 898 -8.40 28.58 -17.80
C LEU A 898 -7.46 27.46 -17.36
N MET A 899 -6.79 26.80 -18.30
CA MET A 899 -5.77 25.79 -17.94
C MET A 899 -4.67 26.43 -17.10
N ASN A 900 -4.20 27.59 -17.51
CA ASN A 900 -3.18 28.30 -16.75
C ASN A 900 -3.69 28.75 -15.40
N SER A 901 -4.92 29.24 -15.35
CA SER A 901 -5.44 29.77 -14.10
C SER A 901 -5.78 28.69 -13.04
N LEU A 902 -5.67 27.39 -13.36
CA LEU A 902 -6.23 26.32 -12.51
C LEU A 902 -5.70 26.23 -11.09
N GLY A 903 -4.40 25.98 -11.05
CA GLY A 903 -3.70 25.63 -9.82
C GLY A 903 -3.88 26.71 -8.81
N ASP A 904 -3.63 27.96 -9.26
CA ASP A 904 -3.71 29.10 -8.37
C ASP A 904 -5.10 29.21 -7.80
N ALA A 905 -6.12 29.08 -8.67
CA ALA A 905 -7.50 29.27 -8.26
C ALA A 905 -7.92 28.22 -7.25
N LEU A 906 -7.44 26.99 -7.46
CA LEU A 906 -7.78 25.89 -6.58
C LEU A 906 -7.29 26.18 -5.17
N LYS A 907 -6.02 26.54 -5.12
CA LYS A 907 -5.43 26.85 -3.85
C LYS A 907 -6.12 28.04 -3.26
N ALA A 908 -6.42 29.03 -4.10
CA ALA A 908 -7.10 30.25 -3.66
C ALA A 908 -8.39 29.89 -2.99
N ALA A 909 -9.16 29.06 -3.70
CA ALA A 909 -10.48 28.69 -3.25
C ALA A 909 -10.42 28.08 -1.88
N ASP A 910 -9.46 27.16 -1.66
CA ASP A 910 -9.35 26.48 -0.39
C ASP A 910 -9.04 27.47 0.69
N GLN A 911 -8.12 28.38 0.40
CA GLN A 911 -7.64 29.37 1.37
C GLN A 911 -8.87 30.07 1.78
N HIS A 912 -9.75 30.11 0.80
CA HIS A 912 -11.06 30.46 1.09
C HIS A 912 -11.84 29.47 1.93
N ALA A 913 -11.85 28.19 1.57
CA ALA A 913 -12.49 27.11 2.38
C ALA A 913 -12.10 27.13 3.83
N LYS A 914 -10.80 27.20 4.08
CA LYS A 914 -10.32 27.17 5.44
C LYS A 914 -10.80 28.42 6.16
N ALA A 915 -10.74 29.57 5.48
CA ALA A 915 -11.27 30.82 6.06
C ALA A 915 -12.75 30.72 6.50
N GLU A 916 -13.56 30.11 5.65
CA GLU A 916 -14.96 29.82 5.97
C GLU A 916 -15.07 28.96 7.23
N ALA A 917 -14.58 27.72 7.15
CA ALA A 917 -14.63 26.75 8.24
C ALA A 917 -14.29 27.31 9.64
N ILE A 918 -13.23 28.11 9.75
CA ILE A 918 -12.55 28.29 11.04
C ILE A 918 -13.29 29.04 12.20
N GLY A 919 -13.59 30.36 12.21
CA GLY A 919 -12.90 31.46 11.52
C GLY A 919 -13.66 31.69 10.25
N GLN A 920 -13.67 32.90 9.65
CA GLN A 920 -13.02 34.13 10.13
C GLN A 920 -13.48 35.28 9.24
N LEU A 921 -13.75 36.45 9.84
CA LEU A 921 -14.00 37.64 9.03
C LEU A 921 -12.72 38.12 8.36
N ASP A 922 -12.85 38.49 7.10
CA ASP A 922 -11.73 38.89 6.27
C ASP A 922 -11.78 40.38 6.09
N LEU A 923 -10.94 40.89 5.18
CA LEU A 923 -11.03 42.27 4.73
C LEU A 923 -10.85 42.35 3.22
N PHE A 924 -10.51 43.49 2.68
CA PHE A 924 -11.04 44.16 1.50
C PHE A 924 -12.18 43.70 0.48
N GLY A 925 -12.35 44.58 -0.51
CA GLY A 925 -13.18 44.40 -1.71
C GLY A 925 -13.42 43.04 -2.39
N VAL A 926 -12.61 42.68 -3.37
CA VAL A 926 -12.64 41.31 -3.93
C VAL A 926 -11.75 41.17 -5.17
N LEU A 927 -11.31 39.95 -5.46
CA LEU A 927 -10.95 39.55 -6.83
C LEU A 927 -11.23 38.08 -7.11
N MET B 1 -11.16 16.04 45.98
CA MET B 1 -9.68 15.88 45.86
C MET B 1 -9.11 17.22 45.46
N LYS B 2 -8.02 17.63 46.12
CA LYS B 2 -7.44 18.97 45.99
C LYS B 2 -5.95 18.86 46.20
N PHE B 3 -5.18 19.76 45.61
CA PHE B 3 -3.85 20.05 46.10
C PHE B 3 -3.48 21.46 45.74
N THR B 4 -2.52 22.00 46.46
CA THR B 4 -2.00 23.32 46.17
C THR B 4 -0.48 23.15 46.17
N VAL B 5 0.14 23.54 45.06
CA VAL B 5 1.61 23.56 44.86
C VAL B 5 2.01 24.91 44.31
N GLU B 6 3.27 25.24 44.50
CA GLU B 6 3.85 26.42 43.92
C GLU B 6 4.39 25.98 42.57
N ARG B 7 4.14 26.81 41.57
CA ARG B 7 4.60 26.65 40.20
C ARG B 7 6.07 26.20 40.11
N GLU B 8 6.92 26.88 40.87
CA GLU B 8 8.36 26.63 40.90
C GLU B 8 8.83 25.28 41.42
N HIS B 9 7.95 24.55 42.10
CA HIS B 9 8.28 23.20 42.54
C HIS B 9 7.96 22.18 41.49
N LEU B 10 7.07 22.59 40.61
CA LEU B 10 6.53 21.76 39.58
C LEU B 10 7.25 21.93 38.27
N LEU B 11 7.94 23.06 38.08
CA LEU B 11 8.49 23.40 36.80
C LEU B 11 9.51 22.45 36.21
N LYS B 12 10.55 22.15 36.95
CA LYS B 12 11.58 21.27 36.43
C LYS B 12 11.09 19.81 36.31
N PRO B 13 10.34 19.32 37.32
CA PRO B 13 9.69 18.02 37.14
C PRO B 13 8.87 17.90 35.85
N LEU B 14 7.96 18.83 35.67
CA LEU B 14 7.06 18.92 34.54
C LEU B 14 7.75 18.99 33.21
N GLN B 15 8.82 19.77 33.14
CA GLN B 15 9.60 19.83 31.91
C GLN B 15 10.19 18.50 31.55
N GLN B 16 10.71 17.84 32.58
CA GLN B 16 11.40 16.58 32.43
C GLN B 16 10.46 15.44 32.02
N VAL B 17 9.33 15.37 32.70
CA VAL B 17 8.29 14.41 32.43
C VAL B 17 7.69 14.59 31.00
N SER B 18 7.62 15.82 30.51
CA SER B 18 7.08 16.11 29.17
C SER B 18 7.99 15.77 27.98
N GLY B 19 9.25 15.47 28.26
CA GLY B 19 10.23 15.16 27.23
C GLY B 19 9.89 13.95 26.38
N PRO B 20 9.62 12.77 27.02
CA PRO B 20 9.35 11.54 26.26
C PRO B 20 8.15 11.60 25.33
N LEU B 21 7.24 12.54 25.57
CA LEU B 21 6.08 12.67 24.72
C LEU B 21 6.45 13.36 23.42
N GLY B 22 6.21 12.65 22.32
CA GLY B 22 5.58 13.21 21.12
C GLY B 22 4.93 12.19 20.17
N GLY B 23 5.21 10.90 20.36
CA GLY B 23 4.80 9.78 19.51
C GLY B 23 3.50 9.72 18.71
N ARG B 24 2.76 10.82 18.46
CA ARG B 24 1.29 10.82 18.16
C ARG B 24 0.54 9.77 19.04
N PRO B 25 0.64 9.97 20.39
CA PRO B 25 0.30 8.86 21.25
C PRO B 25 -1.15 8.41 21.04
N THR B 26 -1.19 7.17 20.57
CA THR B 26 -2.34 6.66 19.85
C THR B 26 -3.38 6.25 20.84
N LEU B 27 -2.92 5.55 21.88
CA LEU B 27 -3.76 5.19 23.01
C LEU B 27 -3.91 6.47 23.83
N PRO B 28 -5.03 7.22 23.69
CA PRO B 28 -5.15 8.65 24.08
C PRO B 28 -4.64 9.00 25.48
N ILE B 29 -4.81 8.08 26.44
CA ILE B 29 -4.33 8.30 27.81
C ILE B 29 -2.81 8.56 27.92
N LEU B 30 -2.02 8.11 26.93
CA LEU B 30 -0.58 8.46 26.79
C LEU B 30 -0.29 9.94 26.57
N GLY B 31 -1.27 10.74 26.13
CA GLY B 31 -1.09 12.19 25.98
C GLY B 31 -1.31 12.94 27.28
N ASN B 32 -1.54 12.19 28.35
CA ASN B 32 -1.91 12.71 29.64
C ASN B 32 -0.89 12.28 30.69
N LEU B 33 -0.98 12.82 31.89
CA LEU B 33 -0.07 12.42 32.98
C LEU B 33 -0.85 11.75 34.06
N LEU B 34 -0.21 10.84 34.79
CA LEU B 34 -0.79 10.27 35.97
C LEU B 34 -0.34 11.09 37.16
N LEU B 35 -1.33 11.60 37.88
CA LEU B 35 -1.10 12.30 39.13
C LEU B 35 -1.52 11.31 40.23
N GLN B 36 -0.65 11.04 41.22
CA GLN B 36 -1.07 10.30 42.43
C GLN B 36 -0.85 11.16 43.64
N VAL B 37 -1.93 11.45 44.35
CA VAL B 37 -1.90 12.17 45.60
C VAL B 37 -2.29 11.13 46.65
N ALA B 38 -1.43 10.97 47.64
CA ALA B 38 -1.75 10.15 48.80
C ALA B 38 -0.86 10.76 49.85
N ASP B 39 -1.30 10.83 51.12
CA ASP B 39 -0.44 11.36 52.19
C ASP B 39 -0.28 12.87 51.87
N GLY B 40 0.84 13.50 52.20
CA GLY B 40 1.25 14.79 51.61
C GLY B 40 2.34 14.49 50.60
N THR B 41 1.99 13.70 49.60
CA THR B 41 2.89 13.40 48.50
C THR B 41 2.10 13.35 47.20
N LEU B 42 2.47 14.31 46.36
CA LEU B 42 2.05 14.38 44.99
C LEU B 42 3.14 13.65 44.20
N SER B 43 2.73 12.69 43.38
CA SER B 43 3.63 11.97 42.51
C SER B 43 3.38 12.44 41.09
N LEU B 44 4.44 12.57 40.30
CA LEU B 44 4.34 13.01 38.90
C LEU B 44 4.69 11.86 38.00
N THR B 45 4.05 11.79 36.84
CA THR B 45 4.28 10.67 35.96
C THR B 45 4.48 11.14 34.53
N GLY B 46 5.49 10.58 33.86
CA GLY B 46 5.63 10.64 32.42
C GLY B 46 5.93 9.24 31.93
N THR B 47 5.23 8.79 30.90
CA THR B 47 5.48 7.48 30.31
C THR B 47 5.33 7.56 28.80
N ASP B 48 6.12 6.76 28.11
CA ASP B 48 5.95 6.57 26.67
C ASP B 48 5.54 5.13 26.40
N LEU B 49 4.88 4.46 27.36
CA LEU B 49 4.52 3.04 27.23
C LEU B 49 5.69 2.01 27.37
N GLU B 50 6.92 2.43 27.11
CA GLU B 50 8.08 1.58 27.29
C GLU B 50 8.83 1.89 28.58
N MET B 51 8.72 3.13 29.07
CA MET B 51 9.36 3.54 30.30
C MET B 51 8.49 4.53 31.05
N GLU B 52 8.93 4.81 32.27
CA GLU B 52 8.14 5.43 33.29
C GLU B 52 9.06 6.36 34.06
N MET B 53 8.52 7.50 34.48
CA MET B 53 9.31 8.53 35.16
C MET B 53 8.52 9.07 36.33
N VAL B 54 9.10 9.04 37.52
CA VAL B 54 8.41 9.42 38.74
C VAL B 54 9.14 10.58 39.40
N ALA B 55 8.38 11.58 39.86
CA ALA B 55 8.89 12.73 40.62
C ALA B 55 7.96 13.02 41.79
N ARG B 56 8.50 13.44 42.93
CA ARG B 56 7.66 13.93 44.03
C ARG B 56 7.94 15.38 44.33
N VAL B 57 6.89 16.11 44.62
CA VAL B 57 7.01 17.42 45.24
C VAL B 57 6.22 17.32 46.54
N ALA B 58 6.73 17.91 47.61
CA ALA B 58 5.98 17.98 48.86
C ALA B 58 4.89 19.05 48.74
N LEU B 59 3.75 18.78 49.38
CA LEU B 59 2.62 19.74 49.44
C LEU B 59 2.57 20.41 50.81
N VAL B 60 2.89 21.70 50.84
CA VAL B 60 2.92 22.51 52.08
C VAL B 60 1.56 23.17 52.38
N GLN B 61 0.81 23.48 51.34
CA GLN B 61 -0.51 24.12 51.47
C GLN B 61 -1.60 23.04 51.55
N PRO B 62 -2.89 23.42 51.71
CA PRO B 62 -3.97 22.42 51.88
C PRO B 62 -4.24 21.54 50.67
N HIS B 63 -4.51 20.27 50.93
CA HIS B 63 -4.65 19.27 49.89
C HIS B 63 -5.62 18.21 50.34
N GLU B 64 -6.07 17.40 49.38
CA GLU B 64 -6.90 16.25 49.65
C GLU B 64 -6.45 15.20 48.66
N PRO B 65 -6.17 13.96 49.13
CA PRO B 65 -5.65 12.95 48.20
C PRO B 65 -6.67 12.40 47.21
N GLY B 66 -6.16 11.60 46.28
CA GLY B 66 -6.93 11.08 45.16
C GLY B 66 -6.02 11.01 43.95
N ALA B 67 -6.57 10.59 42.82
CA ALA B 67 -5.80 10.40 41.58
C ALA B 67 -6.63 10.77 40.34
N THR B 68 -5.95 11.30 39.32
CA THR B 68 -6.52 11.45 37.97
C THR B 68 -5.40 11.61 36.94
N THR B 69 -5.76 11.81 35.68
CA THR B 69 -4.78 11.73 34.62
C THR B 69 -4.98 12.85 33.60
N VAL B 70 -4.13 13.88 33.64
CA VAL B 70 -4.41 15.14 32.89
C VAL B 70 -3.53 15.27 31.67
N PRO B 71 -3.98 15.99 30.63
CA PRO B 71 -3.26 16.03 29.35
C PRO B 71 -1.93 16.79 29.41
N ALA B 72 -0.90 16.07 29.02
CA ALA B 72 0.48 16.31 29.41
C ALA B 72 1.10 17.59 28.91
N ARG B 73 1.10 17.73 27.59
CA ARG B 73 1.75 18.85 26.91
C ARG B 73 1.15 20.17 27.34
N LYS B 74 -0.17 20.15 27.31
CA LYS B 74 -0.99 21.30 27.58
C LYS B 74 -0.87 21.72 29.02
N PHE B 75 -0.84 20.76 29.93
CA PHE B 75 -0.65 21.09 31.34
C PHE B 75 0.77 21.56 31.62
N PHE B 76 1.75 20.98 30.94
CA PHE B 76 3.13 21.45 31.10
C PHE B 76 3.29 22.92 30.71
N ASP B 77 2.78 23.26 29.53
CA ASP B 77 2.85 24.63 29.02
C ASP B 77 2.09 25.65 29.89
N ILE B 78 0.91 25.29 30.39
CA ILE B 78 0.18 26.17 31.30
C ILE B 78 1.10 26.53 32.47
N CYS B 79 1.70 25.54 33.11
CA CYS B 79 2.50 25.76 34.32
C CYS B 79 3.82 26.50 34.10
N ARG B 80 4.52 26.10 33.04
CA ARG B 80 5.66 26.83 32.52
C ARG B 80 5.25 28.29 32.20
N GLY B 81 4.06 28.49 31.65
CA GLY B 81 3.54 29.82 31.35
C GLY B 81 3.25 30.75 32.52
N LEU B 82 2.91 30.21 33.68
CA LEU B 82 2.47 31.03 34.83
C LEU B 82 3.64 31.84 35.39
N PRO B 83 3.35 33.00 36.01
CA PRO B 83 4.43 33.78 36.63
C PRO B 83 5.07 33.11 37.86
N GLU B 84 6.30 33.52 38.16
CA GLU B 84 7.02 33.03 39.34
C GLU B 84 6.27 33.45 40.61
N GLY B 85 6.01 32.49 41.50
CA GLY B 85 5.32 32.75 42.76
C GLY B 85 3.82 32.69 42.61
N ALA B 86 3.38 32.10 41.49
CA ALA B 86 1.96 31.94 41.23
C ALA B 86 1.39 30.84 42.12
N GLU B 87 0.18 31.08 42.58
CA GLU B 87 -0.49 30.19 43.49
C GLU B 87 -1.27 29.27 42.58
N ILE B 88 -0.89 28.00 42.48
CA ILE B 88 -1.64 27.04 41.62
C ILE B 88 -2.49 26.16 42.56
N ALA B 89 -3.80 26.13 42.33
CA ALA B 89 -4.77 25.41 43.17
C ALA B 89 -5.43 24.41 42.26
N VAL B 90 -5.24 23.13 42.53
CA VAL B 90 -5.92 22.09 41.75
C VAL B 90 -6.99 21.49 42.61
N GLN B 91 -8.08 21.02 41.98
CA GLN B 91 -9.20 20.43 42.70
C GLN B 91 -10.05 19.63 41.72
N LEU B 92 -10.38 18.39 42.09
CA LEU B 92 -11.23 17.55 41.27
C LEU B 92 -12.68 17.92 41.54
N GLU B 93 -13.41 18.35 40.51
CA GLU B 93 -14.87 18.49 40.60
C GLU B 93 -15.56 17.42 39.79
N GLY B 94 -15.82 16.27 40.41
CA GLY B 94 -16.49 15.15 39.75
C GLY B 94 -15.67 14.63 38.57
N GLU B 95 -16.13 14.87 37.35
CA GLU B 95 -15.45 14.37 36.15
C GLU B 95 -14.47 15.38 35.52
N ARG B 96 -14.21 16.53 36.16
CA ARG B 96 -13.26 17.52 35.62
C ARG B 96 -12.24 17.93 36.65
N MET B 97 -11.04 18.27 36.17
CA MET B 97 -10.03 18.89 37.01
C MET B 97 -10.15 20.40 36.88
N LEU B 98 -10.35 21.05 38.02
CA LEU B 98 -10.29 22.50 38.11
C LEU B 98 -8.95 23.03 38.56
N VAL B 99 -8.40 23.92 37.76
CA VAL B 99 -7.16 24.58 38.08
C VAL B 99 -7.48 26.06 38.32
N ARG B 100 -7.23 26.55 39.53
CA ARG B 100 -7.36 27.98 39.81
C ARG B 100 -6.05 28.57 40.27
N SER B 101 -5.79 29.79 39.83
CA SER B 101 -4.67 30.55 40.33
C SER B 101 -5.09 31.99 40.30
N GLY B 102 -5.33 32.58 41.47
CA GLY B 102 -5.59 33.97 41.36
C GLY B 102 -7.01 34.07 40.84
N ARG B 103 -7.14 35.08 40.02
CA ARG B 103 -8.26 35.32 39.11
C ARG B 103 -8.53 34.41 37.86
N SER B 104 -7.60 33.53 37.46
CA SER B 104 -7.81 32.57 36.35
C SER B 104 -8.38 31.25 36.84
N ARG B 105 -9.19 30.62 35.99
CA ARG B 105 -9.85 29.37 36.29
C ARG B 105 -9.78 28.51 35.05
N PHE B 106 -9.52 27.22 35.22
CA PHE B 106 -9.47 26.27 34.10
C PHE B 106 -10.23 25.02 34.48
N SER B 107 -10.98 24.46 33.54
CA SER B 107 -11.74 23.26 33.77
C SER B 107 -11.37 22.31 32.68
N LEU B 108 -10.76 21.20 33.06
CA LEU B 108 -10.09 20.29 32.14
C LEU B 108 -10.83 18.98 32.13
N SER B 109 -10.81 18.28 31.00
CA SER B 109 -11.33 16.93 30.95
C SER B 109 -10.42 16.07 31.80
N THR B 110 -10.96 14.97 32.28
CA THR B 110 -10.28 14.11 33.20
C THR B 110 -10.60 12.71 32.71
N LEU B 111 -9.58 11.86 32.66
CA LEU B 111 -9.76 10.45 32.40
C LEU B 111 -9.37 9.77 33.72
N PRO B 112 -10.02 8.64 34.07
CA PRO B 112 -9.75 8.05 35.38
C PRO B 112 -8.36 7.40 35.49
N ALA B 113 -7.76 7.50 36.67
CA ALA B 113 -6.47 6.83 36.97
C ALA B 113 -6.41 5.38 36.49
N ALA B 114 -7.45 4.60 36.79
CA ALA B 114 -7.47 3.18 36.47
C ALA B 114 -7.32 2.81 34.98
N ASP B 115 -7.44 3.78 34.05
CA ASP B 115 -7.17 3.54 32.60
C ASP B 115 -5.69 3.70 32.21
N PHE B 116 -4.94 4.38 33.07
CA PHE B 116 -3.56 4.67 32.76
C PHE B 116 -2.71 3.41 32.89
N PRO B 117 -1.93 3.07 31.86
CA PRO B 117 -1.15 1.81 31.93
C PRO B 117 -0.03 1.80 33.01
N ASN B 118 0.16 0.68 33.72
CA ASN B 118 1.22 0.60 34.73
C ASN B 118 2.20 -0.47 34.32
N LEU B 119 3.49 -0.16 34.28
CA LEU B 119 4.52 -1.18 34.11
C LEU B 119 4.83 -1.77 35.48
N ASP B 120 5.11 -3.07 35.47
CA ASP B 120 5.14 -3.90 36.68
C ASP B 120 6.30 -3.67 37.64
N ASP B 121 6.04 -3.97 38.92
CA ASP B 121 7.10 -4.02 39.91
C ASP B 121 7.94 -5.26 39.63
N TRP B 122 9.21 -5.12 39.96
CA TRP B 122 10.24 -6.12 39.74
C TRP B 122 11.14 -6.03 40.95
N GLN B 123 12.14 -6.89 41.03
CA GLN B 123 13.02 -6.83 42.19
C GLN B 123 14.40 -6.54 41.73
N SER B 124 15.09 -5.84 42.62
CA SER B 124 16.42 -5.35 42.43
C SER B 124 17.43 -6.46 42.61
N GLU B 125 18.55 -6.32 41.90
CA GLU B 125 19.68 -7.24 41.89
C GLU B 125 21.01 -6.51 42.03
N VAL B 126 21.15 -5.39 41.32
CA VAL B 126 22.36 -4.57 41.40
C VAL B 126 21.96 -3.15 41.78
N GLU B 127 22.69 -2.53 42.69
CA GLU B 127 22.32 -1.20 43.22
C GLU B 127 23.57 -0.42 43.47
N PHE B 128 23.58 0.85 43.07
CA PHE B 128 24.78 1.67 43.15
C PHE B 128 24.44 3.15 43.12
N THR B 129 25.35 3.99 43.64
CA THR B 129 25.34 5.43 43.45
C THR B 129 26.55 5.82 42.59
N LEU B 130 26.47 6.97 41.90
CA LEU B 130 27.63 7.63 41.28
C LEU B 130 27.26 9.09 41.01
N PRO B 131 28.27 9.98 40.86
CA PRO B 131 27.93 11.34 40.45
C PRO B 131 27.18 11.36 39.12
N GLN B 132 26.19 12.24 39.04
CA GLN B 132 25.52 12.52 37.78
C GLN B 132 26.56 12.73 36.71
N ALA B 133 27.53 13.60 37.00
CA ALA B 133 28.63 13.95 36.09
C ALA B 133 29.19 12.79 35.26
N THR B 134 29.47 11.67 35.92
CA THR B 134 30.05 10.50 35.28
C THR B 134 29.10 9.90 34.24
N MET B 135 27.84 9.79 34.61
CA MET B 135 26.86 9.27 33.67
C MET B 135 26.63 10.20 32.49
N LYS B 136 26.74 11.50 32.74
CA LYS B 136 26.60 12.53 31.70
C LYS B 136 27.69 12.38 30.65
N ARG B 137 28.94 12.41 31.10
CA ARG B 137 30.10 12.28 30.21
C ARG B 137 29.96 10.99 29.39
N LEU B 138 29.72 9.88 30.09
CA LEU B 138 29.55 8.54 29.50
C LEU B 138 28.61 8.50 28.30
N ILE B 139 27.42 9.04 28.47
CA ILE B 139 26.42 9.00 27.42
C ILE B 139 26.81 9.95 26.30
N GLU B 140 26.96 11.22 26.65
CA GLU B 140 27.28 12.29 25.67
C GLU B 140 28.42 11.92 24.76
N ALA B 141 29.43 11.30 25.34
CA ALA B 141 30.65 11.05 24.63
C ALA B 141 30.52 10.01 23.55
N THR B 142 29.50 9.16 23.63
CA THR B 142 29.37 7.99 22.77
C THR B 142 28.04 7.79 22.08
N GLN B 143 27.02 8.53 22.49
CA GLN B 143 25.68 8.22 22.03
C GLN B 143 25.55 8.24 20.51
N PHE B 144 26.37 9.07 19.86
CA PHE B 144 26.32 9.26 18.43
C PHE B 144 26.44 7.98 17.61
N SER B 145 27.15 6.97 18.10
CA SER B 145 27.30 5.69 17.37
C SER B 145 26.11 4.71 17.38
N MET B 146 25.07 4.96 18.19
CA MET B 146 23.93 4.02 18.22
C MET B 146 23.18 4.04 16.90
N ALA B 147 22.62 2.89 16.51
CA ALA B 147 21.70 2.83 15.37
C ALA B 147 20.45 3.68 15.64
N HIS B 148 19.71 4.04 14.59
CA HIS B 148 18.39 4.67 14.75
C HIS B 148 17.33 3.58 14.64
N GLN B 149 17.27 2.96 13.47
CA GLN B 149 16.34 1.91 13.19
C GLN B 149 17.15 0.93 12.37
N ASP B 150 17.29 -0.27 12.90
CA ASP B 150 18.09 -1.35 12.32
C ASP B 150 17.23 -2.61 12.41
N VAL B 151 17.58 -3.65 11.64
CA VAL B 151 16.92 -4.97 11.74
C VAL B 151 17.29 -5.62 13.09
N ARG B 152 18.53 -5.39 13.48
CA ARG B 152 19.03 -5.81 14.77
C ARG B 152 18.62 -4.71 15.75
N TYR B 153 17.34 -4.78 16.12
CA TYR B 153 16.65 -3.80 16.98
C TYR B 153 17.28 -3.67 18.37
N TYR B 154 17.91 -4.73 18.85
CA TYR B 154 18.71 -4.70 20.08
C TYR B 154 19.93 -3.72 20.06
N LEU B 155 20.41 -3.37 18.88
CA LEU B 155 21.46 -2.36 18.75
C LEU B 155 20.92 -0.94 18.79
N ASN B 156 19.60 -0.77 18.75
CA ASN B 156 18.95 0.50 19.16
C ASN B 156 19.04 0.69 20.67
N GLY B 157 20.27 0.90 21.14
CA GLY B 157 20.54 0.88 22.55
C GLY B 157 22.00 0.63 22.80
N MET B 158 22.30 0.29 24.04
CA MET B 158 23.64 0.33 24.54
C MET B 158 23.89 -0.82 25.49
N LEU B 159 25.07 -1.42 25.44
CA LEU B 159 25.45 -2.43 26.43
C LEU B 159 25.74 -1.73 27.75
N PHE B 160 25.02 -2.09 28.80
CA PHE B 160 25.43 -1.76 30.16
C PHE B 160 26.13 -2.96 30.76
N GLU B 161 27.37 -2.76 31.16
CA GLU B 161 28.13 -3.82 31.75
C GLU B 161 28.69 -3.32 33.06
N THR B 162 28.35 -4.03 34.12
CA THR B 162 28.89 -3.81 35.46
C THR B 162 29.83 -5.01 35.75
N GLU B 163 30.95 -4.77 36.41
CA GLU B 163 31.83 -5.86 36.75
C GLU B 163 32.94 -5.31 37.57
N GLY B 164 33.09 -5.83 38.79
CA GLY B 164 34.17 -5.43 39.66
C GLY B 164 33.91 -4.00 40.01
N GLU B 165 34.86 -3.12 39.67
CA GLU B 165 34.74 -1.69 39.93
C GLU B 165 34.57 -0.89 38.64
N GLU B 166 34.06 -1.54 37.59
CA GLU B 166 33.95 -0.90 36.30
C GLU B 166 32.56 -0.87 35.73
N LEU B 167 32.28 0.32 35.21
CA LEU B 167 31.20 0.61 34.34
C LEU B 167 31.83 0.60 32.93
N ARG B 168 31.16 -0.02 31.98
CA ARG B 168 31.70 -0.14 30.63
C ARG B 168 30.55 0.00 29.66
N THR B 169 30.59 1.02 28.81
CA THR B 169 29.54 1.24 27.82
C THR B 169 30.14 1.07 26.45
N VAL B 170 29.32 0.61 25.52
CA VAL B 170 29.66 0.57 24.11
C VAL B 170 28.35 0.56 23.29
N ALA B 171 28.39 1.12 22.09
CA ALA B 171 27.21 1.16 21.24
C ALA B 171 27.66 1.07 19.81
N THR B 172 26.80 0.58 18.93
CA THR B 172 27.19 0.45 17.54
C THR B 172 26.05 0.56 16.54
N ASP B 173 26.48 0.80 15.30
CA ASP B 173 25.65 0.88 14.08
C ASP B 173 25.66 -0.45 13.32
N GLY B 174 26.78 -1.16 13.41
CA GLY B 174 27.19 -2.15 12.41
C GLY B 174 28.17 -1.59 11.38
N HIS B 175 28.57 -0.32 11.56
CA HIS B 175 29.56 0.38 10.72
C HIS B 175 30.73 0.89 11.55
N ARG B 176 30.39 1.62 12.60
CA ARG B 176 31.33 2.19 13.54
C ARG B 176 30.88 1.70 14.91
N LEU B 177 31.75 1.69 15.91
CA LEU B 177 31.34 1.31 17.27
C LEU B 177 32.11 2.15 18.26
N ALA B 178 31.41 2.63 19.28
CA ALA B 178 32.01 3.45 20.30
C ALA B 178 31.98 2.68 21.59
N VAL B 179 33.11 2.74 22.30
CA VAL B 179 33.36 2.03 23.56
C VAL B 179 33.85 2.98 24.63
N CYS B 180 33.40 2.82 25.87
CA CYS B 180 33.98 3.53 27.00
C CYS B 180 34.01 2.62 28.21
N SER B 181 35.09 2.66 28.98
CA SER B 181 35.14 1.96 30.27
C SER B 181 35.56 2.94 31.34
N MET B 182 34.86 2.93 32.47
CA MET B 182 35.13 3.85 33.56
C MET B 182 35.13 3.12 34.89
N PRO B 183 35.99 3.56 35.83
CA PRO B 183 35.82 3.11 37.21
C PRO B 183 34.62 3.82 37.85
N ILE B 184 33.80 3.04 38.55
CA ILE B 184 32.55 3.47 39.18
C ILE B 184 32.63 3.56 40.73
N GLY B 185 33.72 3.05 41.31
CA GLY B 185 34.01 3.23 42.73
C GLY B 185 33.27 2.33 43.69
N GLN B 186 32.52 1.34 43.20
CA GLN B 186 31.83 0.38 44.05
C GLN B 186 31.97 -0.98 43.40
N SER B 187 32.09 -2.03 44.21
CA SER B 187 32.08 -3.40 43.73
C SER B 187 30.68 -3.70 43.18
N LEU B 188 30.59 -4.28 41.99
CA LEU B 188 29.33 -4.39 41.30
C LEU B 188 29.20 -5.84 40.83
N PRO B 189 28.01 -6.43 41.00
CA PRO B 189 27.77 -7.75 40.42
C PRO B 189 27.61 -7.62 38.91
N SER B 190 27.88 -8.70 38.21
CA SER B 190 27.78 -8.75 36.75
C SER B 190 26.32 -8.75 36.33
N HIS B 191 25.93 -7.76 35.53
CA HIS B 191 24.61 -7.69 34.91
C HIS B 191 24.65 -7.00 33.54
N SER B 192 23.71 -7.35 32.68
CA SER B 192 23.57 -6.70 31.39
C SER B 192 22.12 -6.39 31.14
N VAL B 193 21.86 -5.14 30.77
CA VAL B 193 20.51 -4.68 30.47
C VAL B 193 20.61 -3.71 29.30
N ILE B 194 19.65 -3.75 28.39
CA ILE B 194 19.79 -3.07 27.10
C ILE B 194 18.65 -2.09 27.03
N VAL B 195 18.97 -0.80 27.00
CA VAL B 195 17.93 0.22 27.10
C VAL B 195 17.73 0.83 25.71
N PRO B 196 16.45 1.01 25.29
CA PRO B 196 16.17 1.61 23.98
C PRO B 196 16.69 3.05 23.83
N ARG B 197 17.11 3.40 22.63
CA ARG B 197 17.51 4.78 22.26
C ARG B 197 16.67 5.90 22.89
N LYS B 198 15.35 5.75 22.90
CA LYS B 198 14.53 6.81 23.46
C LYS B 198 14.83 6.96 24.93
N GLY B 199 14.98 5.81 25.59
CA GLY B 199 15.49 5.74 26.95
C GLY B 199 16.75 6.55 27.18
N VAL B 200 17.77 6.31 26.37
CA VAL B 200 19.03 7.02 26.61
C VAL B 200 18.86 8.53 26.32
N ILE B 201 18.00 8.91 25.36
CA ILE B 201 17.72 10.34 25.11
C ILE B 201 17.11 10.99 26.36
N GLU B 202 16.16 10.29 26.95
CA GLU B 202 15.51 10.85 28.10
C GLU B 202 16.45 10.98 29.28
N LEU B 203 17.27 9.96 29.47
CA LEU B 203 18.27 9.96 30.51
C LEU B 203 19.23 11.14 30.37
N MET B 204 19.68 11.36 29.13
CA MET B 204 20.48 12.52 28.79
C MET B 204 19.77 13.79 29.27
N ARG B 205 18.51 13.95 28.88
CA ARG B 205 17.76 15.13 29.26
C ARG B 205 17.55 15.34 30.76
N MET B 206 17.56 14.29 31.58
CA MET B 206 17.29 14.53 33.01
C MET B 206 18.50 14.99 33.78
N LEU B 207 19.69 14.91 33.18
CA LEU B 207 20.92 15.38 33.81
C LEU B 207 21.04 16.91 33.71
N ASP B 208 20.92 17.56 34.86
CA ASP B 208 21.25 18.98 35.01
C ASP B 208 22.75 19.21 35.29
N GLY B 209 23.53 18.13 35.40
CA GLY B 209 24.96 18.24 35.67
C GLY B 209 25.33 18.51 37.11
N GLY B 210 24.33 18.76 37.98
CA GLY B 210 24.60 19.12 39.38
C GLY B 210 25.12 18.01 40.27
N ASP B 211 25.19 18.31 41.56
CA ASP B 211 25.90 17.45 42.51
C ASP B 211 25.09 16.35 43.16
N ASN B 212 23.74 16.42 43.11
CA ASN B 212 22.93 15.26 43.51
C ASN B 212 23.47 14.03 42.82
N PRO B 213 23.79 12.97 43.58
CA PRO B 213 24.23 11.72 42.97
C PRO B 213 23.09 11.06 42.24
N LEU B 214 23.46 10.20 41.29
CA LEU B 214 22.52 9.34 40.59
C LEU B 214 22.68 7.96 41.20
N ARG B 215 21.57 7.31 41.48
CA ARG B 215 21.56 6.02 42.11
C ARG B 215 20.64 5.20 41.25
N VAL B 216 21.10 4.07 40.75
CA VAL B 216 20.25 3.24 39.90
C VAL B 216 20.12 1.84 40.50
N GLN B 217 18.97 1.22 40.27
CA GLN B 217 18.68 -0.16 40.65
C GLN B 217 18.36 -0.97 39.40
N ILE B 218 18.87 -2.19 39.33
CA ILE B 218 18.69 -3.03 38.16
C ILE B 218 18.07 -4.34 38.59
N GLY B 219 16.92 -4.66 37.99
CA GLY B 219 16.24 -5.91 38.24
C GLY B 219 16.48 -6.85 37.10
N SER B 220 15.63 -7.87 37.05
CA SER B 220 15.78 -8.93 36.06
C SER B 220 15.51 -8.41 34.64
N ASN B 221 14.43 -7.64 34.50
CA ASN B 221 13.93 -7.16 33.20
C ASN B 221 13.66 -5.65 33.21
N ASN B 222 14.19 -4.92 34.19
CA ASN B 222 13.91 -3.50 34.31
C ASN B 222 15.08 -2.77 34.89
N ILE B 223 15.01 -1.45 34.90
CA ILE B 223 15.99 -0.64 35.61
C ILE B 223 15.24 0.49 36.26
N ARG B 224 15.70 0.92 37.45
CA ARG B 224 15.25 2.14 38.11
C ARG B 224 16.39 3.08 38.44
N ALA B 225 16.25 4.36 38.14
CA ALA B 225 17.34 5.33 38.31
C ALA B 225 16.82 6.46 39.16
N HIS B 226 17.49 6.71 40.28
CA HIS B 226 17.12 7.78 41.20
C HIS B 226 18.20 8.83 41.10
N VAL B 227 17.83 10.07 40.74
CA VAL B 227 18.66 11.26 40.97
C VAL B 227 17.79 12.15 41.81
N GLY B 228 18.25 12.57 42.98
CA GLY B 228 17.51 13.54 43.78
C GLY B 228 16.06 13.13 43.95
N ASP B 229 15.15 13.90 43.35
CA ASP B 229 13.69 13.74 43.52
C ASP B 229 12.98 12.89 42.43
N PHE B 230 13.71 12.48 41.39
CA PHE B 230 13.12 11.78 40.26
C PHE B 230 13.56 10.35 40.22
N ILE B 231 12.70 9.51 39.67
CA ILE B 231 12.93 8.09 39.64
C ILE B 231 12.49 7.62 38.26
N PHE B 232 13.38 6.89 37.58
CA PHE B 232 13.16 6.46 36.22
C PHE B 232 13.00 4.95 36.17
N THR B 233 12.03 4.45 35.42
CA THR B 233 11.90 3.02 35.26
C THR B 233 11.62 2.73 33.79
N SER B 234 12.38 1.79 33.20
CA SER B 234 12.13 1.26 31.87
C SER B 234 12.19 -0.25 31.95
N LYS B 235 11.57 -0.94 31.01
CA LYS B 235 11.81 -2.38 30.88
C LYS B 235 12.88 -2.59 29.82
N LEU B 236 13.42 -3.79 29.79
CA LEU B 236 14.51 -4.12 28.89
C LEU B 236 14.03 -4.95 27.73
N VAL B 237 14.84 -4.89 26.68
CA VAL B 237 14.62 -5.67 25.46
C VAL B 237 15.34 -7.00 25.70
N ASP B 238 14.80 -8.08 25.14
CA ASP B 238 15.27 -9.47 25.37
C ASP B 238 16.77 -9.80 25.56
N GLY B 239 17.71 -9.51 24.62
CA GLY B 239 19.13 -9.85 24.85
C GLY B 239 20.00 -10.07 23.61
N ARG B 240 21.12 -10.77 23.83
CA ARG B 240 22.17 -11.04 22.83
C ARG B 240 22.95 -9.83 22.35
N PHE B 241 23.68 -9.17 23.23
CA PHE B 241 24.52 -8.08 22.77
C PHE B 241 25.75 -8.72 22.16
N PRO B 242 26.09 -8.42 20.89
CA PRO B 242 27.25 -9.07 20.25
C PRO B 242 28.58 -8.80 20.97
N ASP B 243 29.56 -9.68 20.78
CA ASP B 243 30.77 -9.69 21.60
C ASP B 243 31.79 -8.63 21.20
N TYR B 244 31.84 -7.58 21.99
CA TYR B 244 32.82 -6.51 21.77
C TYR B 244 34.29 -6.99 21.74
N ARG B 245 34.60 -8.06 22.45
CA ARG B 245 35.97 -8.57 22.49
C ARG B 245 36.41 -9.04 21.10
N ARG B 246 35.47 -9.44 20.26
CA ARG B 246 35.75 -9.88 18.91
C ARG B 246 36.13 -8.74 17.95
N VAL B 247 35.53 -7.57 18.12
CA VAL B 247 35.74 -6.51 17.13
C VAL B 247 37.05 -5.77 17.38
N LEU B 248 37.58 -5.83 18.61
CA LEU B 248 38.81 -5.11 18.97
C LEU B 248 39.92 -5.36 17.96
N PRO B 249 40.65 -4.30 17.55
CA PRO B 249 41.80 -4.58 16.65
C PRO B 249 42.91 -5.35 17.38
N LYS B 250 43.49 -6.32 16.69
CA LYS B 250 44.50 -7.20 17.28
C LYS B 250 45.87 -6.61 17.01
N ASN B 251 46.40 -5.88 18.00
CA ASN B 251 47.69 -5.20 17.91
C ASN B 251 47.85 -4.25 16.71
N PRO B 252 47.18 -3.09 16.76
CA PRO B 252 47.39 -2.11 15.72
C PRO B 252 48.82 -1.55 15.79
N ASP B 253 49.60 -1.81 14.74
CA ASP B 253 51.07 -1.66 14.77
C ASP B 253 51.63 -0.27 14.43
N LYS B 254 50.78 0.65 13.99
CA LYS B 254 51.22 1.99 13.55
C LYS B 254 50.62 3.05 14.46
N HIS B 255 51.41 4.06 14.83
CA HIS B 255 50.98 5.05 15.83
C HIS B 255 50.97 6.40 15.18
N LEU B 256 49.87 7.11 15.38
CA LEU B 256 49.56 8.24 14.56
C LEU B 256 48.91 9.21 15.48
N GLU B 257 49.53 10.38 15.65
CA GLU B 257 49.07 11.39 16.58
C GLU B 257 48.83 12.70 15.80
N ALA B 258 47.76 13.43 16.08
CA ALA B 258 47.50 14.71 15.40
C ALA B 258 46.48 15.52 16.16
N GLY B 259 46.55 16.85 16.04
CA GLY B 259 45.73 17.74 16.85
C GLY B 259 44.27 17.62 16.49
N CYS B 260 43.41 17.37 17.47
CA CYS B 260 42.00 17.10 17.26
C CYS B 260 41.30 18.22 16.50
N ASP B 261 41.58 19.47 16.84
CA ASP B 261 40.87 20.61 16.22
C ASP B 261 41.26 20.80 14.79
N LEU B 262 42.56 20.83 14.54
CA LEU B 262 43.07 20.97 13.18
C LEU B 262 42.46 19.85 12.40
N LEU B 263 42.66 18.62 12.83
CA LEU B 263 42.14 17.44 12.14
C LEU B 263 40.65 17.59 11.80
N LYS B 264 39.84 17.99 12.76
CA LYS B 264 38.40 18.10 12.58
C LYS B 264 38.01 19.20 11.59
N GLN B 265 38.79 20.26 11.56
CA GLN B 265 38.57 21.40 10.67
C GLN B 265 38.82 20.95 9.22
N ALA B 266 39.94 20.26 9.01
CA ALA B 266 40.29 19.71 7.71
C ALA B 266 39.29 18.68 7.19
N PHE B 267 38.78 17.78 8.06
CA PHE B 267 37.69 16.84 7.67
C PHE B 267 36.43 17.55 7.28
N ALA B 268 36.07 18.57 8.04
CA ALA B 268 34.86 19.31 7.71
C ALA B 268 34.99 19.93 6.31
N ARG B 269 36.12 20.57 6.04
CA ARG B 269 36.37 21.18 4.73
C ARG B 269 36.40 20.15 3.59
N ALA B 270 37.10 19.04 3.81
CA ALA B 270 37.21 18.00 2.79
C ALA B 270 35.86 17.34 2.53
N ALA B 271 35.07 17.16 3.59
CA ALA B 271 33.74 16.51 3.49
C ALA B 271 32.80 17.17 2.51
N ILE B 272 32.94 18.47 2.29
CA ILE B 272 32.04 19.18 1.38
C ILE B 272 32.05 18.55 -0.04
N LEU B 273 33.19 18.01 -0.46
CA LEU B 273 33.31 17.37 -1.78
C LEU B 273 33.40 15.83 -1.70
N SER B 274 32.74 15.19 -0.75
CA SER B 274 32.70 13.70 -0.75
C SER B 274 31.40 13.20 -1.34
N ASN B 275 31.24 11.88 -1.42
CA ASN B 275 29.94 11.25 -1.74
C ASN B 275 28.87 11.71 -0.73
N GLU B 276 27.83 12.37 -1.21
CA GLU B 276 26.75 12.90 -0.35
C GLU B 276 26.19 11.92 0.69
N LYS B 277 25.97 10.68 0.27
CA LYS B 277 25.38 9.65 1.13
C LYS B 277 26.37 9.07 2.13
N PHE B 278 27.57 8.74 1.67
CA PHE B 278 28.49 7.91 2.44
C PHE B 278 29.75 8.62 2.88
N ARG B 279 29.95 9.82 2.38
CA ARG B 279 30.86 10.77 3.00
C ARG B 279 32.31 10.31 2.88
N GLY B 280 32.61 9.64 1.76
CA GLY B 280 33.91 9.01 1.54
C GLY B 280 35.02 10.00 1.24
N VAL B 281 36.02 10.04 2.13
CA VAL B 281 37.20 10.87 2.00
C VAL B 281 38.35 9.86 2.19
N ARG B 282 39.50 10.09 1.56
CA ARG B 282 40.60 9.13 1.52
C ARG B 282 41.83 9.68 2.26
N LEU B 283 42.55 8.81 2.98
CA LEU B 283 43.68 9.20 3.84
C LEU B 283 44.97 8.54 3.37
N TYR B 284 46.04 9.32 3.15
CA TYR B 284 47.38 8.81 2.87
C TYR B 284 48.26 9.25 3.99
N VAL B 285 48.89 8.29 4.66
CA VAL B 285 49.77 8.61 5.75
C VAL B 285 51.17 8.23 5.31
N SER B 286 52.15 9.06 5.66
CA SER B 286 53.55 8.70 5.51
C SER B 286 54.34 9.40 6.61
N GLU B 287 55.65 9.19 6.66
CA GLU B 287 56.34 9.61 7.86
C GLU B 287 56.22 11.13 7.95
N ASN B 288 55.74 11.58 9.10
CA ASN B 288 55.45 12.99 9.41
C ASN B 288 54.44 13.76 8.55
N GLN B 289 53.66 13.10 7.71
CA GLN B 289 52.84 13.78 6.70
C GLN B 289 51.50 13.11 6.64
N LEU B 290 50.45 13.88 6.39
CA LEU B 290 49.15 13.33 6.04
C LEU B 290 48.56 14.13 4.89
N LYS B 291 48.18 13.42 3.84
CA LYS B 291 47.44 14.01 2.73
C LYS B 291 46.01 13.47 2.76
N ILE B 292 45.03 14.35 2.95
CA ILE B 292 43.64 13.96 2.84
C ILE B 292 43.16 14.31 1.44
N THR B 293 42.42 13.41 0.79
CA THR B 293 41.76 13.73 -0.47
C THR B 293 40.43 13.02 -0.45
N ALA B 294 39.47 13.56 -1.17
CA ALA B 294 38.15 12.96 -1.26
C ALA B 294 37.69 13.13 -2.70
N ASN B 295 36.66 12.39 -3.12
CA ASN B 295 36.05 12.56 -4.45
C ASN B 295 34.61 13.00 -4.31
N ASN B 296 34.16 13.92 -5.17
CA ASN B 296 32.74 14.04 -5.34
C ASN B 296 32.33 13.66 -6.74
N PRO B 297 31.07 13.23 -6.90
CA PRO B 297 30.58 12.74 -8.18
C PRO B 297 30.88 13.64 -9.40
N GLU B 298 30.91 14.97 -9.20
CA GLU B 298 31.22 15.91 -10.28
C GLU B 298 32.71 16.12 -10.58
N GLN B 299 33.57 15.20 -10.13
CA GLN B 299 35.03 15.24 -10.41
C GLN B 299 35.78 16.40 -9.72
N GLU B 300 35.14 17.03 -8.75
CA GLU B 300 35.73 18.12 -8.02
C GLU B 300 36.57 17.49 -6.94
N GLU B 301 37.58 18.23 -6.48
CA GLU B 301 38.46 17.72 -5.46
C GLU B 301 38.69 18.77 -4.37
N ALA B 302 38.46 18.34 -3.13
CA ALA B 302 38.86 19.05 -1.93
C ALA B 302 39.98 18.26 -1.30
N GLU B 303 40.99 18.96 -0.80
CA GLU B 303 42.23 18.32 -0.44
C GLU B 303 42.92 19.09 0.66
N GLU B 304 43.42 18.36 1.65
CA GLU B 304 44.22 18.91 2.72
C GLU B 304 45.58 18.22 2.76
N ILE B 305 46.62 19.01 3.02
CA ILE B 305 47.94 18.53 3.35
C ILE B 305 48.10 18.89 4.82
N LEU B 306 48.62 18.00 5.65
CA LEU B 306 48.74 18.34 7.06
C LEU B 306 49.93 17.70 7.76
N ASP B 307 50.33 18.35 8.84
CA ASP B 307 51.49 17.93 9.60
C ASP B 307 51.01 16.99 10.68
N VAL B 308 51.46 15.76 10.56
CA VAL B 308 50.88 14.63 11.25
C VAL B 308 52.03 13.87 11.93
N THR B 309 51.87 13.57 13.22
CA THR B 309 52.82 12.73 13.94
C THR B 309 52.45 11.31 13.56
N TYR B 310 53.41 10.56 13.06
CA TYR B 310 53.13 9.23 12.61
C TYR B 310 54.43 8.46 12.51
N SER B 311 54.47 7.30 13.13
CA SER B 311 55.60 6.41 13.02
C SER B 311 55.03 5.10 12.57
N GLY B 312 55.57 4.55 11.48
CA GLY B 312 55.07 3.30 10.95
C GLY B 312 55.22 3.25 9.44
N ALA B 313 54.65 2.21 8.86
CA ALA B 313 54.77 1.95 7.42
C ALA B 313 53.66 2.64 6.66
N GLU B 314 53.94 2.98 5.41
CA GLU B 314 52.95 3.66 4.57
C GLU B 314 51.79 2.74 4.22
N MET B 315 50.57 3.27 4.32
CA MET B 315 49.34 2.57 3.95
C MET B 315 48.23 3.59 3.68
N GLU B 316 47.19 3.14 2.99
CA GLU B 316 46.07 3.99 2.60
C GLU B 316 44.83 3.47 3.26
N ILE B 317 43.97 4.36 3.72
CA ILE B 317 42.67 3.96 4.21
C ILE B 317 41.73 5.15 4.13
N GLY B 318 40.54 4.93 3.58
CA GLY B 318 39.52 5.94 3.51
C GLY B 318 38.29 5.37 4.17
N PHE B 319 37.50 6.25 4.79
CA PHE B 319 36.16 5.91 5.33
C PHE B 319 35.32 7.17 5.52
N ASN B 320 34.05 6.96 5.88
CA ASN B 320 32.96 7.94 6.01
C ASN B 320 33.29 9.09 6.96
N VAL B 321 33.45 10.27 6.37
CA VAL B 321 33.80 11.48 7.08
C VAL B 321 32.79 11.92 8.17
N SER B 322 31.50 11.71 7.97
CA SER B 322 30.55 12.02 9.04
C SER B 322 30.84 11.27 10.33
N TYR B 323 31.14 9.98 10.23
CA TYR B 323 31.42 9.17 11.41
C TYR B 323 32.66 9.64 12.14
N VAL B 324 33.71 9.98 11.40
CA VAL B 324 34.92 10.49 12.03
C VAL B 324 34.75 11.90 12.63
N LEU B 325 33.88 12.72 12.06
CA LEU B 325 33.65 14.04 12.65
C LEU B 325 32.88 13.87 13.96
N ASP B 326 31.94 12.92 13.98
CA ASP B 326 31.21 12.58 15.19
C ASP B 326 32.10 12.17 16.36
N VAL B 327 33.16 11.44 16.09
CA VAL B 327 34.08 11.04 17.15
C VAL B 327 34.90 12.27 17.54
N LEU B 328 35.41 13.06 16.58
CA LEU B 328 36.11 14.33 16.92
C LEU B 328 35.27 15.30 17.73
N ASN B 329 33.94 15.29 17.54
CA ASN B 329 33.04 16.07 18.40
C ASN B 329 32.88 15.47 19.81
N ALA B 330 32.95 14.15 19.94
CA ALA B 330 32.90 13.47 21.24
C ALA B 330 34.23 13.51 21.98
N LEU B 331 35.29 13.69 21.22
CA LEU B 331 36.63 13.86 21.73
C LEU B 331 36.76 15.30 22.11
N LYS B 332 36.53 15.61 23.38
CA LYS B 332 36.62 17.01 23.83
C LYS B 332 38.04 17.28 24.32
N CYS B 333 38.99 17.15 23.41
CA CYS B 333 40.42 17.26 23.75
C CYS B 333 41.20 17.84 22.59
N GLU B 334 42.42 18.30 22.87
CA GLU B 334 43.24 18.89 21.82
C GLU B 334 43.84 17.88 20.85
N ASN B 335 44.33 16.73 21.32
CA ASN B 335 45.05 15.79 20.46
C ASN B 335 44.47 14.40 20.39
N VAL B 336 44.70 13.76 19.25
CA VAL B 336 44.15 12.46 18.92
C VAL B 336 45.31 11.51 18.73
N ARG B 337 45.17 10.25 19.14
CA ARG B 337 46.11 9.19 18.80
C ARG B 337 45.34 8.13 18.04
N MET B 338 45.82 7.78 16.86
CA MET B 338 45.23 6.73 16.09
C MET B 338 46.22 5.59 16.02
N MET B 339 45.71 4.39 16.33
CA MET B 339 46.46 3.12 16.21
C MET B 339 45.86 2.24 15.09
N LEU B 340 46.68 1.84 14.11
CA LEU B 340 46.16 1.27 12.85
C LEU B 340 46.43 -0.23 12.72
N THR B 341 45.71 -0.90 11.83
CA THR B 341 46.06 -2.26 11.41
C THR B 341 46.30 -2.27 9.89
N ASP B 342 45.23 -2.20 9.09
CA ASP B 342 45.34 -2.11 7.63
C ASP B 342 44.05 -1.62 7.00
N SER B 343 44.13 -1.32 5.71
CA SER B 343 43.00 -0.92 4.87
C SER B 343 41.73 -1.80 4.91
N VAL B 344 41.77 -2.98 5.54
CA VAL B 344 40.61 -3.88 5.50
C VAL B 344 40.19 -4.42 6.87
N SER B 345 40.69 -3.81 7.96
CA SER B 345 40.40 -4.23 9.33
C SER B 345 39.67 -3.13 10.05
N SER B 346 39.04 -3.48 11.17
CA SER B 346 38.53 -2.49 12.14
C SER B 346 39.67 -1.61 12.68
N VAL B 347 39.36 -0.43 13.20
CA VAL B 347 40.40 0.53 13.63
C VAL B 347 40.27 0.82 15.11
N GLN B 348 41.35 1.27 15.74
CA GLN B 348 41.32 1.81 17.09
C GLN B 348 41.61 3.29 17.00
N ILE B 349 40.92 4.10 17.81
CA ILE B 349 41.30 5.49 17.97
C ILE B 349 41.27 5.76 19.45
N GLU B 350 42.25 6.49 19.96
CA GLU B 350 42.11 7.08 21.29
C GLU B 350 42.60 8.51 21.32
N ASP B 351 42.12 9.24 22.31
CA ASP B 351 42.67 10.51 22.75
C ASP B 351 44.02 10.15 23.35
N ALA B 352 45.03 10.94 23.02
CA ALA B 352 46.37 10.70 23.55
C ALA B 352 46.48 10.85 25.07
N ALA B 353 45.42 11.39 25.70
CA ALA B 353 45.33 11.62 27.13
C ALA B 353 44.39 10.69 27.93
N SER B 354 43.38 10.11 27.28
CA SER B 354 42.43 9.21 27.92
C SER B 354 42.36 7.95 27.10
N GLN B 355 42.66 6.81 27.71
CA GLN B 355 42.28 5.52 27.14
C GLN B 355 40.83 5.14 27.51
N SER B 356 40.11 6.04 28.17
CA SER B 356 38.76 5.78 28.67
C SER B 356 37.79 5.32 27.60
N ALA B 357 37.91 5.91 26.41
CA ALA B 357 37.05 5.58 25.29
C ALA B 357 37.83 4.87 24.21
N ALA B 358 37.14 3.97 23.50
CA ALA B 358 37.67 3.25 22.35
C ALA B 358 36.67 3.41 21.22
N TYR B 359 37.20 3.61 20.01
CA TYR B 359 36.40 3.88 18.84
C TYR B 359 36.81 2.95 17.73
N VAL B 360 35.85 2.55 16.94
CA VAL B 360 36.13 1.89 15.67
C VAL B 360 35.20 2.52 14.60
N VAL B 361 35.80 3.00 13.51
CA VAL B 361 35.10 3.25 12.24
C VAL B 361 35.74 2.31 11.23
N MET B 362 34.95 1.72 10.35
CA MET B 362 35.49 0.80 9.37
C MET B 362 35.96 1.53 8.13
N PRO B 363 36.82 0.88 7.33
CA PRO B 363 37.16 1.39 6.04
C PRO B 363 36.12 1.00 4.99
N MET B 364 36.03 1.81 3.95
CA MET B 364 35.60 1.33 2.64
C MET B 364 36.84 1.22 1.80
N ARG B 365 36.89 0.20 0.96
CA ARG B 365 38.00 0.03 0.06
C ARG B 365 37.47 0.39 -1.32
N LEU B 366 37.96 1.52 -1.84
CA LEU B 366 37.58 2.06 -3.17
C LEU B 366 38.70 1.77 -4.17
N MET C 1 42.92 33.97 -14.20
CA MET C 1 42.63 34.85 -13.01
C MET C 1 43.42 34.39 -11.79
N LYS C 2 43.86 35.33 -10.96
CA LYS C 2 44.67 35.02 -9.78
C LYS C 2 44.47 36.18 -8.83
N PHE C 3 44.11 35.94 -7.56
CA PHE C 3 44.19 36.96 -6.48
C PHE C 3 44.33 36.29 -5.14
N THR C 4 44.54 37.09 -4.08
CA THR C 4 44.56 36.57 -2.73
C THR C 4 43.82 37.55 -1.81
N VAL C 5 42.94 37.04 -0.93
CA VAL C 5 42.10 37.86 -0.02
C VAL C 5 42.01 37.33 1.40
N GLU C 6 41.57 38.22 2.28
CA GLU C 6 41.72 38.07 3.69
C GLU C 6 40.38 37.52 4.10
N ARG C 7 40.40 36.37 4.77
CA ARG C 7 39.22 35.72 5.32
C ARG C 7 38.23 36.68 5.96
N GLU C 8 38.78 37.63 6.74
CA GLU C 8 38.02 38.57 7.55
C GLU C 8 37.19 39.57 6.75
N HIS C 9 37.70 39.96 5.59
CA HIS C 9 36.93 40.85 4.72
C HIS C 9 35.79 40.10 4.11
N LEU C 10 36.07 38.85 3.78
CA LEU C 10 35.16 38.09 2.97
C LEU C 10 34.11 37.34 3.73
N LEU C 11 34.30 37.09 5.02
CA LEU C 11 33.39 36.21 5.77
C LEU C 11 31.92 36.65 5.96
N LYS C 12 31.72 37.87 6.45
CA LYS C 12 30.40 38.42 6.62
C LYS C 12 29.65 38.53 5.27
N PRO C 13 30.30 39.06 4.21
CA PRO C 13 29.68 39.04 2.89
C PRO C 13 29.27 37.66 2.42
N LEU C 14 30.15 36.69 2.59
CA LEU C 14 29.84 35.33 2.24
C LEU C 14 28.58 34.82 2.94
N GLN C 15 28.48 35.09 4.23
CA GLN C 15 27.27 34.75 4.96
C GLN C 15 26.04 35.54 4.43
N GLN C 16 26.17 36.87 4.27
CA GLN C 16 25.09 37.68 3.67
C GLN C 16 24.56 37.10 2.36
N VAL C 17 25.46 36.75 1.46
CA VAL C 17 25.08 36.43 0.09
C VAL C 17 24.59 34.97 -0.06
N SER C 18 25.15 34.05 0.72
CA SER C 18 24.75 32.64 0.65
C SER C 18 23.40 32.38 1.29
N GLY C 19 23.22 32.93 2.49
CA GLY C 19 22.15 32.46 3.32
C GLY C 19 20.74 32.30 2.76
N PRO C 20 20.30 33.09 1.75
CA PRO C 20 18.94 32.86 1.19
C PRO C 20 18.86 31.86 0.07
N LEU C 21 20.02 31.40 -0.40
CA LEU C 21 20.07 30.59 -1.60
C LEU C 21 19.52 29.19 -1.34
N GLY C 22 18.52 28.84 -2.14
CA GLY C 22 17.78 27.60 -1.98
C GLY C 22 18.68 26.45 -2.34
N GLY C 23 18.63 25.42 -1.49
CA GLY C 23 19.36 24.17 -1.67
C GLY C 23 19.46 23.65 -3.10
N ARG C 24 18.31 23.55 -3.77
CA ARG C 24 18.25 23.06 -5.12
C ARG C 24 17.39 24.03 -5.89
N PRO C 25 18.01 25.02 -6.59
CA PRO C 25 17.23 25.93 -7.44
C PRO C 25 16.76 25.24 -8.72
N THR C 26 15.85 25.91 -9.44
CA THR C 26 15.21 25.32 -10.62
C THR C 26 16.15 25.36 -11.84
N LEU C 27 16.98 26.40 -11.86
CA LEU C 27 17.90 26.66 -12.95
C LEU C 27 19.25 26.61 -12.29
N PRO C 28 20.01 25.51 -12.44
CA PRO C 28 21.31 25.32 -11.77
C PRO C 28 22.23 26.54 -11.50
N ILE C 29 22.42 27.47 -12.45
CA ILE C 29 23.37 28.61 -12.24
C ILE C 29 22.98 29.49 -11.07
N LEU C 30 21.70 29.49 -10.70
CA LEU C 30 21.19 30.08 -9.45
C LEU C 30 21.87 29.62 -8.15
N GLY C 31 22.53 28.46 -8.17
CA GLY C 31 23.31 27.97 -7.04
C GLY C 31 24.78 28.35 -7.10
N ASN C 32 25.18 29.02 -8.18
CA ASN C 32 26.56 29.43 -8.40
C ASN C 32 26.77 30.93 -8.25
N LEU C 33 28.02 31.31 -8.08
CA LEU C 33 28.45 32.62 -7.60
C LEU C 33 29.07 33.34 -8.74
N LEU C 34 28.74 34.60 -8.94
CA LEU C 34 29.43 35.39 -9.96
C LEU C 34 30.62 36.03 -9.29
N LEU C 35 31.80 35.86 -9.88
CA LEU C 35 33.02 36.42 -9.34
C LEU C 35 33.55 37.30 -10.43
N GLN C 36 33.89 38.55 -10.11
CA GLN C 36 34.40 39.52 -11.11
C GLN C 36 35.55 40.29 -10.51
N VAL C 37 36.70 40.27 -11.17
CA VAL C 37 37.83 41.07 -10.78
C VAL C 37 38.01 42.15 -11.85
N ALA C 38 37.97 43.40 -11.43
CA ALA C 38 38.35 44.50 -12.29
C ALA C 38 38.92 45.53 -11.35
N ASP C 39 39.94 46.25 -11.78
CA ASP C 39 40.61 47.19 -10.90
C ASP C 39 41.13 46.36 -9.70
N GLY C 40 41.34 47.01 -8.57
CA GLY C 40 41.56 46.34 -7.30
C GLY C 40 40.23 46.07 -6.65
N THR C 41 39.39 45.27 -7.31
CA THR C 41 38.10 44.93 -6.73
C THR C 41 37.57 43.54 -7.13
N LEU C 42 37.16 42.76 -6.14
CA LEU C 42 36.44 41.52 -6.39
C LEU C 42 34.98 41.85 -6.10
N SER C 43 34.10 41.57 -7.05
CA SER C 43 32.67 41.76 -6.89
C SER C 43 32.08 40.37 -6.86
N LEU C 44 31.25 40.12 -5.85
CA LEU C 44 30.60 38.84 -5.66
C LEU C 44 29.15 39.15 -5.88
N THR C 45 28.45 38.33 -6.66
CA THR C 45 27.01 38.52 -6.85
C THR C 45 26.26 37.21 -6.66
N GLY C 46 25.31 37.20 -5.72
CA GLY C 46 24.37 36.11 -5.54
C GLY C 46 22.99 36.64 -5.85
N THR C 47 22.21 35.87 -6.59
CA THR C 47 20.87 36.28 -7.01
C THR C 47 19.92 35.11 -7.08
N ASP C 48 18.64 35.43 -7.17
CA ASP C 48 17.63 34.45 -7.52
C ASP C 48 16.68 35.04 -8.56
N LEU C 49 17.15 36.01 -9.34
CA LEU C 49 16.30 36.85 -10.23
C LEU C 49 15.31 37.79 -9.52
N GLU C 50 14.88 37.45 -8.31
CA GLU C 50 14.00 38.34 -7.53
C GLU C 50 14.84 39.38 -6.79
N MET C 51 15.92 38.95 -6.14
CA MET C 51 16.85 39.87 -5.48
C MET C 51 18.28 39.64 -5.96
N GLU C 52 19.12 40.65 -5.74
CA GLU C 52 20.49 40.61 -6.28
C GLU C 52 21.40 41.25 -5.27
N MET C 53 22.55 40.63 -5.06
CA MET C 53 23.39 40.92 -3.93
C MET C 53 24.75 41.11 -4.54
N VAL C 54 25.42 42.22 -4.22
CA VAL C 54 26.80 42.46 -4.67
C VAL C 54 27.65 42.84 -3.46
N ALA C 55 28.79 42.18 -3.30
CA ALA C 55 29.73 42.50 -2.23
C ALA C 55 31.07 42.82 -2.89
N ARG C 56 31.83 43.73 -2.28
CA ARG C 56 33.15 44.12 -2.79
C ARG C 56 34.17 43.91 -1.68
N VAL C 57 35.40 43.52 -2.04
CA VAL C 57 36.52 43.43 -1.08
C VAL C 57 37.76 43.92 -1.83
N ALA C 58 38.53 44.81 -1.21
CA ALA C 58 39.71 45.40 -1.86
C ALA C 58 40.89 44.43 -1.88
N LEU C 59 41.52 44.32 -3.04
CA LEU C 59 42.67 43.42 -3.25
C LEU C 59 44.00 44.16 -3.09
N VAL C 60 44.64 44.00 -1.94
CA VAL C 60 45.99 44.55 -1.69
C VAL C 60 47.11 43.60 -2.20
N GLN C 61 46.75 42.34 -2.48
CA GLN C 61 47.71 41.31 -2.86
C GLN C 61 47.68 41.05 -4.36
N PRO C 62 48.78 40.50 -4.91
CA PRO C 62 48.89 40.29 -6.36
C PRO C 62 47.72 39.57 -7.02
N HIS C 63 47.40 40.00 -8.23
CA HIS C 63 46.18 39.55 -8.87
C HIS C 63 46.27 39.59 -10.38
N GLU C 64 45.30 38.94 -11.01
CA GLU C 64 45.15 38.92 -12.45
C GLU C 64 43.63 38.91 -12.64
N PRO C 65 43.07 39.86 -13.43
CA PRO C 65 41.60 39.98 -13.53
C PRO C 65 40.91 38.86 -14.32
N GLY C 66 39.59 38.80 -14.23
CA GLY C 66 38.81 37.72 -14.84
C GLY C 66 37.54 37.52 -14.05
N ALA C 67 36.68 36.63 -14.54
CA ALA C 67 35.38 36.36 -13.91
C ALA C 67 35.08 34.87 -13.91
N THR C 68 34.27 34.40 -12.95
CA THR C 68 33.81 33.01 -12.96
C THR C 68 32.51 32.84 -12.20
N THR C 69 31.99 31.62 -12.19
CA THR C 69 30.77 31.34 -11.50
C THR C 69 30.98 29.98 -10.83
N VAL C 70 30.97 29.94 -9.49
CA VAL C 70 31.22 28.72 -8.68
C VAL C 70 30.08 28.45 -7.69
N PRO C 71 29.87 27.18 -7.31
CA PRO C 71 28.78 26.82 -6.41
C PRO C 71 28.80 27.56 -5.08
N ALA C 72 27.73 28.28 -4.83
CA ALA C 72 27.58 29.15 -3.66
C ALA C 72 27.67 28.46 -2.31
N ARG C 73 26.82 27.47 -2.07
CA ARG C 73 26.75 26.72 -0.80
C ARG C 73 28.13 26.27 -0.38
N LYS C 74 28.75 25.55 -1.29
CA LYS C 74 29.96 24.85 -0.98
C LYS C 74 31.08 25.82 -0.77
N PHE C 75 31.07 26.91 -1.52
CA PHE C 75 32.05 27.96 -1.33
C PHE C 75 31.90 28.58 0.04
N PHE C 76 30.67 28.82 0.46
CA PHE C 76 30.47 29.42 1.75
C PHE C 76 30.90 28.49 2.88
N ASP C 77 30.57 27.21 2.77
CA ASP C 77 31.01 26.24 3.77
C ASP C 77 32.53 26.17 3.86
N ILE C 78 33.19 26.13 2.69
CA ILE C 78 34.64 26.14 2.63
C ILE C 78 35.17 27.34 3.40
N CYS C 79 34.70 28.54 3.09
CA CYS C 79 35.19 29.73 3.77
C CYS C 79 34.85 29.83 5.23
N ARG C 80 33.68 29.33 5.63
CA ARG C 80 33.35 29.30 7.04
C ARG C 80 34.32 28.37 7.79
N GLY C 81 34.56 27.20 7.21
CA GLY C 81 35.45 26.23 7.81
C GLY C 81 36.93 26.57 7.90
N LEU C 82 37.40 27.66 7.27
CA LEU C 82 38.82 28.01 7.23
C LEU C 82 39.37 28.40 8.59
N PRO C 83 40.70 28.19 8.80
CA PRO C 83 41.28 28.49 10.09
C PRO C 83 41.32 29.98 10.33
N GLU C 84 41.42 30.29 11.61
CA GLU C 84 41.49 31.63 12.10
C GLU C 84 42.58 32.43 11.41
N GLY C 85 42.21 33.59 10.87
CA GLY C 85 43.14 34.52 10.22
C GLY C 85 43.62 34.19 8.82
N ALA C 86 42.91 33.29 8.13
CA ALA C 86 43.39 32.70 6.90
C ALA C 86 43.40 33.73 5.79
N GLU C 87 44.51 33.81 5.04
CA GLU C 87 44.65 34.71 3.89
C GLU C 87 44.62 33.71 2.75
N ILE C 88 43.61 33.78 1.89
CA ILE C 88 43.45 32.69 0.91
C ILE C 88 43.77 33.19 -0.49
N ALA C 89 44.56 32.39 -1.22
CA ALA C 89 44.96 32.70 -2.59
C ALA C 89 44.24 31.78 -3.55
N VAL C 90 43.48 32.37 -4.45
CA VAL C 90 42.69 31.60 -5.40
C VAL C 90 43.13 31.91 -6.83
N GLN C 91 43.08 30.93 -7.74
CA GLN C 91 43.50 31.13 -9.12
C GLN C 91 42.65 30.34 -10.11
N LEU C 92 42.22 30.95 -11.22
CA LEU C 92 41.54 30.24 -12.30
C LEU C 92 42.58 29.50 -13.09
N GLU C 93 42.39 28.19 -13.27
CA GLU C 93 43.35 27.37 -13.97
C GLU C 93 42.59 26.38 -14.85
N GLY C 94 42.38 26.74 -16.10
CA GLY C 94 41.67 25.86 -17.03
C GLY C 94 40.19 25.89 -16.67
N GLU C 95 39.66 24.76 -16.21
CA GLU C 95 38.22 24.62 -15.94
C GLU C 95 37.88 24.50 -14.44
N ARG C 96 38.87 24.76 -13.60
CA ARG C 96 38.78 24.63 -12.17
C ARG C 96 39.26 25.94 -11.60
N MET C 97 38.66 26.34 -10.50
CA MET C 97 39.27 27.39 -9.70
C MET C 97 39.93 26.71 -8.53
N LEU C 98 41.20 27.06 -8.35
CA LEU C 98 42.01 26.49 -7.28
C LEU C 98 42.01 27.42 -6.08
N VAL C 99 41.74 26.86 -4.92
CA VAL C 99 41.64 27.64 -3.73
C VAL C 99 42.76 27.17 -2.84
N ARG C 100 43.64 28.10 -2.44
CA ARG C 100 44.69 27.79 -1.51
C ARG C 100 44.55 28.57 -0.24
N SER C 101 44.88 27.89 0.85
CA SER C 101 45.16 28.55 2.10
C SER C 101 46.08 27.63 2.88
N GLY C 102 47.20 28.18 3.34
CA GLY C 102 48.22 27.42 4.04
C GLY C 102 48.64 26.25 3.17
N ARG C 103 48.34 25.03 3.65
CA ARG C 103 48.66 23.77 2.95
C ARG C 103 47.40 23.06 2.39
N SER C 104 46.23 23.64 2.65
CA SER C 104 44.98 23.15 2.09
C SER C 104 44.84 23.65 0.66
N ARG C 105 44.33 22.82 -0.24
CA ARG C 105 44.24 23.19 -1.65
C ARG C 105 42.94 22.61 -2.19
N PHE C 106 42.13 23.38 -2.91
CA PHE C 106 40.80 22.92 -3.32
C PHE C 106 40.49 23.26 -4.73
N SER C 107 39.57 22.50 -5.32
CA SER C 107 39.44 22.47 -6.74
C SER C 107 38.01 22.19 -7.09
N LEU C 108 37.36 23.20 -7.66
CA LEU C 108 35.91 23.21 -7.78
C LEU C 108 35.62 23.29 -9.29
N SER C 109 34.54 22.68 -9.78
CA SER C 109 34.15 22.82 -11.21
C SER C 109 33.56 24.21 -11.43
N THR C 110 33.53 24.67 -12.67
CA THR C 110 33.37 26.08 -12.94
C THR C 110 32.43 26.27 -14.12
N LEU C 111 31.56 27.27 -14.02
CA LEU C 111 30.72 27.68 -15.14
C LEU C 111 31.15 29.13 -15.45
N PRO C 112 31.21 29.54 -16.73
CA PRO C 112 31.70 30.89 -16.99
C PRO C 112 30.73 32.04 -16.63
N ALA C 113 31.32 33.15 -16.22
CA ALA C 113 30.61 34.38 -15.91
C ALA C 113 29.63 34.78 -17.02
N ALA C 114 30.04 34.58 -18.26
CA ALA C 114 29.23 34.92 -19.44
C ALA C 114 27.87 34.23 -19.48
N ASP C 115 27.80 33.00 -18.97
CA ASP C 115 26.53 32.24 -18.86
C ASP C 115 25.54 32.84 -17.85
N PHE C 116 26.02 33.67 -16.94
CA PHE C 116 25.17 34.11 -15.84
C PHE C 116 24.20 35.23 -16.25
N PRO C 117 22.90 35.12 -15.92
CA PRO C 117 21.96 36.20 -16.30
C PRO C 117 22.26 37.59 -15.69
N ASN C 118 22.82 38.49 -16.49
CA ASN C 118 23.03 39.85 -16.06
C ASN C 118 21.65 40.49 -16.07
N LEU C 119 21.08 40.73 -14.88
CA LEU C 119 19.81 41.46 -14.80
C LEU C 119 20.01 42.96 -15.11
N ASP C 120 18.88 43.66 -15.26
CA ASP C 120 18.75 44.90 -16.05
C ASP C 120 19.17 46.20 -15.34
N ASP C 121 19.81 47.09 -16.10
CA ASP C 121 20.03 48.47 -15.70
C ASP C 121 18.74 49.24 -15.78
N TRP C 122 18.57 50.13 -14.82
CA TRP C 122 17.45 51.04 -14.75
C TRP C 122 18.02 52.34 -14.18
N GLN C 123 17.32 53.44 -14.45
CA GLN C 123 17.67 54.71 -13.84
C GLN C 123 16.90 54.91 -12.57
N SER C 124 17.63 55.38 -11.56
CA SER C 124 17.05 55.76 -10.29
C SER C 124 15.98 56.84 -10.45
N GLU C 125 14.92 56.74 -9.64
CA GLU C 125 13.79 57.72 -9.61
C GLU C 125 13.63 58.48 -8.30
N VAL C 126 13.85 57.81 -7.17
CA VAL C 126 13.74 58.46 -5.88
C VAL C 126 14.92 57.94 -5.06
N GLU C 127 15.55 58.85 -4.31
CA GLU C 127 16.84 58.60 -3.67
C GLU C 127 16.81 59.19 -2.30
N PHE C 128 17.50 58.52 -1.39
CA PHE C 128 17.51 58.89 0.02
C PHE C 128 18.51 58.03 0.77
N THR C 129 18.93 58.46 1.95
CA THR C 129 19.65 57.61 2.87
C THR C 129 18.92 57.63 4.21
N LEU C 130 19.13 56.63 5.06
CA LEU C 130 18.60 56.65 6.43
C LEU C 130 19.44 55.81 7.35
N PRO C 131 19.35 56.04 8.68
CA PRO C 131 20.06 55.14 9.57
C PRO C 131 19.65 53.69 9.38
N GLN C 132 20.64 52.81 9.48
CA GLN C 132 20.39 51.38 9.39
C GLN C 132 19.35 51.01 10.41
N ALA C 133 19.51 51.54 11.63
CA ALA C 133 18.63 51.20 12.74
C ALA C 133 17.17 51.59 12.56
N THR C 134 16.87 52.60 11.76
CA THR C 134 15.49 52.96 11.54
C THR C 134 14.87 51.94 10.61
N MET C 135 15.62 51.63 9.55
CA MET C 135 15.14 50.71 8.59
C MET C 135 14.82 49.38 9.25
N LYS C 136 15.76 48.85 10.02
CA LYS C 136 15.58 47.55 10.69
C LYS C 136 14.33 47.53 11.58
N ARG C 137 14.15 48.58 12.38
CA ARG C 137 12.92 48.78 13.16
C ARG C 137 11.65 48.67 12.30
N LEU C 138 11.63 49.50 11.28
CA LEU C 138 10.48 49.59 10.36
C LEU C 138 10.04 48.20 9.88
N ILE C 139 11.02 47.40 9.47
CA ILE C 139 10.80 46.08 8.90
C ILE C 139 10.45 45.03 9.96
N GLU C 140 11.23 44.98 11.05
CA GLU C 140 11.03 43.97 12.10
C GLU C 140 9.66 44.08 12.74
N ALA C 141 9.28 45.32 13.00
CA ALA C 141 8.03 45.65 13.66
C ALA C 141 6.77 45.29 12.87
N THR C 142 6.93 44.88 11.63
CA THR C 142 5.85 44.80 10.69
C THR C 142 5.82 43.49 9.86
N GLN C 143 6.97 42.87 9.66
CA GLN C 143 7.07 41.76 8.72
C GLN C 143 6.20 40.54 9.05
N PHE C 144 5.83 40.38 10.30
CA PHE C 144 5.07 39.21 10.72
C PHE C 144 3.63 39.14 10.18
N SER C 145 3.13 40.22 9.58
CA SER C 145 1.79 40.17 9.00
C SER C 145 1.66 39.67 7.56
N MET C 146 2.77 39.37 6.89
CA MET C 146 2.69 38.99 5.49
C MET C 146 2.09 37.61 5.36
N ALA C 147 1.49 37.38 4.21
CA ALA C 147 1.06 36.05 3.81
C ALA C 147 2.26 35.12 3.58
N HIS C 148 1.97 33.86 3.25
CA HIS C 148 2.99 32.89 2.80
C HIS C 148 3.04 32.73 1.27
N GLN C 149 1.94 32.28 0.72
CA GLN C 149 1.88 31.82 -0.68
C GLN C 149 0.54 32.24 -1.24
N ASP C 150 0.30 33.55 -1.30
CA ASP C 150 -1.02 34.12 -1.62
C ASP C 150 -1.15 34.34 -3.13
N VAL C 151 -2.36 34.05 -3.61
CA VAL C 151 -2.77 34.17 -5.01
C VAL C 151 -2.74 35.64 -5.46
N ARG C 152 -3.02 36.51 -4.48
CA ARG C 152 -2.97 37.94 -4.65
C ARG C 152 -1.51 38.23 -4.41
N TYR C 153 -0.75 37.99 -5.46
CA TYR C 153 0.72 38.02 -5.50
C TYR C 153 1.33 39.29 -4.92
N TYR C 154 0.53 40.36 -4.84
CA TYR C 154 0.96 41.64 -4.28
C TYR C 154 0.88 41.70 -2.75
N LEU C 155 0.41 40.66 -2.08
CA LEU C 155 0.43 40.59 -0.61
C LEU C 155 1.71 39.92 -0.09
N ASN C 156 2.32 39.10 -0.95
CA ASN C 156 3.57 38.38 -0.66
C ASN C 156 4.76 39.33 -0.74
N GLY C 157 4.79 40.25 0.21
CA GLY C 157 5.70 41.38 0.16
C GLY C 157 5.23 42.47 1.08
N MET C 158 5.87 43.62 1.03
CA MET C 158 5.50 44.71 1.90
C MET C 158 5.28 45.98 1.12
N LEU C 159 4.16 46.64 1.40
CA LEU C 159 3.81 47.90 0.79
C LEU C 159 4.54 49.04 1.49
N PHE C 160 5.25 49.85 0.71
CA PHE C 160 5.85 51.07 1.21
C PHE C 160 5.08 52.21 0.63
N GLU C 161 4.66 53.13 1.49
CA GLU C 161 4.12 54.37 1.00
C GLU C 161 4.99 55.54 1.41
N THR C 162 5.38 56.31 0.40
CA THR C 162 6.31 57.39 0.52
C THR C 162 5.49 58.63 0.18
N GLU C 163 5.48 59.62 1.08
CA GLU C 163 4.88 60.92 0.79
C GLU C 163 5.62 61.97 1.59
N GLY C 164 6.05 63.04 0.91
CA GLY C 164 6.80 64.11 1.54
C GLY C 164 8.10 63.58 2.09
N GLU C 165 8.31 63.72 3.39
CA GLU C 165 9.52 63.24 4.07
C GLU C 165 9.28 61.97 4.89
N GLU C 166 8.08 61.41 4.79
CA GLU C 166 7.74 60.21 5.51
C GLU C 166 7.74 58.98 4.63
N LEU C 167 8.14 57.87 5.22
CA LEU C 167 7.93 56.57 4.61
C LEU C 167 7.02 55.82 5.55
N ARG C 168 6.08 55.07 4.99
CA ARG C 168 5.20 54.20 5.76
C ARG C 168 5.29 52.78 5.23
N THR C 169 5.17 51.80 6.11
CA THR C 169 5.30 50.40 5.74
C THR C 169 3.99 49.72 6.04
N VAL C 170 3.66 48.71 5.24
CA VAL C 170 2.45 47.95 5.45
C VAL C 170 2.64 46.58 4.79
N ALA C 171 2.12 45.56 5.45
CA ALA C 171 2.03 44.18 4.93
C ALA C 171 0.76 43.56 5.53
N THR C 172 0.09 42.65 4.83
CA THR C 172 -1.20 42.18 5.35
C THR C 172 -1.65 40.92 4.68
N ASP C 173 -2.51 40.18 5.38
CA ASP C 173 -3.11 38.95 4.87
C ASP C 173 -4.64 39.00 4.82
N GLY C 174 -5.22 40.18 5.06
CA GLY C 174 -6.67 40.37 5.08
C GLY C 174 -7.36 40.18 6.42
N HIS C 175 -6.61 39.77 7.44
CA HIS C 175 -7.11 39.60 8.80
C HIS C 175 -6.45 40.57 9.78
N ARG C 176 -5.23 40.96 9.49
CA ARG C 176 -4.52 41.90 10.29
C ARG C 176 -3.70 42.72 9.32
N LEU C 177 -3.40 43.96 9.69
CA LEU C 177 -2.50 44.82 8.92
C LEU C 177 -1.52 45.45 9.91
N ALA C 178 -0.27 45.64 9.49
CA ALA C 178 0.81 46.14 10.37
C ALA C 178 1.54 47.29 9.71
N VAL C 179 1.60 48.42 10.41
CA VAL C 179 2.16 49.68 9.89
C VAL C 179 3.21 50.17 10.84
N CYS C 180 4.31 50.71 10.30
CA CYS C 180 5.10 51.69 11.04
C CYS C 180 5.50 52.76 10.08
N SER C 181 5.36 54.03 10.47
CA SER C 181 5.85 55.15 9.68
C SER C 181 6.60 56.09 10.61
N MET C 182 7.74 56.61 10.13
CA MET C 182 8.64 57.44 10.91
C MET C 182 9.27 58.53 10.04
N PRO C 183 9.54 59.71 10.61
CA PRO C 183 10.21 60.79 9.87
C PRO C 183 11.69 60.50 9.58
N ILE C 184 12.04 60.66 8.30
CA ILE C 184 13.37 60.35 7.78
C ILE C 184 14.14 61.62 7.34
N GLY C 185 13.45 62.76 7.27
CA GLY C 185 14.12 64.06 7.11
C GLY C 185 14.72 64.38 5.74
N GLN C 186 14.09 63.88 4.68
CA GLN C 186 14.54 64.13 3.29
C GLN C 186 13.29 64.30 2.44
N SER C 187 13.29 65.22 1.49
CA SER C 187 12.11 65.42 0.64
C SER C 187 12.11 64.36 -0.43
N LEU C 188 11.08 63.54 -0.47
CA LEU C 188 10.96 62.50 -1.48
C LEU C 188 9.87 62.86 -2.45
N PRO C 189 9.94 62.32 -3.68
CA PRO C 189 8.83 62.14 -4.63
C PRO C 189 7.66 61.37 -4.02
N SER C 190 6.50 61.44 -4.65
CA SER C 190 5.34 60.73 -4.15
C SER C 190 5.07 59.51 -5.01
N HIS C 191 5.14 58.34 -4.36
CA HIS C 191 5.29 57.04 -5.01
C HIS C 191 5.12 55.93 -3.94
N SER C 192 4.55 54.80 -4.33
CA SER C 192 4.39 53.66 -3.43
C SER C 192 4.96 52.45 -4.12
N VAL C 193 5.56 51.55 -3.37
CA VAL C 193 6.26 50.44 -3.99
C VAL C 193 6.12 49.22 -3.08
N ILE C 194 5.83 48.06 -3.67
CA ILE C 194 5.64 46.83 -2.90
C ILE C 194 6.82 45.94 -3.23
N VAL C 195 7.63 45.61 -2.23
CA VAL C 195 8.78 44.78 -2.51
C VAL C 195 8.45 43.36 -2.04
N PRO C 196 8.93 42.34 -2.77
CA PRO C 196 8.63 40.93 -2.48
C PRO C 196 9.13 40.41 -1.12
N ARG C 197 8.38 39.46 -0.56
CA ARG C 197 8.61 38.91 0.78
C ARG C 197 10.07 38.52 0.97
N LYS C 198 10.62 37.77 0.02
CA LYS C 198 11.98 37.27 0.19
C LYS C 198 13.03 38.38 0.11
N GLY C 199 12.77 39.37 -0.74
CA GLY C 199 13.59 40.58 -0.77
C GLY C 199 13.67 41.27 0.57
N VAL C 200 12.52 41.45 1.21
CA VAL C 200 12.47 42.20 2.49
C VAL C 200 13.08 41.38 3.65
N ILE C 201 12.85 40.08 3.64
CA ILE C 201 13.50 39.15 4.58
C ILE C 201 15.02 39.37 4.57
N GLU C 202 15.60 39.37 3.37
CA GLU C 202 17.04 39.43 3.24
C GLU C 202 17.59 40.82 3.52
N LEU C 203 16.85 41.86 3.16
CA LEU C 203 17.28 43.21 3.48
C LEU C 203 17.39 43.38 5.01
N MET C 204 16.36 42.92 5.73
CA MET C 204 16.36 42.94 7.19
C MET C 204 17.55 42.18 7.77
N ARG C 205 17.78 41.01 7.19
CA ARG C 205 18.87 40.13 7.56
C ARG C 205 20.25 40.77 7.57
N MET C 206 20.53 41.60 6.56
CA MET C 206 21.83 42.24 6.41
C MET C 206 21.99 43.51 7.19
N LEU C 207 20.92 43.99 7.82
CA LEU C 207 20.97 45.22 8.58
C LEU C 207 21.69 45.05 9.92
N ASP C 208 23.01 45.07 9.77
CA ASP C 208 23.86 45.14 10.92
C ASP C 208 23.56 46.49 11.54
N GLY C 209 23.07 46.37 12.75
CA GLY C 209 22.51 47.48 13.54
C GLY C 209 23.20 48.85 13.63
N GLY C 210 24.34 49.01 12.94
CA GLY C 210 25.36 49.97 13.31
C GLY C 210 25.23 51.37 12.74
N ASP C 211 26.38 52.01 12.61
CA ASP C 211 26.51 53.44 12.25
C ASP C 211 26.15 53.75 10.81
N ASN C 212 26.64 52.88 9.93
CA ASN C 212 26.63 53.05 8.49
C ASN C 212 25.30 53.62 7.97
N PRO C 213 25.38 54.68 7.12
CA PRO C 213 24.15 55.06 6.43
C PRO C 213 23.72 53.98 5.47
N LEU C 214 22.43 53.95 5.23
CA LEU C 214 21.85 53.03 4.30
C LEU C 214 21.27 53.96 3.25
N ARG C 215 21.63 53.72 2.00
CA ARG C 215 21.25 54.59 0.92
C ARG C 215 20.53 53.70 -0.06
N VAL C 216 19.38 54.12 -0.58
CA VAL C 216 18.60 53.28 -1.51
C VAL C 216 18.16 54.11 -2.70
N GLN C 217 18.14 53.46 -3.86
CA GLN C 217 17.68 54.04 -5.11
C GLN C 217 16.58 53.15 -5.65
N ILE C 218 15.44 53.74 -5.92
CA ILE C 218 14.33 52.99 -6.45
C ILE C 218 14.24 53.39 -7.91
N GLY C 219 13.90 52.44 -8.79
CA GLY C 219 13.52 52.74 -10.19
C GLY C 219 12.02 52.58 -10.35
N SER C 220 11.55 52.36 -11.58
CA SER C 220 10.12 52.17 -11.84
C SER C 220 9.67 50.72 -11.63
N ASN C 221 10.60 49.79 -11.88
CA ASN C 221 10.33 48.37 -11.73
C ASN C 221 11.41 47.60 -10.98
N ASN C 222 12.37 48.30 -10.39
CA ASN C 222 13.39 47.66 -9.57
C ASN C 222 13.77 48.59 -8.43
N ILE C 223 14.41 48.04 -7.41
CA ILE C 223 14.86 48.86 -6.30
C ILE C 223 16.25 48.39 -5.97
N ARG C 224 17.09 49.33 -5.53
CA ARG C 224 18.42 49.01 -5.13
C ARG C 224 18.73 49.62 -3.78
N ALA C 225 19.47 48.88 -2.95
CA ALA C 225 19.82 49.30 -1.60
C ALA C 225 21.32 49.16 -1.37
N HIS C 226 21.95 50.25 -0.95
CA HIS C 226 23.36 50.27 -0.59
C HIS C 226 23.46 50.40 0.91
N VAL C 227 24.17 49.46 1.53
CA VAL C 227 24.84 49.70 2.82
C VAL C 227 26.29 49.40 2.56
N GLY C 228 27.18 50.35 2.76
CA GLY C 228 28.60 50.13 2.52
C GLY C 228 28.85 49.64 1.11
N ASP C 229 29.63 48.56 0.99
CA ASP C 229 29.88 47.90 -0.28
C ASP C 229 29.07 46.61 -0.41
N PHE C 230 27.86 46.61 0.13
CA PHE C 230 26.86 45.62 -0.23
C PHE C 230 25.84 46.39 -1.02
N ILE C 231 25.51 45.91 -2.21
CA ILE C 231 24.72 46.69 -3.13
C ILE C 231 23.67 45.74 -3.64
N PHE C 232 22.43 46.15 -3.50
CA PHE C 232 21.28 45.27 -3.58
C PHE C 232 20.38 45.73 -4.69
N THR C 233 19.98 44.83 -5.57
CA THR C 233 18.94 45.19 -6.50
C THR C 233 17.92 44.07 -6.54
N SER C 234 16.65 44.47 -6.55
CA SER C 234 15.53 43.55 -6.72
C SER C 234 14.55 44.19 -7.69
N LYS C 235 13.79 43.36 -8.44
CA LYS C 235 12.57 43.84 -9.07
C LYS C 235 11.53 44.15 -7.99
N LEU C 236 10.50 44.88 -8.37
CA LEU C 236 9.38 45.13 -7.46
C LEU C 236 8.19 44.32 -7.96
N VAL C 237 7.16 44.26 -7.13
CA VAL C 237 5.95 43.52 -7.50
C VAL C 237 4.83 44.55 -7.71
N ASP C 238 3.94 44.24 -8.66
CA ASP C 238 3.09 45.30 -9.27
C ASP C 238 1.81 45.71 -8.52
N GLY C 239 0.93 44.74 -8.21
CA GLY C 239 -0.51 44.98 -8.00
C GLY C 239 -1.07 46.24 -7.34
N ARG C 240 -2.41 46.35 -7.44
CA ARG C 240 -3.14 47.60 -7.19
C ARG C 240 -3.62 47.51 -5.77
N PHE C 241 -2.84 48.06 -4.85
CA PHE C 241 -3.00 47.65 -3.48
C PHE C 241 -4.24 48.29 -2.89
N PRO C 242 -4.92 47.56 -2.00
CA PRO C 242 -5.94 48.13 -1.12
C PRO C 242 -5.55 49.22 -0.13
N ASP C 243 -6.55 50.03 0.15
CA ASP C 243 -6.46 51.27 0.87
C ASP C 243 -6.43 51.05 2.39
N TYR C 244 -5.28 51.31 3.02
CA TYR C 244 -5.14 51.23 4.48
C TYR C 244 -6.12 52.09 5.33
N ARG C 245 -6.80 53.03 4.68
CA ARG C 245 -7.74 53.90 5.35
C ARG C 245 -9.09 53.22 5.51
N ARG C 246 -9.35 52.18 4.73
CA ARG C 246 -10.52 51.33 4.97
C ARG C 246 -10.27 50.26 6.02
N VAL C 247 -9.01 50.00 6.33
CA VAL C 247 -8.64 48.92 7.26
C VAL C 247 -8.48 49.44 8.68
N LEU C 248 -7.97 50.65 8.80
CA LEU C 248 -7.94 51.44 10.03
C LEU C 248 -9.35 51.57 10.61
N PRO C 249 -9.59 51.17 11.88
CA PRO C 249 -10.98 51.34 12.37
C PRO C 249 -11.44 52.82 12.42
N LYS C 250 -12.68 53.08 12.02
CA LYS C 250 -13.14 54.44 11.65
C LYS C 250 -13.08 55.47 12.81
N ASN C 251 -13.85 55.19 13.86
CA ASN C 251 -13.77 55.93 15.12
C ASN C 251 -14.02 54.87 16.19
N PRO C 252 -12.94 54.28 16.75
CA PRO C 252 -13.14 53.31 17.82
C PRO C 252 -13.50 54.05 19.11
N ASP C 253 -14.74 53.89 19.52
CA ASP C 253 -15.31 54.63 20.64
C ASP C 253 -14.81 54.16 22.03
N LYS C 254 -14.68 52.84 22.23
CA LYS C 254 -14.30 52.25 23.53
C LYS C 254 -12.80 52.10 23.66
N HIS C 255 -12.22 52.40 24.83
CA HIS C 255 -10.76 52.41 24.99
C HIS C 255 -10.34 51.49 26.12
N LEU C 256 -9.29 50.71 25.90
CA LEU C 256 -8.80 49.75 26.87
C LEU C 256 -7.28 49.77 26.82
N GLU C 257 -6.61 50.03 27.95
CA GLU C 257 -5.15 49.87 28.09
C GLU C 257 -4.91 48.80 29.13
N ALA C 258 -3.79 48.10 29.05
CA ALA C 258 -3.40 47.12 30.07
C ALA C 258 -1.90 46.93 30.04
N GLY C 259 -1.32 46.37 31.09
CA GLY C 259 0.13 46.08 31.13
C GLY C 259 0.44 44.99 30.13
N CYS C 260 1.45 45.19 29.29
CA CYS C 260 1.61 44.36 28.11
C CYS C 260 2.06 42.96 28.47
N ASP C 261 3.03 42.85 29.38
CA ASP C 261 3.59 41.53 29.74
C ASP C 261 2.58 40.62 30.44
N LEU C 262 1.80 41.23 31.32
CA LEU C 262 0.73 40.53 32.02
C LEU C 262 -0.31 40.06 31.01
N LEU C 263 -0.62 40.94 30.06
CA LEU C 263 -1.60 40.66 29.03
C LEU C 263 -1.11 39.49 28.20
N LYS C 264 0.14 39.59 27.80
CA LYS C 264 0.78 38.63 26.93
C LYS C 264 1.00 37.26 27.56
N GLN C 265 1.41 37.22 28.82
CA GLN C 265 1.61 35.94 29.52
C GLN C 265 0.31 35.18 29.70
N ALA C 266 -0.76 35.95 29.88
CA ALA C 266 -2.11 35.44 30.01
C ALA C 266 -2.66 34.91 28.71
N PHE C 267 -2.37 35.60 27.62
CA PHE C 267 -2.78 35.10 26.31
C PHE C 267 -1.97 33.92 25.86
N ALA C 268 -0.68 33.88 26.20
CA ALA C 268 0.11 32.68 25.92
C ALA C 268 -0.50 31.47 26.61
N ARG C 269 -0.91 31.68 27.86
CA ARG C 269 -1.60 30.63 28.60
C ARG C 269 -2.98 30.25 28.07
N ALA C 270 -3.85 31.21 27.74
CA ALA C 270 -5.17 30.87 27.18
C ALA C 270 -5.04 30.11 25.86
N ALA C 271 -3.98 30.42 25.10
CA ALA C 271 -3.70 29.78 23.82
C ALA C 271 -3.54 28.26 23.90
N ILE C 272 -3.09 27.76 25.04
CA ILE C 272 -2.84 26.34 25.19
C ILE C 272 -4.13 25.52 25.11
N LEU C 273 -5.24 26.05 25.61
CA LEU C 273 -6.51 25.32 25.61
C LEU C 273 -7.44 25.78 24.49
N SER C 274 -6.87 26.37 23.44
CA SER C 274 -7.63 26.72 22.28
C SER C 274 -7.53 25.58 21.29
N ASN C 275 -8.59 25.42 20.53
CA ASN C 275 -8.61 24.42 19.50
C ASN C 275 -7.41 24.68 18.57
N GLU C 276 -6.63 23.64 18.26
CA GLU C 276 -5.47 23.75 17.35
C GLU C 276 -5.75 24.26 15.93
N LYS C 277 -6.94 24.02 15.43
CA LYS C 277 -7.33 24.37 14.07
C LYS C 277 -7.84 25.78 14.01
N PHE C 278 -8.65 26.18 15.00
CA PHE C 278 -9.21 27.53 14.97
C PHE C 278 -8.44 28.60 15.79
N ARG C 279 -7.64 28.19 16.77
CA ARG C 279 -6.85 29.14 17.59
C ARG C 279 -7.74 30.22 18.25
N GLY C 280 -8.94 29.81 18.66
CA GLY C 280 -9.98 30.73 19.09
C GLY C 280 -9.97 31.04 20.57
N VAL C 281 -10.19 32.31 20.88
CA VAL C 281 -10.46 32.77 22.23
C VAL C 281 -11.71 33.67 22.10
N ARG C 282 -12.47 33.82 23.18
CA ARG C 282 -13.54 34.81 23.27
C ARG C 282 -13.17 35.87 24.30
N LEU C 283 -13.46 37.13 23.98
CA LEU C 283 -13.15 38.28 24.85
C LEU C 283 -14.42 38.83 25.39
N TYR C 284 -14.47 39.00 26.71
CA TYR C 284 -15.58 39.66 27.37
C TYR C 284 -14.90 40.82 28.02
N VAL C 285 -15.41 42.00 27.73
CA VAL C 285 -14.84 43.21 28.23
C VAL C 285 -16.02 43.93 28.86
N SER C 286 -15.78 44.50 30.02
CA SER C 286 -16.79 45.31 30.68
C SER C 286 -16.09 46.47 31.35
N GLU C 287 -16.87 47.34 31.98
CA GLU C 287 -16.27 48.56 32.49
C GLU C 287 -15.12 48.23 33.44
N ASN C 288 -13.96 48.75 33.06
CA ASN C 288 -12.70 48.60 33.80
C ASN C 288 -12.28 47.16 34.11
N GLN C 289 -12.82 46.19 33.37
CA GLN C 289 -12.54 44.78 33.65
C GLN C 289 -12.46 44.02 32.34
N LEU C 290 -11.60 43.01 32.32
CA LEU C 290 -11.32 42.26 31.08
C LEU C 290 -11.27 40.78 31.37
N LYS C 291 -11.98 39.99 30.57
CA LYS C 291 -12.12 38.57 30.80
C LYS C 291 -11.79 37.86 29.50
N ILE C 292 -10.89 36.89 29.56
CA ILE C 292 -10.61 36.02 28.43
C ILE C 292 -11.25 34.70 28.72
N THR C 293 -12.00 34.14 27.77
CA THR C 293 -12.38 32.75 27.83
C THR C 293 -12.01 32.14 26.48
N ALA C 294 -11.66 30.86 26.50
CA ALA C 294 -11.52 30.09 25.28
C ALA C 294 -12.14 28.73 25.50
N ASN C 295 -12.13 27.90 24.47
CA ASN C 295 -12.54 26.52 24.62
C ASN C 295 -11.99 25.71 23.48
N ASN C 296 -12.00 24.40 23.66
CA ASN C 296 -11.81 23.48 22.53
C ASN C 296 -12.96 22.48 22.49
N PRO C 297 -13.04 21.64 21.44
CA PRO C 297 -14.07 20.61 21.40
C PRO C 297 -13.97 19.62 22.56
N GLU C 298 -12.74 19.28 22.95
CA GLU C 298 -12.50 18.41 24.12
C GLU C 298 -13.11 18.96 25.42
N GLN C 299 -13.59 20.21 25.37
CA GLN C 299 -14.29 20.90 26.46
C GLN C 299 -13.37 21.24 27.60
N GLU C 300 -12.12 21.45 27.24
CA GLU C 300 -11.13 21.96 28.16
C GLU C 300 -11.31 23.46 28.12
N GLU C 301 -10.99 24.12 29.22
CA GLU C 301 -11.44 25.49 29.42
C GLU C 301 -10.43 26.28 30.16
N ALA C 302 -10.39 27.54 29.81
CA ALA C 302 -9.57 28.53 30.45
C ALA C 302 -10.40 29.76 30.73
N GLU C 303 -10.06 30.41 31.83
CA GLU C 303 -10.60 31.70 32.17
C GLU C 303 -9.46 32.56 32.71
N GLU C 304 -9.41 33.80 32.26
CA GLU C 304 -8.60 34.83 32.87
C GLU C 304 -9.52 35.97 33.22
N ILE C 305 -9.26 36.57 34.36
CA ILE C 305 -9.85 37.84 34.69
C ILE C 305 -8.68 38.76 34.93
N LEU C 306 -8.77 39.97 34.42
CA LEU C 306 -7.78 40.98 34.73
C LEU C 306 -8.45 42.33 34.72
N ASP C 307 -7.86 43.23 35.49
CA ASP C 307 -8.30 44.59 35.59
C ASP C 307 -7.55 45.39 34.55
N VAL C 308 -8.29 46.14 33.76
CA VAL C 308 -7.74 46.96 32.70
C VAL C 308 -8.38 48.33 32.79
N THR C 309 -7.73 49.33 32.20
CA THR C 309 -8.30 50.67 32.14
C THR C 309 -9.21 50.69 30.91
N TYR C 310 -10.51 50.83 31.13
CA TYR C 310 -11.49 50.73 30.05
C TYR C 310 -12.63 51.69 30.33
N SER C 311 -12.97 52.53 29.36
CA SER C 311 -14.17 53.33 29.46
C SER C 311 -15.02 52.94 28.27
N GLY C 312 -16.27 52.56 28.53
CA GLY C 312 -17.16 52.12 27.47
C GLY C 312 -18.08 51.01 27.90
N ALA C 313 -18.94 50.60 26.97
CA ALA C 313 -19.94 49.59 27.23
C ALA C 313 -19.27 48.21 27.26
N GLU C 314 -19.96 47.21 27.80
CA GLU C 314 -19.52 45.82 27.67
C GLU C 314 -19.45 45.38 26.21
N MET C 315 -18.59 44.42 25.90
CA MET C 315 -18.48 43.94 24.54
C MET C 315 -17.97 42.54 24.49
N GLU C 316 -18.48 41.80 23.51
CA GLU C 316 -18.20 40.41 23.32
C GLU C 316 -17.64 40.30 21.91
N ILE C 317 -16.44 39.71 21.79
CA ILE C 317 -15.78 39.57 20.50
C ILE C 317 -14.77 38.44 20.57
N GLY C 318 -14.68 37.63 19.51
CA GLY C 318 -13.71 36.53 19.46
C GLY C 318 -12.70 36.77 18.35
N PHE C 319 -11.45 36.32 18.56
CA PHE C 319 -10.38 36.41 17.57
C PHE C 319 -9.66 35.10 17.39
N ASN C 320 -8.89 35.04 16.31
CA ASN C 320 -7.82 34.07 16.15
C ASN C 320 -6.68 34.57 16.99
N VAL C 321 -6.30 33.78 17.99
CA VAL C 321 -5.30 34.17 18.98
C VAL C 321 -3.90 34.27 18.39
N SER C 322 -3.59 33.45 17.39
CA SER C 322 -2.31 33.53 16.70
C SER C 322 -2.11 34.93 16.18
N TYR C 323 -3.15 35.49 15.57
CA TYR C 323 -3.03 36.81 14.99
C TYR C 323 -2.69 37.91 16.00
N VAL C 324 -3.19 37.80 17.22
CA VAL C 324 -2.93 38.84 18.22
C VAL C 324 -1.61 38.56 18.95
N LEU C 325 -1.27 37.29 19.12
CA LEU C 325 -0.02 36.89 19.77
C LEU C 325 1.18 37.35 18.94
N ASP C 326 1.05 37.19 17.64
CA ASP C 326 2.02 37.74 16.71
C ASP C 326 2.24 39.26 16.81
N VAL C 327 1.19 40.05 17.06
CA VAL C 327 1.39 41.50 17.23
C VAL C 327 1.99 41.79 18.60
N LEU C 328 1.52 41.12 19.66
CA LEU C 328 2.06 41.34 21.01
C LEU C 328 3.52 41.01 21.13
N ASN C 329 3.98 40.02 20.36
CA ASN C 329 5.41 39.72 20.30
C ASN C 329 6.23 40.76 19.55
N ALA C 330 5.67 41.30 18.48
CA ALA C 330 6.35 42.32 17.68
C ALA C 330 6.40 43.64 18.39
N LEU C 331 5.33 43.95 19.12
CA LEU C 331 5.24 45.13 19.96
C LEU C 331 6.21 44.92 21.10
N LYS C 332 7.37 45.53 21.08
CA LYS C 332 8.27 45.37 22.21
C LYS C 332 8.17 46.65 23.02
N CYS C 333 7.02 46.77 23.67
CA CYS C 333 6.77 47.89 24.58
C CYS C 333 6.17 47.45 25.92
N GLU C 334 6.03 48.40 26.84
CA GLU C 334 5.58 48.09 28.20
C GLU C 334 4.05 48.19 28.32
N ASN C 335 3.46 49.27 27.82
CA ASN C 335 2.02 49.49 27.91
C ASN C 335 1.37 49.54 26.54
N VAL C 336 0.18 48.98 26.48
CA VAL C 336 -0.56 48.85 25.24
C VAL C 336 -1.87 49.59 25.45
N ARG C 337 -2.45 50.02 24.34
CA ARG C 337 -3.74 50.66 24.30
C ARG C 337 -4.54 50.02 23.20
N MET C 338 -5.76 49.65 23.53
CA MET C 338 -6.75 49.21 22.57
C MET C 338 -7.81 50.30 22.44
N MET C 339 -8.20 50.59 21.21
CA MET C 339 -9.34 51.44 20.90
C MET C 339 -10.27 50.58 20.05
N LEU C 340 -11.47 50.32 20.55
CA LEU C 340 -12.36 49.32 19.96
C LEU C 340 -13.53 49.99 19.26
N THR C 341 -14.08 49.35 18.23
CA THR C 341 -15.23 49.87 17.50
C THR C 341 -16.43 48.97 17.79
N ASP C 342 -16.51 47.79 17.17
CA ASP C 342 -17.60 46.82 17.44
C ASP C 342 -17.22 45.39 17.03
N SER C 343 -18.06 44.42 17.38
CA SER C 343 -17.78 42.99 17.17
C SER C 343 -17.60 42.53 15.72
N VAL C 344 -18.04 43.34 14.77
CA VAL C 344 -18.04 42.93 13.38
C VAL C 344 -16.96 43.66 12.57
N SER C 345 -16.15 44.48 13.22
CA SER C 345 -15.25 45.41 12.55
C SER C 345 -13.88 45.35 13.15
N SER C 346 -12.95 46.08 12.53
CA SER C 346 -11.60 46.27 13.03
C SER C 346 -11.54 46.77 14.48
N VAL C 347 -10.42 46.44 15.13
CA VAL C 347 -10.14 46.89 16.48
C VAL C 347 -8.78 47.54 16.33
N GLN C 348 -8.53 48.62 17.06
CA GLN C 348 -7.19 49.22 17.09
C GLN C 348 -6.49 48.83 18.38
N ILE C 349 -5.22 48.46 18.28
CA ILE C 349 -4.42 48.01 19.42
C ILE C 349 -3.05 48.63 19.24
N GLU C 350 -2.42 49.15 20.28
CA GLU C 350 -1.18 49.91 20.08
C GLU C 350 -0.40 50.11 21.36
N ASP C 351 0.90 50.39 21.24
CA ASP C 351 1.72 50.85 22.36
C ASP C 351 1.05 52.09 22.92
N ALA C 352 0.79 52.10 24.23
CA ALA C 352 0.13 53.22 24.87
C ALA C 352 0.93 54.51 24.72
N ALA C 353 2.23 54.37 24.45
CA ALA C 353 3.15 55.48 24.50
C ALA C 353 3.80 55.89 23.17
N SER C 354 3.36 55.36 22.01
CA SER C 354 4.14 55.64 20.77
C SER C 354 3.40 56.00 19.49
N GLN C 355 2.39 55.22 19.08
CA GLN C 355 1.69 55.47 17.81
C GLN C 355 2.52 55.46 16.48
N SER C 356 3.81 55.13 16.50
CA SER C 356 4.53 54.94 15.23
C SER C 356 3.97 53.79 14.41
N ALA C 357 3.43 52.80 15.09
CA ALA C 357 2.96 51.58 14.46
C ALA C 357 1.49 51.39 14.69
N ALA C 358 0.85 50.62 13.83
CA ALA C 358 -0.58 50.45 13.93
C ALA C 358 -0.93 49.00 13.61
N TYR C 359 -1.84 48.43 14.39
CA TYR C 359 -2.30 47.06 14.26
C TYR C 359 -3.81 47.04 14.31
N VAL C 360 -4.44 46.35 13.38
CA VAL C 360 -5.84 46.00 13.52
C VAL C 360 -5.86 44.50 13.31
N VAL C 361 -6.53 43.75 14.18
CA VAL C 361 -6.72 42.30 13.99
C VAL C 361 -8.23 42.04 13.84
N MET C 362 -8.61 41.23 12.86
CA MET C 362 -10.04 41.08 12.60
C MET C 362 -10.62 40.03 13.51
N PRO C 363 -11.92 40.20 13.89
CA PRO C 363 -12.61 39.25 14.72
C PRO C 363 -13.06 38.04 13.95
N MET C 364 -13.56 37.09 14.72
CA MET C 364 -13.79 35.74 14.28
C MET C 364 -15.29 35.47 14.36
N ARG C 365 -15.72 34.42 13.69
CA ARG C 365 -17.03 33.88 13.91
C ARG C 365 -16.76 32.52 14.52
N LEU C 366 -17.30 32.33 15.71
CA LEU C 366 -17.12 31.15 16.55
C LEU C 366 -18.49 30.49 16.48
N ARG D 7 45.22 -9.71 -9.67
CA ARG D 7 44.90 -8.62 -10.65
C ARG D 7 43.60 -8.94 -11.41
N GLN D 8 42.66 -8.01 -11.38
CA GLN D 8 41.27 -8.27 -11.73
C GLN D 8 40.94 -7.52 -13.02
N ILE D 9 40.10 -8.08 -13.88
CA ILE D 9 39.85 -7.48 -15.20
C ILE D 9 38.39 -7.09 -15.41
N VAL D 10 38.13 -5.82 -15.73
CA VAL D 10 36.77 -5.33 -15.99
C VAL D 10 36.59 -5.20 -17.50
N LEU D 11 35.51 -5.79 -18.02
CA LEU D 11 35.27 -5.90 -19.45
C LEU D 11 33.79 -5.97 -19.76
N ASP D 12 33.41 -5.49 -20.96
CA ASP D 12 32.12 -5.81 -21.63
C ASP D 12 32.40 -5.73 -23.14
N THR D 13 32.15 -6.80 -23.89
CA THR D 13 32.54 -6.90 -25.30
C THR D 13 31.36 -6.67 -26.27
N GLU D 14 31.50 -5.65 -27.12
CA GLU D 14 30.43 -5.23 -28.01
C GLU D 14 30.62 -5.89 -29.37
N THR D 15 29.51 -6.38 -29.91
CA THR D 15 29.52 -7.25 -31.09
C THR D 15 28.60 -6.71 -32.18
N THR D 16 28.52 -7.45 -33.29
CA THR D 16 27.68 -7.15 -34.43
C THR D 16 26.18 -7.36 -34.14
N GLY D 17 25.66 -6.64 -33.15
CA GLY D 17 24.25 -6.77 -32.74
C GLY D 17 23.99 -8.03 -31.97
N MET D 18 22.75 -8.20 -31.52
CA MET D 18 22.37 -9.41 -30.84
C MET D 18 21.25 -10.15 -31.56
N ASN D 19 21.25 -11.46 -31.41
CA ASN D 19 20.09 -12.30 -31.70
C ASN D 19 19.31 -12.42 -30.40
N GLN D 20 18.03 -12.09 -30.43
CA GLN D 20 17.16 -12.23 -29.25
C GLN D 20 16.70 -13.68 -29.08
N ILE D 21 16.61 -14.37 -30.21
CA ILE D 21 15.92 -15.65 -30.34
C ILE D 21 16.93 -16.71 -30.78
N GLY D 22 16.71 -17.95 -30.33
CA GLY D 22 17.62 -19.05 -30.62
C GLY D 22 18.99 -18.79 -30.01
N ALA D 23 20.05 -19.04 -30.79
CA ALA D 23 21.37 -18.74 -30.28
C ALA D 23 21.70 -17.24 -30.53
N HIS D 24 21.76 -16.49 -29.43
CA HIS D 24 22.23 -15.11 -29.43
C HIS D 24 23.65 -14.93 -29.98
N TYR D 25 24.42 -16.02 -30.12
CA TYR D 25 25.76 -15.98 -30.70
C TYR D 25 25.84 -16.54 -32.12
N GLU D 26 24.82 -17.26 -32.58
CA GLU D 26 24.85 -17.95 -33.87
C GLU D 26 24.90 -16.97 -35.01
N GLY D 27 25.92 -17.11 -35.86
CA GLY D 27 26.18 -16.19 -36.97
C GLY D 27 26.71 -14.83 -36.58
N HIS D 28 27.11 -14.64 -35.32
CA HIS D 28 27.68 -13.39 -34.87
C HIS D 28 29.12 -13.58 -34.44
N LYS D 29 29.87 -12.48 -34.47
CA LYS D 29 31.30 -12.43 -34.16
C LYS D 29 31.61 -11.11 -33.45
N ILE D 30 32.83 -10.98 -32.94
CA ILE D 30 33.23 -9.83 -32.13
C ILE D 30 33.69 -8.67 -33.02
N ILE D 31 33.22 -7.46 -32.70
CA ILE D 31 33.65 -6.24 -33.42
C ILE D 31 34.53 -5.30 -32.60
N GLU D 32 34.32 -5.25 -31.29
CA GLU D 32 35.10 -4.38 -30.41
C GLU D 32 35.34 -5.04 -29.05
N ILE D 33 36.56 -4.89 -28.53
CA ILE D 33 36.90 -5.29 -27.16
C ILE D 33 37.29 -4.04 -26.39
N GLY D 34 36.53 -3.69 -25.35
CA GLY D 34 36.82 -2.56 -24.46
C GLY D 34 36.96 -3.05 -23.04
N ALA D 35 38.19 -3.08 -22.54
CA ALA D 35 38.51 -3.70 -21.27
C ALA D 35 39.38 -2.77 -20.47
N VAL D 36 39.05 -2.63 -19.18
CA VAL D 36 39.82 -1.78 -18.27
C VAL D 36 40.38 -2.66 -17.15
N GLU D 37 41.61 -2.37 -16.75
CA GLU D 37 42.33 -3.18 -15.77
C GLU D 37 42.28 -2.52 -14.41
N VAL D 38 41.88 -3.31 -13.41
CA VAL D 38 41.75 -2.84 -12.04
C VAL D 38 42.59 -3.75 -11.14
N VAL D 39 43.62 -3.17 -10.53
CA VAL D 39 44.52 -3.91 -9.63
C VAL D 39 44.54 -3.24 -8.27
N ASN D 40 44.29 -4.04 -7.24
CA ASN D 40 44.16 -3.58 -5.86
C ASN D 40 43.14 -2.43 -5.75
N ARG D 41 42.04 -2.58 -6.48
CA ARG D 41 40.93 -1.62 -6.53
C ARG D 41 41.34 -0.19 -6.92
N ARG D 42 42.34 -0.14 -7.78
CA ARG D 42 42.78 1.07 -8.40
C ARG D 42 42.90 0.85 -9.88
N LEU D 43 42.56 1.91 -10.60
CA LEU D 43 42.40 1.86 -12.04
C LEU D 43 43.78 2.18 -12.60
N THR D 44 44.46 1.20 -13.20
CA THR D 44 45.84 1.40 -13.63
C THR D 44 45.91 2.19 -14.93
N GLY D 45 44.87 2.05 -15.76
CA GLY D 45 44.83 2.64 -17.12
C GLY D 45 45.55 1.79 -18.17
N ASN D 46 45.86 0.54 -17.83
CA ASN D 46 46.49 -0.38 -18.78
C ASN D 46 45.39 -1.03 -19.61
N ASN D 47 44.83 -0.26 -20.54
CA ASN D 47 43.73 -0.75 -21.37
C ASN D 47 44.18 -1.64 -22.53
N PHE D 48 43.47 -2.76 -22.71
CA PHE D 48 43.45 -3.49 -23.96
C PHE D 48 42.12 -3.16 -24.61
N HIS D 49 42.16 -2.22 -25.55
CA HIS D 49 40.99 -1.73 -26.26
C HIS D 49 41.31 -1.87 -27.75
N VAL D 50 40.67 -2.86 -28.38
CA VAL D 50 40.96 -3.21 -29.78
C VAL D 50 39.65 -3.37 -30.55
N TYR D 51 39.76 -3.25 -31.86
CA TYR D 51 38.63 -3.38 -32.79
C TYR D 51 38.94 -4.55 -33.72
N LEU D 52 37.93 -5.28 -34.14
CA LEU D 52 38.13 -6.61 -34.74
C LEU D 52 37.51 -6.74 -36.12
N LYS D 53 37.69 -7.92 -36.74
CA LYS D 53 37.03 -8.27 -38.01
C LYS D 53 35.59 -8.70 -37.71
N PRO D 54 34.61 -8.12 -38.45
CA PRO D 54 33.21 -8.44 -38.19
C PRO D 54 32.81 -9.82 -38.69
N ASP D 55 33.40 -10.27 -39.80
CA ASP D 55 33.07 -11.57 -40.43
C ASP D 55 31.59 -11.67 -40.85
N ARG D 56 30.89 -10.53 -40.82
CA ARG D 56 29.45 -10.44 -41.05
C ARG D 56 29.04 -8.97 -41.07
N LEU D 57 27.75 -8.69 -41.23
CA LEU D 57 27.22 -7.32 -41.22
C LEU D 57 27.00 -6.83 -39.78
N VAL D 58 27.32 -5.58 -39.47
CA VAL D 58 26.91 -5.02 -38.16
C VAL D 58 25.40 -4.80 -38.21
N ASP D 59 24.71 -5.14 -37.13
CA ASP D 59 23.26 -5.10 -37.14
C ASP D 59 22.83 -3.65 -36.96
N PRO D 60 21.77 -3.22 -37.68
CA PRO D 60 21.25 -1.84 -37.58
C PRO D 60 21.03 -1.37 -36.12
N GLU D 61 20.45 -2.24 -35.30
CA GLU D 61 20.26 -1.93 -33.86
C GLU D 61 21.60 -1.67 -33.13
N ALA D 62 22.54 -2.62 -33.28
CA ALA D 62 23.90 -2.49 -32.68
C ALA D 62 24.60 -1.19 -33.06
N PHE D 63 24.42 -0.78 -34.33
CA PHE D 63 24.99 0.47 -34.87
C PHE D 63 24.55 1.69 -34.05
N GLY D 64 23.23 1.77 -33.79
CA GLY D 64 22.63 2.85 -33.03
C GLY D 64 22.99 2.87 -31.54
N VAL D 65 23.37 1.70 -31.01
CA VAL D 65 23.66 1.54 -29.57
C VAL D 65 24.86 2.41 -29.11
N HIS D 66 26.01 2.25 -29.76
CA HIS D 66 27.18 3.08 -29.43
C HIS D 66 28.05 3.53 -30.62
N GLY D 67 27.67 3.18 -31.87
CA GLY D 67 28.34 3.64 -33.09
C GLY D 67 29.73 3.06 -33.32
N ILE D 68 30.06 2.88 -34.59
CA ILE D 68 30.92 1.77 -35.10
C ILE D 68 30.35 1.44 -36.49
N ALA D 69 31.15 1.62 -37.54
CA ALA D 69 30.69 1.29 -38.91
C ALA D 69 31.38 0.01 -39.39
N ASP D 70 30.70 -0.77 -40.23
CA ASP D 70 31.23 -2.09 -40.71
C ASP D 70 32.59 -1.93 -41.40
N GLU D 71 32.65 -0.93 -42.27
CA GLU D 71 33.81 -0.65 -43.13
C GLU D 71 35.04 -0.26 -42.32
N PHE D 72 34.81 0.20 -41.08
CA PHE D 72 35.87 0.58 -40.13
C PHE D 72 36.56 -0.63 -39.50
N LEU D 73 35.84 -1.73 -39.33
CA LEU D 73 36.37 -2.93 -38.71
C LEU D 73 36.86 -3.96 -39.74
N LEU D 74 37.00 -3.57 -41.00
CA LEU D 74 37.39 -4.50 -42.07
C LEU D 74 38.89 -4.73 -42.13
N ASP D 75 39.66 -3.64 -42.13
CA ASP D 75 41.14 -3.73 -42.17
C ASP D 75 41.73 -4.18 -40.83
N LYS D 76 41.00 -3.96 -39.74
CA LYS D 76 41.43 -4.32 -38.39
C LYS D 76 41.64 -5.84 -38.31
N PRO D 77 42.61 -6.32 -37.48
CA PRO D 77 42.99 -7.76 -37.38
C PRO D 77 41.86 -8.64 -36.82
N THR D 78 41.99 -9.95 -36.96
CA THR D 78 40.96 -10.90 -36.53
C THR D 78 41.23 -11.40 -35.10
N PHE D 79 40.30 -12.19 -34.56
CA PHE D 79 40.48 -12.73 -33.21
C PHE D 79 41.69 -13.67 -33.11
N ALA D 80 42.08 -14.28 -34.22
CA ALA D 80 43.31 -15.10 -34.30
C ALA D 80 44.62 -14.31 -34.04
N GLU D 81 44.66 -13.04 -34.44
CA GLU D 81 45.87 -12.20 -34.24
C GLU D 81 46.01 -11.71 -32.78
N VAL D 82 44.91 -11.70 -32.02
CA VAL D 82 44.96 -11.30 -30.61
C VAL D 82 44.45 -12.41 -29.68
N ALA D 83 44.45 -13.66 -30.13
CA ALA D 83 43.93 -14.79 -29.36
C ALA D 83 44.71 -15.01 -28.06
N ASP D 84 46.01 -15.23 -28.21
CA ASP D 84 46.90 -15.41 -27.04
C ASP D 84 47.06 -14.11 -26.27
N GLU D 85 47.10 -12.99 -27.01
CA GLU D 85 47.20 -11.63 -26.44
C GLU D 85 46.06 -11.37 -25.45
N PHE D 86 44.83 -11.58 -25.89
CA PHE D 86 43.66 -11.43 -25.04
C PHE D 86 43.55 -12.53 -23.95
N MET D 87 43.93 -13.77 -24.28
CA MET D 87 43.90 -14.90 -23.31
C MET D 87 44.76 -14.63 -22.07
N ASP D 88 46.01 -14.23 -22.28
CA ASP D 88 46.94 -13.96 -21.16
C ASP D 88 46.49 -12.69 -20.37
N TYR D 89 45.85 -11.75 -21.06
CA TYR D 89 45.29 -10.51 -20.42
C TYR D 89 44.19 -10.79 -19.39
N ILE D 90 43.39 -11.84 -19.62
CA ILE D 90 42.30 -12.21 -18.69
C ILE D 90 42.57 -13.50 -17.86
N ARG D 91 43.54 -14.32 -18.27
CA ARG D 91 43.81 -15.61 -17.60
C ARG D 91 44.17 -15.47 -16.10
N GLY D 92 43.42 -16.17 -15.25
CA GLY D 92 43.64 -16.15 -13.80
C GLY D 92 43.26 -14.82 -13.17
N ALA D 93 42.08 -14.30 -13.55
CA ALA D 93 41.60 -12.99 -13.08
C ALA D 93 40.06 -12.93 -13.07
N GLU D 94 39.51 -11.81 -12.59
CA GLU D 94 38.07 -11.71 -12.36
C GLU D 94 37.34 -11.10 -13.54
N LEU D 95 36.43 -11.84 -14.16
CA LEU D 95 35.58 -11.32 -15.25
C LEU D 95 34.15 -11.20 -14.80
N VAL D 96 33.77 -10.04 -14.29
CA VAL D 96 32.37 -9.79 -13.95
C VAL D 96 31.72 -8.96 -15.06
N ILE D 97 30.74 -9.52 -15.78
CA ILE D 97 30.17 -8.81 -16.95
C ILE D 97 28.65 -8.61 -16.88
N HIS D 98 28.14 -7.63 -17.62
CA HIS D 98 26.71 -7.33 -17.70
C HIS D 98 26.04 -8.12 -18.84
N ASN D 99 25.09 -8.97 -18.46
CA ASN D 99 24.30 -9.79 -19.38
C ASN D 99 25.20 -10.92 -19.90
N ALA D 100 25.77 -11.64 -18.92
CA ALA D 100 26.83 -12.66 -19.13
C ALA D 100 26.55 -13.67 -20.24
N ALA D 101 25.27 -14.03 -20.41
CA ALA D 101 24.81 -14.91 -21.50
C ALA D 101 25.27 -14.45 -22.89
N PHE D 102 25.31 -13.13 -23.07
CA PHE D 102 25.68 -12.50 -24.33
C PHE D 102 27.20 -12.63 -24.59
N ASP D 103 27.98 -11.99 -23.74
CA ASP D 103 29.44 -11.98 -23.88
C ASP D 103 30.03 -13.41 -23.81
N ILE D 104 29.70 -14.19 -22.76
CA ILE D 104 30.20 -15.58 -22.64
C ILE D 104 29.92 -16.40 -23.90
N GLY D 105 28.71 -16.22 -24.44
CA GLY D 105 28.30 -16.88 -25.67
C GLY D 105 29.27 -16.61 -26.81
N PHE D 106 29.62 -15.33 -26.96
CA PHE D 106 30.58 -14.88 -27.97
C PHE D 106 32.00 -15.38 -27.68
N MET D 107 32.41 -15.29 -26.40
CA MET D 107 33.74 -15.68 -25.96
C MET D 107 34.03 -17.13 -26.32
N ASP D 108 33.17 -18.02 -25.82
CA ASP D 108 33.37 -19.45 -26.04
C ASP D 108 33.26 -19.75 -27.54
N TYR D 109 32.39 -19.02 -28.24
CA TYR D 109 32.23 -19.14 -29.69
C TYR D 109 33.56 -18.92 -30.40
N GLU D 110 34.20 -17.78 -30.11
CA GLU D 110 35.52 -17.45 -30.68
C GLU D 110 36.57 -18.48 -30.30
N PHE D 111 36.50 -18.97 -29.06
CA PHE D 111 37.46 -19.98 -28.58
C PHE D 111 37.41 -21.27 -29.39
N SER D 112 36.21 -21.74 -29.66
CA SER D 112 36.02 -22.94 -30.48
C SER D 112 36.48 -22.70 -31.94
N LEU D 113 36.31 -21.48 -32.44
CA LEU D 113 36.74 -21.09 -33.79
C LEU D 113 38.25 -21.17 -34.00
N LEU D 114 39.03 -21.07 -32.92
CA LEU D 114 40.48 -21.19 -33.00
C LEU D 114 40.90 -22.63 -33.36
N LYS D 115 40.08 -23.60 -32.96
CA LYS D 115 40.34 -25.02 -33.24
C LYS D 115 41.68 -25.50 -32.66
N ARG D 116 42.07 -24.94 -31.51
CA ARG D 116 43.27 -25.34 -30.78
C ARG D 116 42.87 -26.15 -29.55
N ASP D 117 41.61 -26.60 -29.51
CA ASP D 117 41.02 -27.34 -28.39
C ASP D 117 41.12 -26.58 -27.07
N ILE D 118 41.21 -25.25 -27.17
CA ILE D 118 41.34 -24.41 -25.98
C ILE D 118 39.99 -24.48 -25.28
N PRO D 119 40.00 -24.87 -23.98
CA PRO D 119 38.76 -24.97 -23.21
C PRO D 119 38.13 -23.60 -23.00
N LYS D 120 36.88 -23.61 -22.52
CA LYS D 120 36.10 -22.39 -22.40
C LYS D 120 36.72 -21.45 -21.35
N THR D 121 36.58 -20.15 -21.64
CA THR D 121 37.10 -19.08 -20.76
C THR D 121 36.78 -19.26 -19.29
N ASN D 122 35.59 -19.76 -18.98
CA ASN D 122 35.17 -20.04 -17.59
C ASN D 122 36.02 -21.08 -16.83
N THR D 123 36.90 -21.82 -17.52
CA THR D 123 37.79 -22.77 -16.86
C THR D 123 39.11 -22.13 -16.37
N PHE D 124 39.51 -21.02 -16.98
CA PHE D 124 40.71 -20.29 -16.56
C PHE D 124 40.46 -18.84 -16.11
N CYS D 125 39.20 -18.40 -16.13
CA CYS D 125 38.81 -17.05 -15.73
C CYS D 125 37.50 -17.07 -14.92
N LYS D 126 37.36 -16.18 -13.94
CA LYS D 126 36.19 -16.18 -13.06
C LYS D 126 35.03 -15.37 -13.67
N VAL D 127 34.07 -16.08 -14.27
CA VAL D 127 32.91 -15.45 -14.92
C VAL D 127 31.80 -15.23 -13.89
N THR D 128 31.49 -13.97 -13.62
CA THR D 128 30.45 -13.58 -12.66
C THR D 128 29.58 -12.52 -13.31
N ASP D 129 28.25 -12.66 -13.28
CA ASP D 129 27.38 -11.57 -13.75
C ASP D 129 27.13 -10.55 -12.64
N SER D 130 27.33 -9.27 -12.99
CA SER D 130 27.14 -8.16 -12.07
C SER D 130 25.67 -7.83 -11.87
N LEU D 131 24.86 -8.08 -12.91
CA LEU D 131 23.44 -7.80 -12.88
C LEU D 131 22.73 -8.65 -11.82
N ALA D 132 23.15 -9.92 -11.71
CA ALA D 132 22.62 -10.88 -10.74
C ALA D 132 22.86 -10.39 -9.34
N VAL D 133 24.05 -9.88 -9.10
CA VAL D 133 24.46 -9.40 -7.79
C VAL D 133 23.68 -8.14 -7.46
N ALA D 134 23.56 -7.22 -8.41
CA ALA D 134 22.79 -5.99 -8.17
C ALA D 134 21.31 -6.26 -7.88
N ARG D 135 20.78 -7.24 -8.62
CA ARG D 135 19.39 -7.67 -8.44
C ARG D 135 19.13 -8.24 -7.05
N LYS D 136 20.15 -8.93 -6.54
CA LYS D 136 20.16 -9.55 -5.21
C LYS D 136 20.21 -8.49 -4.15
N MET D 137 21.02 -7.45 -4.39
CA MET D 137 21.21 -6.38 -3.44
C MET D 137 20.01 -5.45 -3.41
N PHE D 138 19.56 -5.04 -4.59
CA PHE D 138 18.42 -4.12 -4.76
C PHE D 138 17.30 -4.79 -5.53
N PRO D 139 16.45 -5.54 -4.81
CA PRO D 139 15.31 -6.20 -5.43
C PRO D 139 14.17 -5.21 -5.74
N GLY D 140 13.68 -5.29 -6.97
CA GLY D 140 12.55 -4.46 -7.43
C GLY D 140 12.97 -3.10 -7.96
N LYS D 141 14.29 -2.88 -8.05
CA LYS D 141 14.87 -1.66 -8.60
C LYS D 141 15.49 -2.02 -9.95
N ARG D 142 15.53 -1.10 -10.92
CA ARG D 142 16.25 -1.42 -12.17
C ARG D 142 17.76 -1.46 -11.84
N ASN D 143 18.38 -2.62 -12.04
CA ASN D 143 19.77 -2.83 -11.70
C ASN D 143 20.67 -3.05 -12.90
N SER D 144 20.35 -2.36 -13.98
CA SER D 144 21.22 -2.36 -15.14
C SER D 144 22.42 -1.47 -14.82
N LEU D 145 23.43 -1.51 -15.68
CA LEU D 145 24.66 -0.79 -15.40
C LEU D 145 24.42 0.73 -15.33
N ASP D 146 23.70 1.27 -16.31
CA ASP D 146 23.32 2.70 -16.33
C ASP D 146 22.47 3.08 -15.10
N ALA D 147 21.64 2.14 -14.63
CA ALA D 147 20.79 2.35 -13.48
C ALA D 147 21.62 2.49 -12.22
N LEU D 148 22.53 1.53 -12.04
CA LEU D 148 23.42 1.55 -10.89
C LEU D 148 24.39 2.72 -10.96
N CYS D 149 24.81 3.05 -12.18
CA CYS D 149 25.67 4.21 -12.45
C CYS D 149 25.04 5.47 -11.85
N ALA D 150 23.79 5.75 -12.25
CA ALA D 150 23.07 6.92 -11.73
C ALA D 150 22.82 6.80 -10.22
N ARG D 151 22.58 5.59 -9.75
CA ARG D 151 22.34 5.35 -8.33
C ARG D 151 23.52 5.68 -7.43
N TYR D 152 24.72 5.28 -7.85
CA TYR D 152 25.97 5.62 -7.13
C TYR D 152 26.62 6.88 -7.65
N GLU D 153 25.84 7.67 -8.38
CA GLU D 153 26.24 9.00 -8.84
C GLU D 153 27.50 8.97 -9.71
N ILE D 154 27.46 8.12 -10.73
CA ILE D 154 28.55 7.99 -11.68
C ILE D 154 28.03 8.55 -13.02
N ASP D 155 28.82 9.40 -13.67
CA ASP D 155 28.36 10.05 -14.91
C ASP D 155 28.86 9.25 -16.12
N ASN D 156 27.92 8.77 -16.94
CA ASN D 156 28.26 8.07 -18.20
C ASN D 156 27.75 8.84 -19.42
N SER D 157 27.34 10.09 -19.19
CA SER D 157 26.80 10.97 -20.24
C SER D 157 27.81 12.03 -20.73
N LYS D 158 28.56 12.63 -19.81
CA LYS D 158 29.56 13.66 -20.13
C LYS D 158 30.98 13.05 -20.30
N ARG D 159 31.10 11.92 -20.99
CA ARG D 159 32.38 11.23 -21.13
C ARG D 159 32.80 11.24 -22.60
N THR D 160 34.05 11.64 -22.87
CA THR D 160 34.58 11.65 -24.23
C THR D 160 34.72 10.21 -24.78
N LEU D 161 35.10 9.25 -23.92
CA LEU D 161 35.15 7.81 -24.25
C LEU D 161 33.79 7.31 -24.78
N HIS D 162 33.75 6.91 -26.05
CA HIS D 162 32.54 6.37 -26.68
C HIS D 162 32.73 4.90 -27.01
N GLY D 163 31.67 4.11 -26.83
CA GLY D 163 31.67 2.69 -27.16
C GLY D 163 31.96 1.80 -25.97
N ALA D 164 32.60 0.66 -26.23
CA ALA D 164 32.90 -0.34 -25.20
C ALA D 164 33.71 0.23 -24.04
N LEU D 165 34.69 1.07 -24.36
CA LEU D 165 35.56 1.64 -23.33
C LEU D 165 34.78 2.51 -22.35
N LEU D 166 33.71 3.17 -22.83
CA LEU D 166 32.79 3.92 -21.96
C LEU D 166 32.19 3.02 -20.91
N ASP D 167 31.55 1.96 -21.38
CA ASP D 167 30.84 1.07 -20.52
C ASP D 167 31.80 0.31 -19.59
N ALA D 168 32.96 -0.09 -20.11
CA ALA D 168 34.00 -0.75 -19.29
C ALA D 168 34.39 0.10 -18.10
N GLN D 169 34.67 1.37 -18.39
CA GLN D 169 34.98 2.37 -17.36
C GLN D 169 33.86 2.44 -16.31
N ILE D 170 32.63 2.58 -16.79
CA ILE D 170 31.46 2.69 -15.93
C ILE D 170 31.31 1.44 -15.07
N LEU D 171 31.44 0.27 -15.69
CA LEU D 171 31.33 -1.00 -14.99
C LEU D 171 32.35 -1.13 -13.90
N ALA D 172 33.56 -0.63 -14.16
CA ALA D 172 34.62 -0.67 -13.16
C ALA D 172 34.22 0.16 -11.94
N GLU D 173 33.69 1.34 -12.17
CA GLU D 173 33.25 2.22 -11.09
C GLU D 173 32.10 1.61 -10.30
N VAL D 174 31.16 1.03 -11.03
CA VAL D 174 30.01 0.37 -10.42
C VAL D 174 30.49 -0.81 -9.59
N TYR D 175 31.37 -1.60 -10.18
CA TYR D 175 31.94 -2.77 -9.54
C TYR D 175 32.56 -2.42 -8.21
N LEU D 176 33.44 -1.41 -8.23
CA LEU D 176 34.13 -0.97 -7.03
C LEU D 176 33.15 -0.43 -6.01
N ALA D 177 32.12 0.28 -6.46
CA ALA D 177 31.13 0.87 -5.57
C ALA D 177 30.36 -0.20 -4.78
N MET D 178 29.93 -1.25 -5.48
CA MET D 178 29.17 -2.33 -4.86
C MET D 178 30.01 -3.16 -3.92
N THR D 179 31.25 -3.39 -4.32
CA THR D 179 32.17 -4.20 -3.54
C THR D 179 33.05 -3.34 -2.66
N GLY D 180 32.70 -2.06 -2.51
CA GLY D 180 33.30 -1.18 -1.53
C GLY D 180 32.32 -0.48 -0.63
N GLY D 181 31.02 -0.68 -0.88
CA GLY D 181 29.96 -0.02 -0.15
C GLY D 181 30.21 0.16 1.34
N GLN D 182 30.61 -0.93 1.99
CA GLN D 182 31.23 -0.88 3.31
C GLN D 182 31.25 -2.31 3.83
N LEU D 183 32.30 -2.70 4.55
CA LEU D 183 32.40 -4.06 5.12
C LEU D 183 31.64 -4.08 6.48
N SER D 184 31.74 -5.19 7.25
CA SER D 184 31.01 -5.39 8.56
C SER D 184 31.90 -5.46 9.84
N LEU D 185 31.33 -5.07 10.97
CA LEU D 185 31.84 -5.42 12.27
C LEU D 185 31.28 -6.78 12.45
N PRO D 186 32.14 -7.80 12.22
CA PRO D 186 31.48 -9.09 12.30
C PRO D 186 30.92 -9.25 13.72
N LEU D 187 29.61 -9.20 13.73
CA LEU D 187 28.90 -9.13 14.97
C LEU D 187 28.82 -10.60 15.36
N ALA D 188 28.56 -10.91 16.63
CA ALA D 188 28.32 -12.31 17.05
C ALA D 188 27.34 -13.03 16.10
N MET D 189 27.58 -14.31 15.82
CA MET D 189 26.85 -15.00 14.74
C MET D 189 25.44 -15.36 15.18
N GLN D 208 18.18 -42.34 31.93
CA GLN D 208 17.02 -42.68 31.12
C GLN D 208 16.10 -43.74 31.77
N ALA D 209 15.08 -44.19 31.04
CA ALA D 209 13.86 -44.81 31.60
C ALA D 209 13.07 -43.81 32.48
N SER D 210 11.74 -43.84 32.33
CA SER D 210 10.87 -42.78 32.85
C SER D 210 9.42 -43.29 32.93
N LYS D 211 8.46 -42.36 33.08
CA LYS D 211 7.03 -42.64 32.86
C LYS D 211 6.60 -42.05 31.48
N LEU D 212 6.17 -40.81 31.35
CA LEU D 212 4.89 -40.36 30.74
C LEU D 212 3.77 -41.20 30.01
N ARG D 213 2.60 -40.58 29.97
CA ARG D 213 1.31 -41.27 29.86
C ARG D 213 0.97 -41.81 28.46
N VAL D 214 0.47 -43.03 28.41
CA VAL D 214 -0.17 -43.59 27.21
C VAL D 214 -1.68 -43.43 27.35
N VAL D 215 -2.32 -42.82 26.35
CA VAL D 215 -3.76 -42.53 26.42
C VAL D 215 -4.43 -43.55 25.52
N PHE D 216 -5.02 -44.58 26.13
CA PHE D 216 -5.74 -45.62 25.37
C PHE D 216 -7.12 -45.11 24.92
N ALA D 217 -7.49 -45.35 23.65
CA ALA D 217 -8.84 -45.02 23.18
C ALA D 217 -9.81 -45.82 24.03
N THR D 218 -10.88 -45.18 24.49
CA THR D 218 -11.89 -45.88 25.28
C THR D 218 -12.71 -46.79 24.35
N ASP D 219 -13.52 -47.66 24.96
CA ASP D 219 -14.49 -48.50 24.22
C ASP D 219 -15.40 -47.68 23.30
N GLU D 220 -15.94 -46.56 23.78
CA GLU D 220 -16.74 -45.62 22.95
C GLU D 220 -15.96 -45.13 21.71
N GLU D 221 -14.70 -44.74 21.92
CA GLU D 221 -13.86 -44.18 20.85
C GLU D 221 -13.50 -45.26 19.82
N ILE D 222 -13.19 -46.46 20.34
CA ILE D 222 -12.96 -47.67 19.53
C ILE D 222 -14.18 -47.93 18.64
N ALA D 223 -15.39 -47.87 19.21
CA ALA D 223 -16.62 -48.12 18.45
C ALA D 223 -16.82 -47.08 17.35
N ALA D 224 -16.53 -45.80 17.63
CA ALA D 224 -16.62 -44.73 16.60
C ALA D 224 -15.63 -44.97 15.47
N HIS D 225 -14.42 -45.37 15.88
CA HIS D 225 -13.38 -45.74 14.95
C HIS D 225 -13.78 -46.88 14.03
N GLU D 226 -14.27 -47.97 14.64
CA GLU D 226 -14.73 -49.15 13.92
C GLU D 226 -15.82 -48.77 12.96
N ALA D 227 -16.78 -47.95 13.39
CA ALA D 227 -17.89 -47.54 12.52
C ALA D 227 -17.39 -46.68 11.37
N ARG D 228 -16.42 -45.81 11.66
CA ARG D 228 -15.87 -44.96 10.60
C ARG D 228 -15.12 -45.80 9.56
N LEU D 229 -14.32 -46.76 10.02
CA LEU D 229 -13.63 -47.66 9.09
C LEU D 229 -14.59 -48.55 8.33
N ASP D 230 -15.65 -49.04 8.98
CA ASP D 230 -16.71 -49.79 8.30
C ASP D 230 -17.21 -49.02 7.11
N LEU D 231 -17.43 -47.72 7.28
CA LEU D 231 -17.95 -46.87 6.20
C LEU D 231 -16.96 -46.81 5.05
N VAL D 232 -15.68 -46.55 5.38
CA VAL D 232 -14.61 -46.51 4.39
C VAL D 232 -14.64 -47.80 3.58
N GLN D 233 -14.59 -48.92 4.31
CA GLN D 233 -14.43 -50.26 3.72
C GLN D 233 -15.65 -50.68 2.91
N LYS D 234 -16.84 -50.45 3.46
CA LYS D 234 -18.07 -50.89 2.81
C LYS D 234 -18.31 -50.10 1.53
N LYS D 235 -17.99 -48.82 1.57
CA LYS D 235 -18.22 -47.94 0.44
C LYS D 235 -17.06 -47.96 -0.58
N GLY D 236 -15.82 -48.14 -0.10
CA GLY D 236 -14.62 -48.07 -0.97
C GLY D 236 -13.91 -49.37 -1.31
N GLY D 237 -14.21 -50.45 -0.59
CA GLY D 237 -13.65 -51.77 -0.89
C GLY D 237 -12.26 -52.08 -0.33
N SER D 238 -11.78 -51.29 0.63
CA SER D 238 -10.57 -51.69 1.38
C SER D 238 -10.49 -51.01 2.75
N CYS D 239 -9.69 -51.62 3.63
CA CYS D 239 -9.33 -51.02 4.90
C CYS D 239 -7.88 -51.39 5.22
N LEU D 240 -7.03 -50.37 5.04
CA LEU D 240 -5.59 -50.54 5.16
C LEU D 240 -5.21 -50.88 6.62
N TRP D 241 -6.00 -50.40 7.59
CA TRP D 241 -5.76 -50.76 9.00
C TRP D 241 -5.83 -52.26 9.29
N ARG D 242 -6.72 -52.96 8.57
CA ARG D 242 -6.89 -54.40 8.71
C ARG D 242 -6.20 -55.24 7.63
N ALA D 243 -5.42 -54.59 6.76
CA ALA D 243 -4.69 -55.28 5.70
C ALA D 243 -3.46 -56.01 6.24
#